data_8EJI
#
_entry.id   8EJI
#
_cell.length_a   1.00
_cell.length_b   1.00
_cell.length_c   1.00
_cell.angle_alpha   90.00
_cell.angle_beta   90.00
_cell.angle_gamma   90.00
#
_symmetry.space_group_name_H-M   'P 1'
#
loop_
_entity.id
_entity.type
_entity.pdbx_description
1 polymer 'Glycoprotein G1'
2 polymer 'Glycoprotein G2'
3 polymer '19.7E Fab heavy chain'
4 polymer '19.7E Fab light chain'
5 branched beta-D-mannopyranose-(1-4)-2-acetamido-2-deoxy-beta-D-glucopyranose-(1-4)-2-acetamido-2-deoxy-beta-D-glucopyranose
6 branched alpha-D-mannopyranose-(1-6)-alpha-D-mannopyranose-(1-3)-beta-D-mannopyranose-(1-4)-2-acetamido-2-deoxy-beta-D-glucopyranose-(1-4)-2-acetamido-2-deoxy-beta-D-glucopyranose
7 branched alpha-D-mannopyranose-(1-3)-[alpha-D-mannopyranose-(1-6)]beta-D-mannopyranose-(1-4)-2-acetamido-2-deoxy-beta-D-glucopyranose-(1-4)-2-acetamido-2-deoxy-beta-D-glucopyranose
8 branched 2-acetamido-2-deoxy-beta-D-glucopyranose-(1-4)-2-acetamido-2-deoxy-beta-D-glucopyranose
9 branched alpha-D-mannopyranose-(1-3)-alpha-D-mannopyranose-(1-3)-beta-D-mannopyranose-(1-4)-2-acetamido-2-deoxy-beta-D-glucopyranose-(1-4)-2-acetamido-2-deoxy-beta-D-glucopyranose
10 branched alpha-D-mannopyranose-(1-2)-alpha-D-mannopyranose-(1-3)-[alpha-D-mannopyranose-(1-6)]beta-D-mannopyranose-(1-4)-2-acetamido-2-deoxy-beta-D-glucopyranose-(1-4)-2-acetamido-2-deoxy-beta-D-glucopyranose
11 non-polymer 2-acetamido-2-deoxy-beta-D-glucopyranose
#
loop_
_entity_poly.entity_id
_entity_poly.type
_entity_poly.pdbx_seq_one_letter_code
_entity_poly.pdbx_strand_id
1 'polypeptide(L)'
;MGQIVTFFQEVPHVIEEVMNIVLIALSVLAVLKGLYNFATCGLVGLVTFLLLCGRSCTTSLYKGVYELQTLELNMETLNM
TMPLSCTKNNSHHYIMVGNETGLELTLTNTSIINHKFCNLSDAHKKNLYDHALMSIISTFHLSIPNFNQYEAMSCDFNGG
KISVQYNLSHSYAGDAANHCGTVANGVLQTFMRMAWGGSYIALDSGCGNWDCIMTSYQYLIIQNTTWEDHCQFSRPSPIG
YLGLLSQRTRDIYISRRRR
;
A,B,C
2 'polypeptide(L)'
;GTFTWTLSDSEGKDTPGGYCLTRWMLIEAELKCFGNTAVAKCNEKHDEEFCDMLRLFDFNKQAIQRLKAPAQMSIQLINK
AVNALINDQLIMKNHLRDIMCIPYCNYSKYWYLNHTTTGRTSLPKCWLVSNGSYLNETHFSDDIEQQADNMITEMLQKEY
MERQGGSGGSGGSGGSGGSEKAAKAEEAARKMEELFKKHKIVAVLRANSVEEAIEKAVAVFAGGVHLIEITFTVPDADTV
IKALSVLKEKGAIIGAGTVTSVEQCRKAVESGAEFIVSPHLDEEISQFCKEKGVFYMPGVMTPTELVKAMKLGHDILKLF
PGEVVGPEFVKAMKGPFPNVKFVPTGGVDLDNVCEWFDAGVLAVGVGDALVEGDPDEVREKAKEFVEKIRGCTEGSLEWS
HPQFEK
;
a,b,c
3 'polypeptide(L)'
;EVQLVESGGGLVRPGGSLRLSCAASGFSFSSYSMHWVRHVPGKGLVWVSYINSDGSTKIYADSVKGRFSISRDNAKNKLY
LQMDSLRVEDTAVYSCVRLVHYDWSPFVWGQGTLVTVSS
;
H
4 'polypeptide(L)'
;EIVLTQSPSTLSASVGDRVTITCRASQSINNWLAWYQEKPGKAPKLLINKASSLESGVPSRFSGSGSGTEFTLTITSLQP
DDFATYYCQQYNSNSWTFGQGTKVDMK
;
L
#
loop_
_chem_comp.id
_chem_comp.type
_chem_comp.name
_chem_comp.formula
BMA D-saccharide, beta linking beta-D-mannopyranose 'C6 H12 O6'
MAN D-saccharide, alpha linking alpha-D-mannopyranose 'C6 H12 O6'
NAG D-saccharide, beta linking 2-acetamido-2-deoxy-beta-D-glucopyranose 'C8 H15 N O6'
#
# COMPACT_ATOMS: atom_id res chain seq x y z
N THR A 59 -23.40 -35.86 -3.27
CA THR A 59 -22.05 -36.26 -3.64
C THR A 59 -21.13 -36.02 -2.43
N SER A 60 -20.60 -34.78 -2.28
CA SER A 60 -19.69 -34.35 -1.22
C SER A 60 -20.51 -34.06 0.02
N LEU A 61 -21.06 -35.14 0.58
CA LEU A 61 -21.97 -35.07 1.72
C LEU A 61 -21.29 -35.36 3.06
N TYR A 62 -21.04 -34.31 3.80
CA TYR A 62 -20.29 -34.39 5.03
C TYR A 62 -21.17 -34.73 6.18
N LYS A 63 -20.69 -35.70 6.94
CA LYS A 63 -21.37 -36.23 8.11
C LYS A 63 -22.71 -36.85 7.73
N GLY A 64 -22.96 -37.02 6.43
CA GLY A 64 -24.21 -37.59 5.98
C GLY A 64 -25.34 -36.54 5.93
N VAL A 65 -25.06 -35.29 6.37
CA VAL A 65 -26.11 -34.27 6.39
C VAL A 65 -25.81 -32.94 5.70
N TYR A 66 -24.56 -32.67 5.31
CA TYR A 66 -24.31 -31.38 4.68
C TYR A 66 -23.64 -31.50 3.33
N GLU A 67 -24.05 -30.71 2.36
CA GLU A 67 -23.34 -30.74 1.11
C GLU A 67 -22.35 -29.64 1.03
N LEU A 68 -21.27 -29.92 0.37
CA LEU A 68 -20.32 -28.89 0.10
C LEU A 68 -20.71 -28.27 -1.20
N GLN A 69 -21.03 -27.00 -1.15
CA GLN A 69 -21.50 -26.27 -2.30
C GLN A 69 -20.65 -25.03 -2.50
N THR A 70 -20.58 -24.56 -3.73
CA THR A 70 -19.77 -23.38 -3.98
C THR A 70 -20.48 -22.25 -4.66
N LEU A 71 -19.86 -21.11 -4.54
CA LEU A 71 -20.28 -19.89 -5.18
C LEU A 71 -19.04 -19.18 -5.67
N GLU A 72 -19.19 -18.43 -6.73
CA GLU A 72 -18.08 -17.63 -7.23
C GLU A 72 -18.63 -16.23 -7.36
N LEU A 73 -17.85 -15.24 -6.94
CA LEU A 73 -18.38 -13.89 -7.00
C LEU A 73 -18.08 -13.15 -8.29
N ASN A 74 -19.09 -12.47 -8.79
CA ASN A 74 -18.98 -11.73 -10.01
C ASN A 74 -18.51 -10.33 -9.72
N MET A 75 -17.23 -10.22 -9.45
CA MET A 75 -16.61 -8.98 -9.01
C MET A 75 -16.64 -7.86 -10.03
N GLU A 76 -17.02 -8.15 -11.26
CA GLU A 76 -17.08 -7.11 -12.26
C GLU A 76 -18.11 -6.05 -11.88
N THR A 77 -19.07 -6.38 -11.03
CA THR A 77 -20.11 -5.41 -10.73
C THR A 77 -19.65 -4.37 -9.74
N LEU A 78 -18.43 -4.52 -9.26
CA LEU A 78 -17.81 -3.57 -8.37
C LEU A 78 -17.11 -2.39 -9.13
N ASN A 79 -17.06 -2.42 -10.51
CA ASN A 79 -16.36 -1.47 -11.38
C ASN A 79 -16.73 0.01 -11.13
N MET A 80 -18.01 0.27 -10.73
CA MET A 80 -18.58 1.59 -10.46
C MET A 80 -17.93 2.27 -9.28
N THR A 81 -17.35 1.50 -8.36
CA THR A 81 -16.72 2.13 -7.21
C THR A 81 -15.24 1.83 -7.05
N MET A 82 -14.72 0.78 -7.67
CA MET A 82 -13.31 0.46 -7.46
C MET A 82 -12.65 -0.13 -8.71
N PRO A 83 -11.36 0.15 -8.98
CA PRO A 83 -10.60 -0.40 -10.08
C PRO A 83 -10.50 -1.91 -10.00
N LEU A 84 -10.55 -2.56 -11.15
CA LEU A 84 -10.43 -4.01 -11.18
C LEU A 84 -9.26 -4.47 -12.05
N SER A 85 -8.46 -5.39 -11.56
CA SER A 85 -7.35 -5.88 -12.37
C SER A 85 -7.77 -7.17 -13.08
N CYS A 86 -7.24 -7.44 -14.31
CA CYS A 86 -7.51 -8.68 -15.06
C CYS A 86 -6.36 -9.01 -16.02
N THR A 87 -6.07 -10.30 -16.20
CA THR A 87 -5.00 -10.75 -17.11
C THR A 87 -5.41 -11.39 -18.46
N LYS A 88 -4.71 -10.95 -19.53
CA LYS A 88 -4.76 -11.49 -20.89
C LYS A 88 -3.36 -12.05 -21.25
N ASN A 89 -3.33 -13.10 -22.12
CA ASN A 89 -2.12 -13.83 -22.53
C ASN A 89 -1.26 -14.14 -21.27
N ASN A 90 0.01 -13.78 -21.35
CA ASN A 90 0.91 -13.93 -20.17
C ASN A 90 1.73 -12.64 -20.09
N SER A 91 1.18 -11.51 -20.54
CA SER A 91 1.95 -10.28 -20.54
C SER A 91 1.07 -9.08 -20.26
N HIS A 92 -0.07 -9.08 -20.95
CA HIS A 92 -0.92 -7.90 -20.81
C HIS A 92 -1.72 -7.99 -19.53
N HIS A 93 -1.82 -6.90 -18.79
CA HIS A 93 -2.64 -6.79 -17.63
C HIS A 93 -3.41 -5.52 -17.69
N TYR A 94 -4.65 -5.58 -17.30
CA TYR A 94 -5.41 -4.38 -17.39
C TYR A 94 -5.97 -3.96 -16.07
N ILE A 95 -6.03 -2.66 -15.89
CA ILE A 95 -6.68 -2.10 -14.74
C ILE A 95 -7.86 -1.35 -15.26
N MET A 96 -9.02 -1.85 -14.97
CA MET A 96 -10.25 -1.33 -15.47
C MET A 96 -10.90 -0.31 -14.56
N VAL A 97 -11.29 0.81 -15.16
CA VAL A 97 -11.90 1.90 -14.44
C VAL A 97 -13.32 2.22 -14.92
N GLY A 98 -14.24 2.09 -13.97
CA GLY A 98 -15.64 2.28 -14.25
C GLY A 98 -15.90 1.27 -15.34
N ASN A 99 -16.67 1.65 -16.36
CA ASN A 99 -16.98 0.84 -17.55
C ASN A 99 -16.52 1.54 -18.85
N GLU A 100 -15.57 2.51 -18.76
CA GLU A 100 -15.10 3.32 -19.91
C GLU A 100 -13.62 3.24 -20.23
N THR A 101 -12.76 3.12 -19.22
CA THR A 101 -11.33 3.22 -19.49
C THR A 101 -10.50 2.40 -18.56
N GLY A 102 -9.21 2.69 -18.56
CA GLY A 102 -8.30 1.95 -17.73
C GLY A 102 -6.89 2.02 -18.26
N LEU A 103 -6.02 1.28 -17.63
CA LEU A 103 -4.62 1.25 -18.00
C LEU A 103 -4.25 -0.12 -18.52
N GLU A 104 -3.36 -0.14 -19.47
CA GLU A 104 -2.81 -1.36 -19.98
C GLU A 104 -1.36 -1.48 -19.56
N LEU A 105 -1.09 -2.55 -18.83
CA LEU A 105 0.22 -2.87 -18.30
C LEU A 105 0.83 -3.94 -19.16
N THR A 106 1.84 -3.58 -19.93
CA THR A 106 2.41 -4.54 -20.84
C THR A 106 3.84 -4.86 -20.54
N LEU A 107 4.14 -6.14 -20.52
CA LEU A 107 5.53 -6.52 -20.38
C LEU A 107 6.03 -6.73 -21.79
N THR A 108 7.00 -5.92 -22.19
CA THR A 108 7.51 -5.95 -23.55
C THR A 108 9.02 -5.95 -23.72
N ASN A 109 9.49 -6.32 -24.93
CA ASN A 109 10.88 -6.22 -25.39
C ASN A 109 11.11 -4.97 -26.28
N THR A 110 10.10 -4.06 -26.41
CA THR A 110 10.14 -2.81 -27.21
C THR A 110 10.00 -1.58 -26.37
N SER A 111 10.78 -0.55 -26.66
CA SER A 111 10.63 0.71 -25.95
C SER A 111 9.54 1.56 -26.56
N ILE A 112 9.04 2.48 -25.75
CA ILE A 112 8.12 3.50 -26.21
C ILE A 112 8.64 4.89 -25.97
N ILE A 113 9.53 5.03 -24.99
CA ILE A 113 10.12 6.32 -24.68
C ILE A 113 11.63 6.24 -24.64
N ASN A 114 12.30 7.07 -25.46
CA ASN A 114 13.79 7.16 -25.44
C ASN A 114 14.14 8.61 -25.06
N HIS A 115 13.21 9.29 -24.39
CA HIS A 115 13.31 10.68 -23.97
C HIS A 115 14.12 10.85 -22.69
N LYS A 116 13.89 9.93 -21.75
CA LYS A 116 14.52 9.91 -20.41
C LYS A 116 14.24 11.10 -19.48
N PHE A 117 13.04 11.62 -19.54
CA PHE A 117 12.54 12.68 -18.66
C PHE A 117 11.17 12.25 -18.19
N CYS A 118 10.69 12.74 -17.03
CA CYS A 118 9.32 12.50 -16.58
C CYS A 118 8.79 13.73 -15.84
N ASN A 119 8.21 14.64 -16.61
CA ASN A 119 7.82 15.94 -16.08
C ASN A 119 6.40 15.91 -15.51
N LEU A 120 6.27 15.30 -14.32
CA LEU A 120 5.00 15.13 -13.59
C LEU A 120 4.42 16.49 -13.23
N SER A 121 5.29 17.42 -12.88
CA SER A 121 4.87 18.74 -12.49
C SER A 121 4.32 19.53 -13.67
N ASP A 122 4.72 19.19 -14.91
CA ASP A 122 4.21 19.94 -16.04
C ASP A 122 2.82 19.44 -16.28
N ALA A 123 2.66 18.13 -16.16
CA ALA A 123 1.36 17.52 -16.36
C ALA A 123 0.37 18.03 -15.34
N HIS A 124 0.84 18.21 -14.10
CA HIS A 124 -0.01 18.66 -13.04
C HIS A 124 -0.45 20.09 -13.28
N LYS A 125 0.47 20.93 -13.75
CA LYS A 125 0.09 22.30 -14.03
C LYS A 125 -0.95 22.38 -15.12
N LYS A 126 -0.79 21.56 -16.17
CA LYS A 126 -1.73 21.56 -17.26
C LYS A 126 -3.08 20.93 -16.89
N ASN A 127 -3.05 19.88 -16.07
CA ASN A 127 -4.25 19.18 -15.60
C ASN A 127 -5.15 18.68 -16.72
N LEU A 128 -4.57 18.09 -17.76
CA LEU A 128 -5.37 17.59 -18.86
C LEU A 128 -5.60 16.09 -18.82
N TYR A 129 -5.04 15.44 -17.83
CA TYR A 129 -5.09 14.00 -17.70
C TYR A 129 -6.27 13.53 -16.91
N ASP A 130 -6.71 12.31 -17.17
CA ASP A 130 -7.76 11.74 -16.35
C ASP A 130 -7.26 11.52 -14.95
N HIS A 131 -8.00 12.00 -13.96
CA HIS A 131 -7.58 11.88 -12.59
C HIS A 131 -7.61 10.47 -12.05
N ALA A 132 -8.57 9.65 -12.49
CA ALA A 132 -8.63 8.32 -11.93
C ALA A 132 -7.42 7.59 -12.38
N LEU A 133 -7.05 7.82 -13.62
CA LEU A 133 -5.93 7.08 -14.13
C LEU A 133 -4.64 7.57 -13.53
N MET A 134 -4.50 8.88 -13.30
CA MET A 134 -3.27 9.37 -12.69
C MET A 134 -3.15 8.86 -11.28
N SER A 135 -4.27 8.74 -10.57
CA SER A 135 -4.25 8.24 -9.21
C SER A 135 -3.73 6.81 -9.18
N ILE A 136 -4.16 6.00 -10.14
CA ILE A 136 -3.69 4.64 -10.22
C ILE A 136 -2.19 4.61 -10.51
N ILE A 137 -1.72 5.46 -11.43
CA ILE A 137 -0.30 5.49 -11.74
C ILE A 137 0.48 5.88 -10.51
N SER A 138 -0.01 6.86 -9.77
CA SER A 138 0.67 7.26 -8.58
C SER A 138 0.74 6.13 -7.60
N THR A 139 -0.37 5.43 -7.42
CA THR A 139 -0.37 4.34 -6.47
C THR A 139 0.69 3.31 -6.87
N PHE A 140 0.72 2.96 -8.16
CA PHE A 140 1.68 1.98 -8.64
C PHE A 140 3.10 2.43 -8.38
N HIS A 141 3.39 3.66 -8.77
CA HIS A 141 4.74 4.16 -8.65
C HIS A 141 5.22 4.29 -7.23
N LEU A 142 4.40 4.89 -6.40
CA LEU A 142 4.80 5.16 -5.04
C LEU A 142 5.02 3.86 -4.30
N SER A 143 4.29 2.83 -4.67
CA SER A 143 4.40 1.53 -4.05
C SER A 143 5.67 0.76 -4.42
N ILE A 144 6.45 1.23 -5.39
CA ILE A 144 7.65 0.49 -5.76
C ILE A 144 8.63 0.62 -4.62
N PRO A 145 9.06 -0.46 -3.99
CA PRO A 145 9.94 -0.39 -2.87
C PRO A 145 11.30 -0.01 -3.29
N ASN A 146 11.99 0.73 -2.44
CA ASN A 146 13.38 1.03 -2.63
C ASN A 146 13.67 1.59 -4.00
N PHE A 147 12.83 2.50 -4.46
CA PHE A 147 13.05 3.10 -5.76
C PHE A 147 13.91 4.33 -5.58
N ASN A 148 15.03 4.38 -6.28
CA ASN A 148 15.89 5.54 -6.23
C ASN A 148 16.58 5.69 -7.54
N GLN A 149 16.34 4.73 -8.41
CA GLN A 149 16.94 4.79 -9.74
C GLN A 149 16.01 5.56 -10.65
N TYR A 150 15.99 6.85 -10.48
CA TYR A 150 15.07 7.71 -11.18
C TYR A 150 15.34 7.76 -12.65
N GLU A 151 16.58 7.54 -13.04
CA GLU A 151 16.92 7.54 -14.45
C GLU A 151 16.32 6.34 -15.18
N ALA A 152 15.83 5.33 -14.45
CA ALA A 152 15.27 4.13 -15.03
C ALA A 152 13.80 4.35 -15.41
N MET A 153 13.24 5.48 -15.00
CA MET A 153 11.85 5.76 -15.28
C MET A 153 11.71 6.94 -16.20
N SER A 154 10.82 6.83 -17.15
CA SER A 154 10.53 7.94 -18.03
C SER A 154 9.04 7.92 -18.31
N CYS A 155 8.48 9.06 -18.76
CA CYS A 155 7.06 9.17 -19.07
C CYS A 155 6.81 10.23 -20.12
N ASP A 156 5.60 10.25 -20.61
CA ASP A 156 5.15 11.21 -21.60
C ASP A 156 3.76 11.68 -21.26
N PHE A 157 3.65 12.44 -20.19
CA PHE A 157 2.35 12.91 -19.78
C PHE A 157 2.00 14.18 -20.49
N ASN A 158 1.85 14.09 -21.81
CA ASN A 158 1.52 15.27 -22.63
C ASN A 158 0.43 14.85 -23.61
N GLY A 159 -0.45 15.77 -24.00
CA GLY A 159 -1.56 15.41 -24.86
C GLY A 159 -2.83 15.09 -24.06
N GLY A 160 -2.75 15.17 -22.75
CA GLY A 160 -3.84 14.78 -21.86
C GLY A 160 -3.84 13.25 -21.67
N LYS A 161 -2.77 12.57 -22.11
CA LYS A 161 -2.68 11.11 -22.04
C LYS A 161 -1.63 10.61 -21.06
N ILE A 162 -1.73 9.33 -20.72
CA ILE A 162 -0.80 8.69 -19.83
C ILE A 162 0.03 7.64 -20.50
N SER A 163 1.34 7.80 -20.35
CA SER A 163 2.31 6.85 -20.87
C SER A 163 3.52 6.81 -19.97
N VAL A 164 3.73 5.67 -19.32
CA VAL A 164 4.83 5.49 -18.38
C VAL A 164 5.69 4.28 -18.69
N GLN A 165 7.00 4.46 -18.69
CA GLN A 165 7.93 3.39 -18.96
C GLN A 165 8.95 3.10 -17.88
N TYR A 166 8.99 1.85 -17.43
CA TYR A 166 10.00 1.44 -16.46
C TYR A 166 11.02 0.50 -17.13
N ASN A 167 12.32 0.88 -17.13
CA ASN A 167 13.40 0.13 -17.76
C ASN A 167 13.96 -0.94 -16.81
N LEU A 168 13.61 -2.22 -17.07
CA LEU A 168 13.90 -3.36 -16.22
C LEU A 168 15.30 -3.87 -16.48
N SER A 169 15.95 -3.28 -17.46
CA SER A 169 17.31 -3.68 -17.78
C SER A 169 18.29 -2.65 -17.30
N HIS A 170 17.82 -1.59 -16.63
CA HIS A 170 18.72 -0.52 -16.24
C HIS A 170 19.90 -1.06 -15.43
N SER A 171 19.57 -1.91 -14.48
CA SER A 171 20.55 -2.64 -13.70
C SER A 171 20.06 -4.09 -13.84
N TYR A 172 20.94 -5.02 -14.29
CA TYR A 172 20.55 -6.38 -14.63
C TYR A 172 21.74 -7.31 -14.32
N HIS A 179 22.62 -7.77 -7.57
CA HIS A 179 21.60 -8.28 -8.46
C HIS A 179 20.21 -7.81 -8.00
N CYS A 180 19.74 -8.32 -6.84
CA CYS A 180 18.40 -8.17 -6.27
C CYS A 180 18.11 -6.73 -5.86
N GLY A 181 19.16 -5.90 -5.81
CA GLY A 181 18.98 -4.49 -5.42
C GLY A 181 18.48 -3.65 -6.58
N THR A 182 18.39 -4.24 -7.77
CA THR A 182 17.94 -3.51 -8.94
C THR A 182 16.52 -3.01 -8.85
N VAL A 183 16.31 -1.85 -9.45
CA VAL A 183 15.00 -1.28 -9.52
C VAL A 183 14.07 -2.25 -10.23
N ALA A 184 14.60 -3.06 -11.15
CA ALA A 184 13.76 -3.99 -11.85
C ALA A 184 13.03 -4.91 -10.89
N ASN A 185 13.65 -5.28 -9.78
CA ASN A 185 13.04 -6.21 -8.86
C ASN A 185 11.96 -5.45 -8.15
N GLY A 186 12.23 -4.22 -7.78
CA GLY A 186 11.20 -3.44 -7.10
C GLY A 186 9.98 -3.22 -8.01
N VAL A 187 10.21 -2.97 -9.29
CA VAL A 187 9.11 -2.72 -10.20
C VAL A 187 8.29 -3.96 -10.39
N LEU A 188 8.95 -5.10 -10.55
CA LEU A 188 8.24 -6.34 -10.74
C LEU A 188 7.47 -6.71 -9.49
N GLN A 189 7.98 -6.42 -8.30
CA GLN A 189 7.22 -6.74 -7.11
C GLN A 189 5.92 -5.93 -7.06
N THR A 190 5.96 -4.65 -7.43
CA THR A 190 4.70 -3.91 -7.42
C THR A 190 3.78 -4.47 -8.47
N PHE A 191 4.32 -4.79 -9.63
CA PHE A 191 3.54 -5.38 -10.70
C PHE A 191 2.82 -6.60 -10.18
N MET A 192 3.53 -7.47 -9.46
CA MET A 192 2.90 -8.65 -8.96
C MET A 192 1.66 -8.37 -8.15
N ARG A 193 1.68 -7.31 -7.35
CA ARG A 193 0.52 -6.95 -6.55
C ARG A 193 -0.55 -6.22 -7.37
N MET A 194 -0.14 -5.30 -8.24
CA MET A 194 -1.11 -4.51 -8.97
C MET A 194 -1.94 -5.36 -9.89
N ALA A 195 -1.33 -6.39 -10.43
CA ALA A 195 -1.99 -7.29 -11.36
C ALA A 195 -2.13 -8.67 -10.73
N TRP A 196 -2.25 -8.71 -9.40
CA TRP A 196 -2.34 -9.99 -8.75
C TRP A 196 -3.55 -10.67 -9.34
N GLY A 197 -3.36 -11.87 -9.84
CA GLY A 197 -4.41 -12.58 -10.56
C GLY A 197 -3.99 -12.62 -12.02
N GLY A 198 -2.98 -13.47 -12.26
CA GLY A 198 -2.32 -13.67 -13.53
C GLY A 198 -0.93 -13.03 -13.59
N SER A 199 -0.59 -12.15 -12.65
CA SER A 199 0.74 -11.56 -12.68
C SER A 199 1.83 -12.60 -12.56
N TYR A 200 1.53 -13.75 -11.97
CA TYR A 200 2.51 -14.80 -11.84
C TYR A 200 2.81 -15.52 -13.14
N ILE A 201 1.88 -15.53 -14.08
CA ILE A 201 2.20 -16.23 -15.31
C ILE A 201 3.01 -15.30 -16.16
N ALA A 202 2.69 -14.03 -16.04
CA ALA A 202 3.39 -13.03 -16.80
C ALA A 202 4.81 -12.83 -16.29
N LEU A 203 5.00 -12.95 -14.98
CA LEU A 203 6.32 -12.80 -14.41
C LEU A 203 7.23 -13.92 -14.91
N ASP A 204 6.69 -15.13 -14.97
CA ASP A 204 7.40 -16.32 -15.42
C ASP A 204 8.62 -16.61 -14.57
N SER A 205 8.40 -16.62 -13.27
CA SER A 205 9.37 -16.93 -12.25
C SER A 205 8.83 -18.07 -11.49
N GLY A 206 9.69 -18.88 -10.91
CA GLY A 206 9.15 -19.91 -10.07
C GLY A 206 8.67 -19.23 -8.80
N CYS A 207 7.88 -19.97 -7.99
CA CYS A 207 7.32 -19.53 -6.71
C CYS A 207 8.41 -19.59 -5.63
N GLY A 208 8.23 -18.77 -4.57
CA GLY A 208 9.24 -18.74 -3.49
C GLY A 208 10.45 -17.89 -3.85
N ASN A 209 10.33 -17.04 -4.88
CA ASN A 209 11.43 -16.16 -5.27
C ASN A 209 11.14 -14.67 -5.22
N TRP A 210 9.99 -14.26 -4.68
CA TRP A 210 9.54 -12.85 -4.66
C TRP A 210 10.60 -11.89 -4.21
N ASP A 211 11.37 -12.28 -3.24
CA ASP A 211 12.41 -11.41 -2.72
C ASP A 211 13.39 -10.93 -3.82
N CYS A 212 13.67 -11.77 -4.85
CA CYS A 212 14.60 -11.58 -5.99
C CYS A 212 13.97 -12.03 -7.33
N ILE A 213 13.10 -11.23 -7.89
CA ILE A 213 12.47 -11.62 -9.15
C ILE A 213 12.98 -10.80 -10.31
N MET A 214 13.23 -11.49 -11.40
CA MET A 214 13.70 -10.92 -12.64
C MET A 214 12.90 -11.56 -13.74
N THR A 215 12.62 -10.84 -14.82
CA THR A 215 11.86 -11.44 -15.89
C THR A 215 12.54 -11.30 -17.25
N SER A 216 11.86 -11.76 -18.28
CA SER A 216 12.34 -11.83 -19.65
C SER A 216 12.08 -10.59 -20.50
N TYR A 217 11.48 -9.61 -19.90
CA TYR A 217 11.08 -8.40 -20.58
C TYR A 217 12.00 -7.23 -20.29
N GLN A 218 12.09 -6.29 -21.23
CA GLN A 218 12.95 -5.14 -21.03
C GLN A 218 12.20 -4.01 -20.35
N TYR A 219 10.93 -3.86 -20.68
CA TYR A 219 10.18 -2.76 -20.11
C TYR A 219 8.82 -3.12 -19.57
N LEU A 220 8.43 -2.41 -18.52
CA LEU A 220 7.04 -2.45 -18.07
C LEU A 220 6.40 -1.19 -18.55
N ILE A 221 5.44 -1.34 -19.42
CA ILE A 221 4.78 -0.19 -19.99
C ILE A 221 3.39 0.02 -19.55
N ILE A 222 3.11 1.23 -19.09
CA ILE A 222 1.75 1.53 -18.72
C ILE A 222 1.19 2.63 -19.60
N GLN A 223 0.09 2.33 -20.29
CA GLN A 223 -0.54 3.36 -21.16
C GLN A 223 -2.06 3.34 -21.00
N ASN A 224 -2.71 4.50 -21.08
CA ASN A 224 -4.17 4.54 -21.01
C ASN A 224 -4.80 3.85 -22.23
N THR A 225 -5.91 3.12 -22.00
CA THR A 225 -6.70 2.39 -22.98
C THR A 225 -8.18 2.62 -22.80
N THR A 226 -8.96 1.89 -23.58
CA THR A 226 -10.41 2.00 -23.49
C THR A 226 -10.99 0.73 -22.94
N TRP A 227 -12.26 0.80 -22.54
CA TRP A 227 -12.94 -0.38 -22.04
C TRP A 227 -13.15 -1.42 -23.12
N GLU A 228 -12.89 -2.66 -22.75
CA GLU A 228 -13.13 -3.86 -23.54
C GLU A 228 -13.16 -4.98 -22.52
N ASP A 229 -13.72 -6.12 -22.85
CA ASP A 229 -13.66 -7.21 -21.90
C ASP A 229 -12.28 -7.85 -22.01
N HIS A 230 -11.31 -7.16 -21.44
CA HIS A 230 -9.92 -7.53 -21.54
C HIS A 230 -9.53 -8.62 -20.57
N CYS A 231 -10.10 -9.84 -20.74
CA CYS A 231 -9.85 -10.99 -19.86
C CYS A 231 -9.75 -12.32 -20.59
N GLN A 232 -8.74 -13.10 -20.23
CA GLN A 232 -8.59 -14.43 -20.77
C GLN A 232 -8.17 -15.41 -19.69
N PHE A 233 -7.14 -15.01 -18.95
CA PHE A 233 -6.54 -15.88 -17.97
C PHE A 233 -7.19 -15.76 -16.61
N SER A 234 -7.52 -14.55 -16.21
CA SER A 234 -8.09 -14.33 -14.88
C SER A 234 -9.41 -13.59 -14.98
N ARG A 235 -10.04 -13.38 -13.84
CA ARG A 235 -11.33 -12.70 -13.74
C ARG A 235 -11.06 -11.34 -13.12
N PRO A 236 -11.80 -10.26 -13.43
CA PRO A 236 -11.61 -8.97 -12.83
C PRO A 236 -11.67 -9.08 -11.33
N SER A 237 -10.76 -8.39 -10.66
CA SER A 237 -10.68 -8.38 -9.20
C SER A 237 -10.12 -7.08 -8.65
N PRO A 238 -10.72 -6.48 -7.62
CA PRO A 238 -10.29 -5.26 -7.00
C PRO A 238 -9.16 -5.46 -6.04
N ILE A 239 -8.80 -6.70 -5.78
CA ILE A 239 -7.89 -6.97 -4.71
C ILE A 239 -6.50 -6.37 -4.89
N GLY A 240 -5.94 -6.42 -6.09
CA GLY A 240 -4.59 -5.89 -6.28
C GLY A 240 -4.55 -4.41 -5.89
N TYR A 241 -5.41 -3.64 -6.54
CA TYR A 241 -5.45 -2.21 -6.27
C TYR A 241 -5.69 -1.95 -4.82
N LEU A 242 -6.67 -2.61 -4.22
CA LEU A 242 -6.98 -2.33 -2.84
C LEU A 242 -5.82 -2.67 -1.92
N GLY A 243 -5.13 -3.77 -2.17
CA GLY A 243 -4.01 -4.19 -1.34
C GLY A 243 -2.89 -3.18 -1.32
N LEU A 244 -2.69 -2.50 -2.44
CA LEU A 244 -1.63 -1.51 -2.55
C LEU A 244 -1.89 -0.26 -1.78
N LEU A 245 -3.11 -0.04 -1.35
CA LEU A 245 -3.39 1.20 -0.68
C LEU A 245 -2.70 1.26 0.67
N SER A 246 -2.35 0.12 1.27
CA SER A 246 -1.68 0.18 2.55
C SER A 246 -0.17 0.29 2.41
N GLN A 247 0.34 0.14 1.18
CA GLN A 247 1.78 0.10 0.96
C GLN A 247 2.36 1.35 0.36
N ARG A 248 1.53 2.34 0.16
CA ARG A 248 1.88 3.58 -0.52
C ARG A 248 3.13 4.28 -0.02
N THR A 249 3.37 4.26 1.30
CA THR A 249 4.50 4.96 1.85
C THR A 249 5.59 4.05 2.42
N ARG A 250 5.51 2.77 2.14
CA ARG A 250 6.48 1.84 2.68
C ARG A 250 7.72 1.75 1.79
N ASP A 251 8.85 1.34 2.38
CA ASP A 251 10.09 1.12 1.58
C ASP A 251 10.48 2.39 0.82
N ILE A 252 10.45 3.56 1.47
CA ILE A 252 10.90 4.79 0.87
C ILE A 252 12.22 5.24 1.47
N TYR A 253 13.17 5.52 0.59
CA TYR A 253 14.49 5.99 0.94
C TYR A 253 14.50 7.46 1.25
N ILE A 254 15.48 7.92 2.00
CA ILE A 254 15.51 9.33 2.32
C ILE A 254 15.87 10.04 1.02
N SER A 255 15.10 11.10 0.66
CA SER A 255 15.22 11.98 -0.51
C SER A 255 16.04 11.41 -1.67
N GLY B 1 -6.28 -3.30 13.14
CA GLY B 1 -6.99 -2.62 12.03
C GLY B 1 -8.27 -3.35 11.68
N THR B 2 -9.27 -3.29 12.56
CA THR B 2 -10.54 -3.98 12.34
C THR B 2 -11.42 -3.23 11.37
N PHE B 3 -12.42 -3.92 10.87
CA PHE B 3 -13.36 -3.32 9.96
C PHE B 3 -14.46 -2.71 10.79
N THR B 4 -15.13 -1.71 10.23
CA THR B 4 -16.24 -1.06 10.92
C THR B 4 -17.56 -0.95 10.16
N TRP B 5 -17.54 -1.15 8.84
CA TRP B 5 -18.76 -0.97 8.03
C TRP B 5 -19.93 -1.80 8.57
N THR B 6 -19.65 -3.02 9.04
CA THR B 6 -20.64 -3.92 9.66
C THR B 6 -21.89 -4.08 8.82
N LEU B 7 -21.70 -4.31 7.55
CA LEU B 7 -22.79 -4.47 6.60
C LEU B 7 -23.82 -3.33 6.61
N SER B 8 -23.34 -2.10 6.81
CA SER B 8 -24.13 -0.86 6.74
C SER B 8 -25.30 -0.69 7.69
N ASP B 9 -26.46 -0.43 7.10
CA ASP B 9 -27.69 -0.16 7.81
C ASP B 9 -28.74 -1.29 7.66
N SER B 10 -30.00 -0.94 7.39
CA SER B 10 -31.11 -1.87 7.44
C SER B 10 -31.26 -2.79 6.23
N GLU B 11 -30.25 -3.63 5.99
CA GLU B 11 -30.25 -4.60 4.89
C GLU B 11 -30.69 -5.99 5.32
N GLY B 12 -30.81 -6.20 6.63
CA GLY B 12 -31.13 -7.48 7.28
C GLY B 12 -32.61 -7.62 7.63
N LYS B 13 -33.44 -6.87 6.91
CA LYS B 13 -34.88 -6.82 7.10
C LYS B 13 -35.51 -7.99 6.36
N ASP B 14 -36.84 -8.16 6.47
CA ASP B 14 -37.50 -9.34 5.93
C ASP B 14 -36.95 -10.53 6.70
N THR B 15 -36.48 -11.58 6.03
CA THR B 15 -35.97 -12.71 6.75
C THR B 15 -34.83 -12.17 7.60
N PRO B 16 -34.89 -12.20 8.94
CA PRO B 16 -33.91 -11.56 9.76
C PRO B 16 -32.53 -12.02 9.46
N GLY B 17 -31.65 -11.07 9.17
CA GLY B 17 -30.25 -11.38 8.93
C GLY B 17 -30.00 -12.05 7.58
N GLY B 18 -31.03 -12.14 6.76
CA GLY B 18 -31.00 -12.82 5.49
C GLY B 18 -30.32 -12.03 4.40
N TYR B 19 -29.03 -11.78 4.57
CA TYR B 19 -28.32 -11.05 3.55
C TYR B 19 -28.26 -12.04 2.38
N CYS B 20 -28.61 -11.60 1.15
CA CYS B 20 -28.64 -12.41 -0.06
C CYS B 20 -27.73 -11.88 -1.14
N LEU B 21 -27.26 -12.80 -1.96
CA LEU B 21 -26.46 -12.52 -3.11
C LEU B 21 -27.30 -12.67 -4.37
N THR B 22 -27.47 -11.58 -5.11
CA THR B 22 -28.31 -11.50 -6.31
C THR B 22 -27.63 -12.03 -7.56
N ARG B 23 -28.39 -12.16 -8.65
CA ARG B 23 -27.84 -12.71 -9.89
C ARG B 23 -26.71 -11.91 -10.50
N TRP B 24 -26.59 -10.63 -10.17
CA TRP B 24 -25.47 -9.89 -10.71
C TRP B 24 -24.29 -9.95 -9.76
N MET B 25 -24.46 -10.55 -8.59
CA MET B 25 -23.37 -10.69 -7.64
C MET B 25 -22.71 -12.04 -7.83
N LEU B 26 -23.52 -13.00 -8.25
CA LEU B 26 -23.10 -14.38 -8.45
C LEU B 26 -22.74 -14.69 -9.88
N ILE B 27 -21.76 -15.56 -10.08
CA ILE B 27 -21.44 -15.99 -11.44
C ILE B 27 -22.52 -16.85 -12.08
N GLU B 28 -23.08 -17.81 -11.34
CA GLU B 28 -24.06 -18.71 -11.97
C GLU B 28 -25.47 -18.65 -11.41
N ALA B 29 -25.64 -18.94 -10.13
CA ALA B 29 -26.98 -18.98 -9.54
C ALA B 29 -27.57 -17.61 -9.57
N GLU B 30 -28.87 -17.50 -9.77
CA GLU B 30 -29.47 -16.18 -9.76
C GLU B 30 -29.65 -15.64 -8.35
N LEU B 31 -29.60 -16.53 -7.37
CA LEU B 31 -29.81 -16.14 -6.00
C LEU B 31 -29.33 -17.17 -4.99
N LYS B 32 -28.56 -16.70 -4.02
CA LYS B 32 -28.15 -17.51 -2.87
C LYS B 32 -28.36 -16.66 -1.63
N CYS B 33 -28.99 -17.22 -0.57
CA CYS B 33 -29.26 -16.52 0.69
C CYS B 33 -28.64 -17.26 1.84
N PHE B 34 -28.07 -16.49 2.74
CA PHE B 34 -27.41 -16.99 3.92
C PHE B 34 -28.21 -16.55 5.12
N GLY B 35 -28.08 -17.25 6.25
CA GLY B 35 -28.87 -16.91 7.42
C GLY B 35 -28.27 -15.84 8.29
N ASN B 36 -28.96 -15.53 9.40
CA ASN B 36 -28.47 -14.47 10.32
C ASN B 36 -27.15 -14.89 10.96
N THR B 37 -26.84 -16.18 11.01
CA THR B 37 -25.64 -16.57 11.66
C THR B 37 -24.46 -16.28 10.76
N ALA B 38 -24.68 -16.18 9.46
CA ALA B 38 -23.57 -15.88 8.58
C ALA B 38 -23.23 -14.43 8.74
N VAL B 39 -24.26 -13.62 8.91
CA VAL B 39 -23.97 -12.21 9.04
C VAL B 39 -23.44 -11.93 10.43
N ALA B 40 -23.98 -12.60 11.46
CA ALA B 40 -23.46 -12.34 12.78
C ALA B 40 -21.98 -12.68 12.85
N LYS B 41 -21.58 -13.80 12.25
CA LYS B 41 -20.17 -14.12 12.28
C LYS B 41 -19.34 -13.11 11.50
N CYS B 42 -19.81 -12.62 10.34
CA CYS B 42 -19.13 -11.65 9.49
C CYS B 42 -18.92 -10.34 10.25
N ASN B 43 -19.94 -9.92 10.97
CA ASN B 43 -19.85 -8.69 11.71
C ASN B 43 -18.89 -8.77 12.90
N GLU B 44 -18.69 -9.96 13.48
CA GLU B 44 -17.81 -10.06 14.64
C GLU B 44 -16.37 -10.56 14.41
N LYS B 45 -16.19 -11.53 13.52
CA LYS B 45 -14.89 -12.17 13.29
C LYS B 45 -14.03 -11.35 12.33
N HIS B 46 -12.70 -11.38 12.49
CA HIS B 46 -11.84 -10.46 11.68
C HIS B 46 -10.84 -11.14 10.74
N ASP B 47 -11.00 -12.42 10.39
CA ASP B 47 -10.12 -13.03 9.41
C ASP B 47 -10.72 -13.82 8.23
N GLU B 48 -11.98 -13.56 7.85
CA GLU B 48 -12.57 -14.30 6.73
C GLU B 48 -12.71 -13.48 5.44
N GLU B 49 -12.15 -14.02 4.36
CA GLU B 49 -12.18 -13.36 3.08
C GLU B 49 -13.56 -13.16 2.49
N PHE B 50 -14.44 -14.13 2.67
CA PHE B 50 -15.78 -14.00 2.12
C PHE B 50 -16.49 -12.76 2.67
N CYS B 51 -16.39 -12.57 4.00
CA CYS B 51 -16.93 -11.47 4.75
C CYS B 51 -16.39 -10.13 4.22
N ASP B 52 -15.07 -10.04 4.00
CA ASP B 52 -14.61 -8.79 3.43
C ASP B 52 -15.24 -8.51 2.08
N MET B 53 -15.46 -9.55 1.28
CA MET B 53 -16.09 -9.27 0.02
C MET B 53 -17.52 -8.79 0.22
N LEU B 54 -18.23 -9.31 1.22
CA LEU B 54 -19.59 -8.80 1.39
C LEU B 54 -19.55 -7.34 1.67
N ARG B 55 -18.60 -6.89 2.47
CA ARG B 55 -18.53 -5.48 2.75
C ARG B 55 -18.21 -4.66 1.50
N LEU B 56 -17.34 -5.13 0.62
CA LEU B 56 -17.07 -4.35 -0.59
C LEU B 56 -18.32 -4.28 -1.47
N PHE B 57 -19.04 -5.38 -1.57
CA PHE B 57 -20.24 -5.37 -2.37
C PHE B 57 -21.31 -4.52 -1.77
N ASP B 58 -21.41 -4.53 -0.45
CA ASP B 58 -22.43 -3.76 0.20
C ASP B 58 -22.13 -2.29 0.02
N PHE B 59 -20.84 -1.92 0.10
CA PHE B 59 -20.46 -0.54 -0.09
C PHE B 59 -20.83 -0.10 -1.47
N ASN B 60 -20.48 -0.91 -2.45
CA ASN B 60 -20.75 -0.58 -3.83
C ASN B 60 -22.23 -0.30 -3.98
N LYS B 61 -23.08 -1.16 -3.44
CA LYS B 61 -24.51 -0.93 -3.55
C LYS B 61 -24.93 0.40 -2.97
N GLN B 62 -24.46 0.72 -1.78
CA GLN B 62 -24.91 1.94 -1.16
C GLN B 62 -24.40 3.17 -1.86
N ALA B 63 -23.15 3.15 -2.30
CA ALA B 63 -22.62 4.33 -2.94
C ALA B 63 -23.34 4.64 -4.23
N ILE B 64 -23.67 3.59 -4.98
CA ILE B 64 -24.34 3.77 -6.25
C ILE B 64 -25.74 4.29 -6.06
N GLN B 65 -26.48 3.69 -5.14
CA GLN B 65 -27.85 4.11 -4.92
C GLN B 65 -28.03 5.44 -4.23
N ARG B 66 -27.14 5.80 -3.31
CA ARG B 66 -27.35 7.01 -2.54
C ARG B 66 -26.60 8.27 -2.97
N LEU B 67 -25.49 8.18 -3.69
CA LEU B 67 -24.80 9.41 -4.02
C LEU B 67 -24.99 9.82 -5.44
N LYS B 68 -24.95 11.13 -5.67
CA LYS B 68 -24.95 11.65 -7.01
C LYS B 68 -23.81 10.99 -7.75
N ALA B 69 -24.05 10.45 -8.93
CA ALA B 69 -22.94 9.81 -9.61
C ALA B 69 -21.85 10.87 -9.81
N PRO B 70 -20.61 10.63 -9.34
CA PRO B 70 -19.50 11.54 -9.47
C PRO B 70 -19.04 11.51 -10.90
N ALA B 71 -18.46 12.58 -11.38
CA ALA B 71 -17.93 12.53 -12.71
C ALA B 71 -16.84 11.47 -12.78
N GLN B 72 -16.88 10.68 -13.84
CA GLN B 72 -15.87 9.66 -14.11
C GLN B 72 -15.67 8.60 -13.02
N MET B 73 -16.66 8.37 -12.15
CA MET B 73 -16.54 7.31 -11.15
C MET B 73 -15.26 7.46 -10.35
N SER B 74 -14.96 8.66 -9.88
CA SER B 74 -13.70 8.87 -9.17
C SER B 74 -13.45 7.93 -8.02
N ILE B 75 -12.23 7.42 -8.05
CA ILE B 75 -11.63 6.47 -7.12
C ILE B 75 -11.47 7.08 -5.75
N GLN B 76 -11.54 8.39 -5.69
CA GLN B 76 -11.37 9.07 -4.45
C GLN B 76 -12.29 8.55 -3.36
N LEU B 77 -13.52 8.18 -3.69
CA LEU B 77 -14.36 7.76 -2.59
C LEU B 77 -13.94 6.42 -2.02
N ILE B 78 -13.58 5.45 -2.88
CA ILE B 78 -13.23 4.14 -2.33
C ILE B 78 -11.97 4.25 -1.52
N ASN B 79 -11.07 5.13 -1.91
CA ASN B 79 -9.81 5.24 -1.18
C ASN B 79 -10.00 5.65 0.28
N LYS B 80 -11.17 6.18 0.64
CA LYS B 80 -11.44 6.57 2.01
C LYS B 80 -12.25 5.53 2.74
N ALA B 81 -12.69 4.51 2.02
CA ALA B 81 -13.55 3.49 2.59
C ALA B 81 -12.85 2.17 2.79
N VAL B 82 -11.79 1.93 2.05
CA VAL B 82 -11.18 0.61 2.06
C VAL B 82 -10.78 0.15 3.42
N ASN B 83 -10.21 1.01 4.22
CA ASN B 83 -9.80 0.54 5.52
C ASN B 83 -11.00 0.18 6.41
N ALA B 84 -12.18 0.77 6.15
CA ALA B 84 -13.36 0.49 6.97
C ALA B 84 -14.06 -0.77 6.46
N LEU B 85 -13.84 -1.07 5.17
CA LEU B 85 -14.50 -2.19 4.52
C LEU B 85 -13.76 -3.51 4.56
N ILE B 86 -12.44 -3.50 4.44
CA ILE B 86 -11.72 -4.78 4.40
C ILE B 86 -10.56 -4.85 5.38
N ASN B 87 -10.09 -6.06 5.64
CA ASN B 87 -8.92 -6.27 6.44
C ASN B 87 -7.76 -6.24 5.47
N ASP B 88 -6.97 -5.18 5.50
CA ASP B 88 -5.95 -5.05 4.48
C ASP B 88 -4.89 -6.11 4.66
N GLN B 89 -4.86 -6.73 5.83
CA GLN B 89 -3.87 -7.73 6.06
C GLN B 89 -4.36 -9.09 5.69
N LEU B 90 -5.63 -9.24 5.30
CA LEU B 90 -5.99 -10.53 4.78
C LEU B 90 -5.43 -10.54 3.42
N ILE B 91 -5.45 -9.36 2.77
CA ILE B 91 -4.87 -9.37 1.46
C ILE B 91 -3.39 -9.65 1.62
N MET B 92 -2.73 -9.01 2.58
CA MET B 92 -1.32 -9.28 2.74
C MET B 92 -1.05 -10.74 3.10
N LYS B 93 -1.87 -11.34 3.94
CA LYS B 93 -1.67 -12.74 4.31
C LYS B 93 -1.72 -13.63 3.10
N ASN B 94 -2.71 -13.44 2.24
CA ASN B 94 -2.83 -14.32 1.10
C ASN B 94 -1.71 -14.05 0.13
N HIS B 95 -1.27 -12.80 0.08
CA HIS B 95 -0.17 -12.44 -0.77
C HIS B 95 1.09 -13.14 -0.29
N LEU B 96 1.35 -13.15 1.02
CA LEU B 96 2.53 -13.80 1.55
C LEU B 96 2.50 -15.28 1.29
N ARG B 97 1.32 -15.89 1.40
CA ARG B 97 1.23 -17.32 1.15
C ARG B 97 1.52 -17.58 -0.33
N ASP B 98 1.08 -16.69 -1.22
CA ASP B 98 1.37 -16.86 -2.63
C ASP B 98 2.88 -16.74 -2.83
N ILE B 99 3.51 -15.79 -2.16
CA ILE B 99 4.95 -15.64 -2.28
C ILE B 99 5.70 -16.84 -1.86
N MET B 100 5.30 -17.40 -0.74
CA MET B 100 5.96 -18.56 -0.20
C MET B 100 5.57 -19.92 -0.81
N CYS B 101 4.71 -19.92 -1.86
CA CYS B 101 4.21 -21.05 -2.61
C CYS B 101 3.41 -21.99 -1.66
N ILE B 102 2.50 -21.37 -0.93
CA ILE B 102 1.60 -21.95 0.03
C ILE B 102 0.17 -21.69 -0.48
N PRO B 103 -0.77 -22.64 -0.48
CA PRO B 103 -2.12 -22.43 -0.94
C PRO B 103 -2.70 -21.20 -0.27
N TYR B 104 -3.39 -20.40 -1.04
CA TYR B 104 -3.91 -19.12 -0.56
C TYR B 104 -5.21 -18.73 -1.21
N CYS B 105 -5.91 -17.74 -0.64
CA CYS B 105 -7.16 -17.23 -1.18
C CYS B 105 -6.91 -16.10 -2.18
N ASN B 106 -7.44 -16.26 -3.37
CA ASN B 106 -7.38 -15.19 -4.35
C ASN B 106 -8.74 -14.47 -4.52
N TYR B 107 -9.69 -14.69 -3.57
CA TYR B 107 -11.04 -14.14 -3.42
C TYR B 107 -12.03 -14.44 -4.53
N SER B 108 -11.92 -15.59 -5.17
CA SER B 108 -12.78 -15.96 -6.27
C SER B 108 -13.88 -16.91 -5.88
N LYS B 109 -13.51 -18.17 -5.80
CA LYS B 109 -14.43 -19.22 -5.41
C LYS B 109 -14.43 -19.33 -3.91
N TYR B 110 -15.60 -19.57 -3.37
CA TYR B 110 -15.81 -19.77 -1.95
C TYR B 110 -16.65 -21.02 -1.80
N TRP B 111 -16.55 -21.66 -0.66
CA TRP B 111 -17.40 -22.80 -0.42
C TRP B 111 -18.10 -22.66 0.88
N TYR B 112 -19.24 -23.26 0.96
CA TYR B 112 -20.00 -23.25 2.17
C TYR B 112 -20.55 -24.61 2.38
N LEU B 113 -20.78 -24.91 3.63
CA LEU B 113 -21.33 -26.20 3.90
C LEU B 113 -22.84 -26.00 4.19
N ASN B 114 -23.72 -26.74 3.48
CA ASN B 114 -25.18 -26.56 3.50
C ASN B 114 -25.94 -27.83 3.91
N HIS B 115 -26.72 -27.75 5.02
CA HIS B 115 -27.50 -28.88 5.57
C HIS B 115 -28.58 -29.22 4.57
N THR B 116 -28.81 -30.51 4.37
CA THR B 116 -29.72 -30.95 3.34
C THR B 116 -31.20 -31.01 3.70
N THR B 117 -31.54 -30.95 4.98
CA THR B 117 -32.97 -31.02 5.30
C THR B 117 -33.47 -29.71 5.86
N THR B 118 -32.55 -28.78 6.15
CA THR B 118 -32.91 -27.53 6.77
C THR B 118 -32.46 -26.35 5.95
N GLY B 119 -31.24 -25.98 6.21
CA GLY B 119 -30.61 -24.81 5.67
C GLY B 119 -29.68 -24.40 6.78
N ARG B 120 -29.32 -23.12 6.82
CA ARG B 120 -28.35 -22.56 7.78
C ARG B 120 -26.98 -23.04 7.44
N THR B 121 -26.40 -22.44 6.43
CA THR B 121 -25.11 -22.85 5.96
C THR B 121 -24.07 -22.21 6.81
N SER B 122 -22.87 -22.67 6.61
CA SER B 122 -21.72 -22.06 7.23
C SER B 122 -21.50 -20.74 6.54
N LEU B 123 -20.69 -19.90 7.13
CA LEU B 123 -20.34 -18.71 6.42
C LEU B 123 -19.44 -19.31 5.36
N PRO B 124 -19.47 -18.88 4.11
CA PRO B 124 -18.55 -19.37 3.11
C PRO B 124 -17.09 -19.11 3.46
N LYS B 125 -16.24 -20.07 3.16
CA LYS B 125 -14.81 -19.99 3.36
C LYS B 125 -14.24 -19.87 1.97
N CYS B 126 -13.03 -19.30 1.83
CA CYS B 126 -12.41 -19.15 0.51
C CYS B 126 -11.82 -20.47 0.02
N TRP B 127 -12.06 -20.77 -1.24
CA TRP B 127 -11.50 -21.95 -1.85
C TRP B 127 -10.09 -21.54 -2.18
N LEU B 128 -9.14 -22.29 -1.74
CA LEU B 128 -7.76 -21.92 -1.95
C LEU B 128 -7.26 -22.37 -3.29
N VAL B 129 -6.26 -21.66 -3.77
CA VAL B 129 -5.59 -22.00 -4.99
C VAL B 129 -4.12 -22.16 -4.76
N SER B 130 -3.49 -22.91 -5.66
CA SER B 130 -2.06 -23.16 -5.64
C SER B 130 -1.58 -23.64 -7.00
N ASN B 131 -0.36 -23.21 -7.42
CA ASN B 131 0.31 -23.68 -8.64
C ASN B 131 -0.56 -23.50 -9.91
N GLY B 132 -1.31 -22.38 -9.99
CA GLY B 132 -2.16 -22.01 -11.13
C GLY B 132 -3.58 -22.59 -11.12
N SER B 133 -3.96 -23.36 -10.10
CA SER B 133 -5.31 -23.90 -10.10
C SER B 133 -5.95 -24.04 -8.74
N TYR B 134 -7.15 -24.59 -8.75
CA TYR B 134 -7.90 -24.78 -7.52
C TYR B 134 -7.50 -26.07 -6.85
N LEU B 135 -7.56 -26.08 -5.53
CA LEU B 135 -7.29 -27.28 -4.77
C LEU B 135 -8.50 -28.20 -4.78
N ASN B 136 -8.26 -29.51 -4.54
CA ASN B 136 -9.26 -30.56 -4.40
C ASN B 136 -9.72 -30.67 -2.94
N GLU B 137 -10.88 -31.37 -2.72
CA GLU B 137 -11.49 -31.70 -1.41
C GLU B 137 -10.54 -32.54 -0.59
N THR B 138 -9.62 -33.16 -1.29
CA THR B 138 -8.56 -33.96 -0.77
C THR B 138 -7.76 -33.14 0.22
N HIS B 139 -7.51 -31.87 -0.10
CA HIS B 139 -6.70 -31.04 0.74
C HIS B 139 -7.54 -30.22 1.69
N PHE B 140 -8.80 -30.03 1.36
CA PHE B 140 -9.68 -29.25 2.22
C PHE B 140 -10.41 -30.08 3.23
N SER B 141 -10.41 -31.40 3.07
CA SER B 141 -11.18 -32.29 3.92
C SER B 141 -11.06 -31.96 5.38
N ASP B 142 -9.87 -31.74 5.88
CA ASP B 142 -9.75 -31.47 7.31
C ASP B 142 -10.59 -30.27 7.75
N ASP B 143 -10.71 -29.26 6.89
CA ASP B 143 -11.44 -28.07 7.26
C ASP B 143 -12.90 -28.26 6.97
N ILE B 144 -13.21 -29.10 6.00
CA ILE B 144 -14.61 -29.22 5.67
C ILE B 144 -15.21 -29.98 6.85
N GLU B 145 -14.50 -31.01 7.30
CA GLU B 145 -14.98 -31.81 8.42
C GLU B 145 -15.06 -30.94 9.65
N GLN B 146 -14.06 -30.08 9.88
CA GLN B 146 -14.15 -29.25 11.06
C GLN B 146 -15.33 -28.33 10.98
N GLN B 147 -15.62 -27.79 9.79
CA GLN B 147 -16.73 -26.90 9.69
C GLN B 147 -18.02 -27.64 9.95
N ALA B 148 -18.10 -28.90 9.49
CA ALA B 148 -19.29 -29.70 9.70
C ALA B 148 -19.51 -29.93 11.18
N ASP B 149 -18.42 -30.11 11.93
CA ASP B 149 -18.58 -30.35 13.34
C ASP B 149 -18.89 -29.05 14.04
N ASN B 150 -18.38 -27.94 13.52
CA ASN B 150 -18.68 -26.69 14.16
C ASN B 150 -20.17 -26.42 14.03
N MET B 151 -20.74 -26.73 12.86
CA MET B 151 -22.17 -26.51 12.65
C MET B 151 -23.01 -27.42 13.53
N ILE B 152 -22.57 -28.66 13.71
CA ILE B 152 -23.30 -29.58 14.56
C ILE B 152 -23.24 -29.09 15.98
N THR B 153 -22.07 -28.63 16.40
CA THR B 153 -21.89 -28.13 17.74
C THR B 153 -22.84 -26.98 17.97
N GLU B 154 -22.96 -26.07 17.01
CA GLU B 154 -23.85 -24.94 17.16
C GLU B 154 -25.28 -25.38 17.29
N MET B 155 -25.70 -26.41 16.54
CA MET B 155 -27.07 -26.87 16.69
C MET B 155 -27.29 -27.37 18.11
N LEU B 156 -26.32 -28.10 18.63
CA LEU B 156 -26.44 -28.63 19.98
C LEU B 156 -26.43 -27.52 21.01
N GLN B 157 -25.64 -26.48 20.76
CA GLN B 157 -25.60 -25.37 21.69
C GLN B 157 -26.92 -24.61 21.68
N LYS B 158 -27.52 -24.46 20.50
CA LYS B 158 -28.80 -23.77 20.36
C LYS B 158 -29.84 -24.44 21.24
N GLU B 159 -29.80 -25.77 21.26
CA GLU B 159 -30.77 -26.56 22.00
C GLU B 159 -30.77 -26.29 23.49
N THR C 59 -39.12 7.01 31.69
CA THR C 59 -38.99 7.58 30.37
C THR C 59 -39.78 6.65 29.40
N SER C 60 -39.11 5.59 28.92
CA SER C 60 -39.57 4.51 28.05
C SER C 60 -38.92 3.22 28.51
N LEU C 61 -39.74 2.24 28.88
CA LEU C 61 -39.19 0.98 29.37
C LEU C 61 -39.30 -0.14 28.38
N TYR C 62 -38.17 -0.64 27.98
CA TYR C 62 -38.14 -1.67 26.99
C TYR C 62 -38.38 -2.95 27.72
N LYS C 63 -39.32 -3.72 27.20
CA LYS C 63 -39.77 -4.96 27.82
C LYS C 63 -40.44 -4.67 29.17
N GLY C 64 -40.72 -3.39 29.44
CA GLY C 64 -41.35 -2.97 30.68
C GLY C 64 -40.32 -2.90 31.82
N VAL C 65 -39.06 -3.16 31.47
CA VAL C 65 -37.94 -3.23 32.41
C VAL C 65 -36.78 -2.28 32.22
N TYR C 66 -36.36 -2.10 30.99
CA TYR C 66 -35.12 -1.42 30.75
C TYR C 66 -35.31 0.04 30.34
N GLU C 67 -34.89 0.96 31.19
CA GLU C 67 -35.14 2.37 30.93
C GLU C 67 -34.05 3.10 30.14
N LEU C 68 -34.46 3.83 29.10
CA LEU C 68 -33.44 4.64 28.41
C LEU C 68 -33.19 5.92 29.14
N GLN C 69 -31.93 6.24 29.28
CA GLN C 69 -31.50 7.46 29.95
C GLN C 69 -30.34 7.89 29.11
N THR C 70 -29.92 9.13 29.15
CA THR C 70 -28.81 9.41 28.24
C THR C 70 -27.59 10.01 28.85
N LEU C 71 -26.51 9.78 28.16
CA LEU C 71 -25.26 10.42 28.48
C LEU C 71 -24.96 11.39 27.40
N GLU C 72 -24.33 12.51 27.78
CA GLU C 72 -23.84 13.50 26.79
C GLU C 72 -22.42 13.83 27.24
N LEU C 73 -21.40 13.53 26.43
CA LEU C 73 -20.04 13.69 26.90
C LEU C 73 -19.50 15.09 26.77
N ASN C 74 -18.73 15.48 27.77
CA ASN C 74 -18.09 16.77 27.76
C ASN C 74 -16.68 16.64 27.25
N MET C 75 -16.46 16.89 25.99
CA MET C 75 -15.16 16.62 25.44
C MET C 75 -14.21 17.78 25.65
N GLU C 76 -14.67 18.80 26.37
CA GLU C 76 -13.84 19.95 26.63
C GLU C 76 -12.72 19.55 27.56
N THR C 77 -12.89 18.45 28.30
CA THR C 77 -11.90 18.04 29.27
C THR C 77 -10.70 17.42 28.60
N LEU C 78 -10.82 17.20 27.29
CA LEU C 78 -9.79 16.66 26.45
C LEU C 78 -8.97 17.75 25.71
N ASN C 79 -9.10 19.08 26.06
CA ASN C 79 -8.39 20.19 25.39
C ASN C 79 -6.85 20.07 25.43
N MET C 80 -6.28 19.50 26.52
CA MET C 80 -4.85 19.23 26.67
C MET C 80 -4.70 17.86 26.07
N THR C 81 -3.59 17.53 25.42
CA THR C 81 -3.33 16.24 24.76
C THR C 81 -4.06 16.07 23.43
N MET C 82 -5.00 16.92 23.04
CA MET C 82 -5.58 16.79 21.71
C MET C 82 -6.37 18.04 21.35
N PRO C 83 -6.30 18.54 20.11
CA PRO C 83 -7.02 19.70 19.67
C PRO C 83 -8.47 19.38 19.54
N LEU C 84 -9.30 20.38 19.74
CA LEU C 84 -10.72 20.18 19.56
C LEU C 84 -11.26 21.00 18.41
N SER C 85 -12.13 20.41 17.60
CA SER C 85 -12.77 21.14 16.51
C SER C 85 -14.16 21.65 16.92
N CYS C 86 -14.35 22.96 16.83
CA CYS C 86 -15.49 23.78 17.24
C CYS C 86 -16.21 24.43 16.04
N THR C 87 -17.53 24.55 16.14
CA THR C 87 -18.30 25.26 15.11
C THR C 87 -19.03 26.46 15.71
N LYS C 88 -18.88 27.61 15.06
CA LYS C 88 -19.53 28.80 15.57
C LYS C 88 -20.74 29.25 14.77
N ASN C 89 -20.55 29.76 13.51
CA ASN C 89 -21.66 30.35 12.74
C ASN C 89 -21.50 30.20 11.22
N ASN C 90 -21.53 28.95 10.70
CA ASN C 90 -21.48 28.54 9.28
C ASN C 90 -20.21 28.87 8.53
N SER C 91 -19.80 30.12 8.56
CA SER C 91 -18.59 30.51 7.87
C SER C 91 -17.38 30.42 8.75
N HIS C 92 -17.57 30.27 10.07
CA HIS C 92 -16.43 30.25 10.98
C HIS C 92 -16.41 29.01 11.86
N HIS C 93 -15.24 28.37 11.85
CA HIS C 93 -14.93 27.17 12.60
C HIS C 93 -13.61 27.36 13.29
N TYR C 94 -13.42 26.69 14.41
CA TYR C 94 -12.19 26.87 15.16
C TYR C 94 -11.54 25.59 15.62
N ILE C 95 -10.23 25.63 15.71
CA ILE C 95 -9.51 24.56 16.35
C ILE C 95 -8.81 25.12 17.57
N MET C 96 -9.07 24.54 18.71
CA MET C 96 -8.44 25.06 19.91
C MET C 96 -7.45 24.09 20.50
N VAL C 97 -6.33 24.63 20.99
CA VAL C 97 -5.32 23.82 21.66
C VAL C 97 -5.15 24.28 23.11
N GLY C 98 -5.43 23.35 24.03
CA GLY C 98 -5.37 23.62 25.45
C GLY C 98 -6.30 24.79 25.66
N ASN C 99 -5.83 25.77 26.46
CA ASN C 99 -6.52 27.03 26.74
C ASN C 99 -5.56 28.21 26.48
N GLU C 100 -4.77 28.14 25.37
CA GLU C 100 -3.84 29.21 24.98
C GLU C 100 -3.99 29.64 23.54
N THR C 101 -4.10 28.70 22.62
CA THR C 101 -4.09 29.13 21.23
C THR C 101 -5.05 28.38 20.36
N GLY C 102 -5.05 28.74 19.10
CA GLY C 102 -5.94 28.11 18.16
C GLY C 102 -5.89 28.71 16.77
N LEU C 103 -6.70 28.13 15.89
CA LEU C 103 -6.80 28.49 14.51
C LEU C 103 -8.22 28.75 14.08
N GLU C 104 -8.43 29.85 13.41
CA GLU C 104 -9.73 30.20 12.87
C GLU C 104 -9.80 29.78 11.43
N LEU C 105 -10.84 29.07 11.06
CA LEU C 105 -11.02 28.61 9.70
C LEU C 105 -12.23 29.30 9.12
N THR C 106 -12.01 30.19 8.17
CA THR C 106 -13.10 30.96 7.64
C THR C 106 -13.37 30.75 6.17
N LEU C 107 -14.64 30.58 5.85
CA LEU C 107 -15.02 30.52 4.46
C LEU C 107 -15.46 31.92 4.11
N THR C 108 -14.78 32.52 3.15
CA THR C 108 -15.04 33.89 2.76
C THR C 108 -15.06 34.18 1.25
N ASN C 109 -15.50 35.38 0.84
CA ASN C 109 -15.40 35.80 -0.59
C ASN C 109 -14.29 36.86 -0.69
N THR C 110 -13.65 37.22 0.43
CA THR C 110 -12.59 38.22 0.52
C THR C 110 -11.23 37.55 0.64
N SER C 111 -10.20 38.20 0.14
CA SER C 111 -8.83 37.72 0.24
C SER C 111 -8.07 38.43 1.34
N ILE C 112 -7.13 37.75 1.98
CA ILE C 112 -6.30 38.44 2.95
C ILE C 112 -4.91 38.67 2.39
N ILE C 113 -4.41 37.68 1.65
CA ILE C 113 -3.09 37.75 1.07
C ILE C 113 -3.16 37.39 -0.39
N ASN C 114 -2.25 37.91 -1.20
CA ASN C 114 -2.23 37.55 -2.61
C ASN C 114 -0.84 37.64 -3.17
N HIS C 115 -0.14 36.51 -3.28
CA HIS C 115 1.22 36.59 -3.78
C HIS C 115 1.77 35.28 -4.36
N LYS C 116 1.19 34.16 -3.93
CA LYS C 116 1.59 32.80 -4.30
C LYS C 116 3.01 32.35 -3.92
N PHE C 117 3.54 32.82 -2.78
CA PHE C 117 4.83 32.36 -2.31
C PHE C 117 4.74 31.77 -0.91
N CYS C 118 4.33 30.49 -0.79
CA CYS C 118 4.16 29.87 0.53
C CYS C 118 5.54 29.43 0.99
N ASN C 119 6.25 30.40 1.55
CA ASN C 119 7.67 30.27 1.87
C ASN C 119 7.87 29.51 3.20
N LEU C 120 7.59 28.20 3.13
CA LEU C 120 7.70 27.23 4.21
C LEU C 120 9.13 27.03 4.64
N SER C 121 10.05 27.11 3.69
CA SER C 121 11.44 26.93 4.01
C SER C 121 11.89 27.98 5.00
N ASP C 122 11.38 29.21 4.83
CA ASP C 122 11.80 30.27 5.72
C ASP C 122 11.10 30.07 7.03
N ALA C 123 9.85 29.62 6.99
CA ALA C 123 9.12 29.40 8.22
C ALA C 123 9.84 28.40 9.09
N HIS C 124 10.31 27.33 8.45
CA HIS C 124 11.04 26.27 9.20
C HIS C 124 12.36 26.85 9.73
N LYS C 125 13.13 27.55 8.90
CA LYS C 125 14.42 28.02 9.37
C LYS C 125 14.25 29.01 10.52
N LYS C 126 13.24 29.87 10.43
CA LYS C 126 13.01 30.86 11.46
C LYS C 126 12.51 30.20 12.73
N ASN C 127 11.64 29.18 12.59
CA ASN C 127 11.11 28.45 13.73
C ASN C 127 10.49 29.35 14.77
N LEU C 128 9.68 30.31 14.34
CA LEU C 128 9.04 31.25 15.23
C LEU C 128 7.58 30.91 15.47
N TYR C 129 7.20 29.75 14.93
CA TYR C 129 5.79 29.34 14.97
C TYR C 129 5.57 28.21 15.97
N ASP C 130 4.51 28.33 16.76
CA ASP C 130 4.13 27.24 17.64
C ASP C 130 3.82 25.98 16.84
N HIS C 131 4.58 24.95 17.14
CA HIS C 131 4.57 23.68 16.44
C HIS C 131 3.25 23.00 16.60
N ALA C 132 2.54 23.31 17.66
CA ALA C 132 1.28 22.63 17.84
C ALA C 132 0.37 22.99 16.69
N LEU C 133 0.45 24.22 16.24
CA LEU C 133 -0.46 24.61 15.21
C LEU C 133 0.18 24.36 13.88
N MET C 134 1.51 24.47 13.78
CA MET C 134 2.14 24.12 12.47
C MET C 134 1.75 22.69 12.13
N SER C 135 1.74 21.81 13.13
CA SER C 135 1.39 20.41 12.93
C SER C 135 -0.02 20.26 12.40
N ILE C 136 -0.96 21.00 12.98
CA ILE C 136 -2.34 20.92 12.53
C ILE C 136 -2.46 21.41 11.11
N ILE C 137 -1.80 22.51 10.79
CA ILE C 137 -1.84 23.03 9.44
C ILE C 137 -1.27 22.04 8.48
N SER C 138 -0.15 21.42 8.88
CA SER C 138 0.48 20.39 8.03
C SER C 138 -0.56 19.30 7.73
N THR C 139 -1.25 18.80 8.76
CA THR C 139 -2.19 17.73 8.52
C THR C 139 -3.28 18.19 7.58
N PHE C 140 -3.80 19.40 7.81
CA PHE C 140 -4.87 19.88 6.95
C PHE C 140 -4.41 19.88 5.52
N HIS C 141 -3.26 20.46 5.26
CA HIS C 141 -2.78 20.55 3.90
C HIS C 141 -2.45 19.22 3.25
N LEU C 142 -1.64 18.43 3.93
CA LEU C 142 -1.16 17.15 3.32
C LEU C 142 -2.36 16.24 3.03
N SER C 143 -3.37 16.25 3.90
CA SER C 143 -4.53 15.39 3.73
C SER C 143 -5.44 15.80 2.56
N ILE C 144 -5.21 16.98 1.92
CA ILE C 144 -6.08 17.36 0.81
C ILE C 144 -5.79 16.40 -0.32
N PRO C 145 -6.78 15.65 -0.81
CA PRO C 145 -6.58 14.67 -1.84
C PRO C 145 -6.32 15.32 -3.15
N ASN C 146 -5.53 14.66 -3.97
CA ASN C 146 -5.31 15.06 -5.34
C ASN C 146 -4.91 16.51 -5.45
N PHE C 147 -4.01 16.97 -4.59
CA PHE C 147 -3.64 18.36 -4.66
C PHE C 147 -2.51 18.50 -5.67
N ASN C 148 -2.80 19.15 -6.78
CA ASN C 148 -1.81 19.32 -7.83
C ASN C 148 -1.66 20.78 -8.26
N GLN C 149 -2.20 21.72 -7.50
CA GLN C 149 -2.11 23.13 -7.86
C GLN C 149 -1.55 24.01 -6.78
N TYR C 150 -0.28 24.25 -6.85
CA TYR C 150 0.38 25.02 -5.82
C TYR C 150 0.06 26.49 -6.00
N GLU C 151 -0.35 26.85 -7.19
CA GLU C 151 -0.77 28.19 -7.53
C GLU C 151 -2.10 28.52 -6.84
N ALA C 152 -2.76 27.50 -6.29
CA ALA C 152 -4.02 27.66 -5.61
C ALA C 152 -3.81 28.22 -4.22
N MET C 153 -2.57 28.29 -3.71
CA MET C 153 -2.47 28.80 -2.35
C MET C 153 -1.33 29.75 -2.09
N SER C 154 -1.59 30.66 -1.17
CA SER C 154 -0.60 31.61 -0.66
C SER C 154 -0.52 31.41 0.85
N CYS C 155 0.59 31.84 1.49
CA CYS C 155 0.79 31.77 2.94
C CYS C 155 1.53 33.00 3.44
N ASP C 156 1.51 33.19 4.74
CA ASP C 156 2.25 34.23 5.43
C ASP C 156 2.79 33.69 6.76
N PHE C 157 4.12 33.64 6.87
CA PHE C 157 4.76 33.11 8.06
C PHE C 157 5.65 34.20 8.69
N ASN C 158 5.33 35.45 8.41
CA ASN C 158 6.17 36.54 8.86
C ASN C 158 6.01 36.80 10.34
N GLY C 159 7.02 36.38 11.09
CA GLY C 159 6.96 36.46 12.52
C GLY C 159 6.06 35.37 13.04
N GLY C 160 6.01 34.24 12.34
CA GLY C 160 5.10 33.20 12.75
C GLY C 160 3.77 33.75 12.32
N LYS C 161 2.80 33.92 13.20
CA LYS C 161 1.53 34.49 12.74
C LYS C 161 1.03 33.74 11.53
N ILE C 162 0.96 32.42 11.63
CA ILE C 162 0.65 31.67 10.45
C ILE C 162 -0.71 32.04 9.88
N SER C 163 -0.71 32.21 8.58
CA SER C 163 -1.88 32.52 7.80
C SER C 163 -1.81 31.80 6.48
N VAL C 164 -2.79 30.96 6.20
CA VAL C 164 -2.83 30.18 4.96
C VAL C 164 -4.11 30.41 4.19
N GLN C 165 -3.98 30.76 2.92
CA GLN C 165 -5.15 31.02 2.10
C GLN C 165 -5.27 30.17 0.87
N TYR C 166 -6.35 29.42 0.80
CA TYR C 166 -6.60 28.58 -0.37
C TYR C 166 -7.61 29.30 -1.26
N ASN C 167 -7.26 29.41 -2.55
CA ASN C 167 -8.12 30.11 -3.56
C ASN C 167 -9.00 29.06 -4.26
N LEU C 168 -10.16 28.75 -3.68
CA LEU C 168 -11.12 27.76 -4.20
C LEU C 168 -11.53 28.32 -5.55
N SER C 169 -11.32 29.62 -5.74
CA SER C 169 -11.64 30.24 -7.04
C SER C 169 -10.51 29.97 -8.03
N HIS C 170 -9.66 28.96 -7.75
CA HIS C 170 -8.63 28.64 -8.77
C HIS C 170 -9.30 28.04 -9.99
N SER C 171 -10.28 27.17 -9.78
CA SER C 171 -11.00 26.53 -10.91
C SER C 171 -12.10 27.47 -11.42
N HIS C 179 -16.90 20.57 -13.35
CA HIS C 179 -16.20 21.22 -12.22
C HIS C 179 -15.97 20.27 -10.99
N CYS C 180 -16.14 18.95 -11.18
CA CYS C 180 -15.98 17.88 -10.18
C CYS C 180 -14.52 17.47 -10.08
N GLY C 181 -14.09 17.07 -8.89
CA GLY C 181 -12.74 16.51 -8.76
C GLY C 181 -11.57 17.49 -8.73
N THR C 182 -11.83 18.78 -8.67
CA THR C 182 -10.73 19.73 -8.67
C THR C 182 -10.16 20.00 -7.31
N VAL C 183 -9.10 20.78 -7.29
CA VAL C 183 -8.41 21.06 -6.05
C VAL C 183 -9.30 21.78 -5.09
N ALA C 184 -10.07 22.69 -5.59
CA ALA C 184 -10.97 23.45 -4.75
C ALA C 184 -11.92 22.52 -4.00
N ASN C 185 -12.30 21.41 -4.63
CA ASN C 185 -13.27 20.56 -4.01
C ASN C 185 -12.52 19.75 -2.97
N GLY C 186 -11.27 19.40 -3.30
CA GLY C 186 -10.43 18.65 -2.38
C GLY C 186 -10.18 19.46 -1.10
N VAL C 187 -10.04 20.77 -1.27
CA VAL C 187 -9.82 21.62 -0.11
C VAL C 187 -11.05 21.58 0.76
N LEU C 188 -12.22 21.67 0.15
CA LEU C 188 -13.41 21.62 0.96
C LEU C 188 -13.57 20.29 1.63
N GLN C 189 -13.16 19.19 0.99
CA GLN C 189 -13.31 17.90 1.65
C GLN C 189 -12.47 17.79 2.91
N THR C 190 -11.24 18.32 2.90
CA THR C 190 -10.47 18.21 4.12
C THR C 190 -11.16 19.02 5.18
N PHE C 191 -11.62 20.20 4.80
CA PHE C 191 -12.34 21.07 5.69
C PHE C 191 -13.54 20.33 6.24
N MET C 192 -14.29 19.66 5.38
CA MET C 192 -15.47 18.95 5.80
C MET C 192 -15.19 18.07 6.98
N ARG C 193 -14.06 17.36 6.95
CA ARG C 193 -13.74 16.47 8.05
C ARG C 193 -13.15 17.19 9.25
N MET C 194 -12.30 18.16 9.02
CA MET C 194 -11.66 18.79 10.17
C MET C 194 -12.69 19.57 10.97
N ALA C 195 -13.70 20.07 10.29
CA ALA C 195 -14.78 20.84 10.86
C ALA C 195 -16.06 20.03 10.78
N TRP C 196 -15.96 18.72 10.96
CA TRP C 196 -17.08 17.80 10.85
C TRP C 196 -18.32 18.24 11.60
N GLY C 197 -18.15 18.77 12.80
CA GLY C 197 -19.34 19.12 13.56
C GLY C 197 -20.16 20.28 12.96
N GLY C 198 -19.56 21.07 12.03
CA GLY C 198 -20.24 22.21 11.43
C GLY C 198 -20.42 22.14 9.93
N SER C 199 -19.58 21.35 9.26
CA SER C 199 -19.50 21.31 7.82
C SER C 199 -20.80 20.87 7.17
N TYR C 200 -21.62 20.16 7.91
CA TYR C 200 -22.93 19.75 7.42
C TYR C 200 -23.69 20.96 6.88
N ILE C 201 -23.62 22.08 7.59
CA ILE C 201 -24.31 23.29 7.18
C ILE C 201 -23.42 24.16 6.33
N ALA C 202 -22.19 24.34 6.76
CA ALA C 202 -21.30 25.28 6.08
C ALA C 202 -21.11 24.99 4.60
N LEU C 203 -21.13 23.72 4.20
CA LEU C 203 -20.89 23.40 2.81
C LEU C 203 -22.13 23.19 1.94
N ASP C 204 -23.33 23.49 2.45
CA ASP C 204 -24.62 23.36 1.71
C ASP C 204 -25.05 21.93 1.38
N SER C 205 -24.21 21.22 0.64
CA SER C 205 -24.50 19.85 0.24
C SER C 205 -24.17 18.93 1.39
N GLY C 206 -25.02 19.01 2.41
CA GLY C 206 -24.81 18.31 3.67
C GLY C 206 -24.62 16.79 3.55
N CYS C 207 -25.34 16.13 2.61
CA CYS C 207 -25.23 14.69 2.34
C CYS C 207 -25.72 14.41 0.92
N GLY C 208 -25.44 13.20 0.43
CA GLY C 208 -25.94 12.74 -0.87
C GLY C 208 -25.00 13.10 -2.01
N ASN C 209 -23.85 13.65 -1.66
CA ASN C 209 -22.90 14.06 -2.66
C ASN C 209 -21.46 13.90 -2.20
N TRP C 210 -20.62 13.70 -3.18
CA TRP C 210 -19.19 13.57 -3.00
C TRP C 210 -18.51 13.95 -4.28
N ASP C 211 -17.27 14.41 -4.21
CA ASP C 211 -16.44 14.75 -5.39
C ASP C 211 -16.90 16.07 -6.07
N CYS C 212 -18.19 16.17 -6.42
CA CYS C 212 -18.86 17.30 -7.06
C CYS C 212 -19.39 18.26 -5.98
N ILE C 213 -18.48 18.66 -5.09
CA ILE C 213 -18.83 19.55 -3.98
C ILE C 213 -18.17 20.90 -4.02
N MET C 214 -19.00 21.94 -3.93
CA MET C 214 -18.53 23.31 -3.89
C MET C 214 -19.48 24.16 -3.08
N THR C 215 -18.97 25.24 -2.52
CA THR C 215 -19.71 26.19 -1.73
C THR C 215 -19.74 27.56 -2.36
N SER C 216 -20.37 28.50 -1.67
CA SER C 216 -20.56 29.86 -2.16
C SER C 216 -19.35 30.76 -1.97
N TYR C 217 -18.42 30.30 -1.19
CA TYR C 217 -17.24 31.06 -0.83
C TYR C 217 -16.10 30.89 -1.82
N GLN C 218 -15.23 31.90 -1.90
CA GLN C 218 -14.10 31.84 -2.82
C GLN C 218 -12.82 31.40 -2.17
N TYR C 219 -12.72 31.61 -0.87
CA TYR C 219 -11.50 31.28 -0.18
C TYR C 219 -11.72 30.52 1.11
N LEU C 220 -10.76 29.66 1.43
CA LEU C 220 -10.68 29.03 2.74
C LEU C 220 -9.47 29.58 3.42
N ILE C 221 -9.69 30.35 4.45
CA ILE C 221 -8.61 30.97 5.13
C ILE C 221 -8.40 30.50 6.53
N ILE C 222 -7.20 30.04 6.82
CA ILE C 222 -6.90 29.56 8.15
C ILE C 222 -5.93 30.50 8.81
N GLN C 223 -6.30 31.04 9.96
CA GLN C 223 -5.42 32.00 10.61
C GLN C 223 -5.16 31.70 12.09
N ASN C 224 -3.98 32.16 12.56
CA ASN C 224 -3.55 32.17 13.95
C ASN C 224 -4.47 33.08 14.80
N THR C 225 -5.04 32.53 15.88
CA THR C 225 -5.96 33.22 16.81
C THR C 225 -5.79 32.74 18.24
N THR C 226 -6.77 33.06 19.06
CA THR C 226 -6.79 32.70 20.47
C THR C 226 -7.70 31.54 20.74
N TRP C 227 -7.84 31.17 22.00
CA TRP C 227 -8.66 30.01 22.36
C TRP C 227 -10.00 30.43 22.96
N GLU C 228 -10.17 31.72 23.17
CA GLU C 228 -11.35 32.23 23.85
C GLU C 228 -12.56 32.39 22.96
N ASP C 229 -12.42 32.12 21.68
CA ASP C 229 -13.58 32.25 20.83
C ASP C 229 -14.36 30.96 21.00
N HIS C 230 -15.48 31.08 21.71
CA HIS C 230 -16.27 29.93 22.09
C HIS C 230 -17.29 29.49 21.04
N CYS C 231 -17.58 28.19 21.09
CA CYS C 231 -18.53 27.60 20.11
C CYS C 231 -19.91 28.21 20.27
N GLN C 232 -20.80 27.86 19.36
CA GLN C 232 -22.20 28.32 19.40
C GLN C 232 -23.07 27.29 18.70
N PHE C 233 -22.58 26.76 17.59
CA PHE C 233 -23.42 25.89 16.82
C PHE C 233 -23.39 24.49 17.38
N SER C 234 -22.18 24.01 17.62
CA SER C 234 -22.01 22.62 18.09
C SER C 234 -20.83 22.54 19.08
N ARG C 235 -20.85 21.54 19.95
CA ARG C 235 -19.80 21.38 20.97
C ARG C 235 -18.47 21.01 20.30
N PRO C 236 -17.34 21.35 20.93
CA PRO C 236 -16.05 21.01 20.42
C PRO C 236 -15.86 19.51 20.53
N SER C 237 -15.13 18.95 19.60
CA SER C 237 -14.79 17.53 19.60
C SER C 237 -13.46 17.24 18.92
N PRO C 238 -12.64 16.34 19.46
CA PRO C 238 -11.35 15.94 18.93
C PRO C 238 -11.44 15.03 17.75
N ILE C 239 -12.64 14.56 17.44
CA ILE C 239 -12.78 13.56 16.41
C ILE C 239 -12.33 14.00 15.03
N GLY C 240 -12.63 15.22 14.62
CA GLY C 240 -12.24 15.64 13.27
C GLY C 240 -10.73 15.50 13.07
N TYR C 241 -9.98 16.15 13.96
CA TYR C 241 -8.54 16.10 13.89
C TYR C 241 -8.02 14.70 13.99
N LEU C 242 -8.50 13.93 14.96
CA LEU C 242 -7.93 12.61 15.13
C LEU C 242 -8.22 11.75 13.92
N GLY C 243 -9.40 11.88 13.34
CA GLY C 243 -9.77 11.11 12.16
C GLY C 243 -8.84 11.37 10.99
N LEU C 244 -8.42 12.61 10.84
CA LEU C 244 -7.52 13.01 9.77
C LEU C 244 -6.10 12.59 10.00
N LEU C 245 -5.80 12.05 11.17
CA LEU C 245 -4.46 11.62 11.39
C LEU C 245 -4.27 10.27 10.79
N SER C 246 -5.34 9.51 10.59
CA SER C 246 -5.09 8.17 10.11
C SER C 246 -4.54 8.15 8.71
N GLN C 247 -5.18 8.90 7.82
CA GLN C 247 -4.78 8.93 6.44
C GLN C 247 -4.29 10.31 6.03
N ARG C 248 -2.97 10.54 6.07
CA ARG C 248 -2.42 11.91 5.76
C ARG C 248 -1.60 11.86 4.47
N THR C 249 -1.36 10.67 3.92
CA THR C 249 -0.57 10.47 2.72
C THR C 249 -1.31 9.79 1.57
N ARG C 250 -2.61 9.68 1.67
CA ARG C 250 -3.37 9.01 0.63
C ARG C 250 -3.78 10.01 -0.42
N ASP C 251 -4.07 9.53 -1.62
CA ASP C 251 -4.48 10.41 -2.71
C ASP C 251 -3.47 11.50 -2.97
N ILE C 252 -2.20 11.10 -3.04
CA ILE C 252 -1.15 12.04 -3.34
C ILE C 252 -0.60 11.69 -4.72
N TYR C 253 -0.29 12.71 -5.48
CA TYR C 253 0.27 12.54 -6.79
C TYR C 253 1.75 12.34 -6.69
N ILE C 254 2.37 11.73 -7.70
CA ILE C 254 3.79 11.44 -7.62
C ILE C 254 4.65 12.72 -7.56
N SER C 255 4.36 13.74 -8.42
CA SER C 255 5.07 15.02 -8.56
C SER C 255 6.60 14.86 -8.49
N GLY D 1 -3.96 -1.36 13.04
CA GLY D 1 -3.92 -1.21 14.48
C GLY D 1 -5.32 -1.41 15.12
N THR D 2 -5.43 -2.30 16.13
CA THR D 2 -6.67 -2.61 16.87
C THR D 2 -6.61 -1.82 18.12
N PHE D 3 -7.68 -1.82 18.88
CA PHE D 3 -7.55 -1.17 20.15
C PHE D 3 -6.58 -2.02 20.92
N THR D 4 -5.65 -1.40 21.61
CA THR D 4 -4.76 -2.14 22.49
C THR D 4 -4.77 -1.59 23.90
N TRP D 5 -5.24 -0.35 24.07
CA TRP D 5 -5.28 0.19 25.42
C TRP D 5 -6.36 -0.57 26.18
N THR D 6 -6.08 -0.91 27.42
CA THR D 6 -7.03 -1.57 28.28
C THR D 6 -7.47 -0.57 29.30
N LEU D 7 -8.77 -0.48 29.52
CA LEU D 7 -9.30 0.50 30.45
C LEU D 7 -8.76 0.27 31.84
N SER D 8 -8.43 1.36 32.52
CA SER D 8 -7.91 1.29 33.88
C SER D 8 -9.05 1.00 34.87
N ASP D 9 -8.72 0.60 36.12
CA ASP D 9 -9.67 0.33 37.22
C ASP D 9 -10.57 1.57 37.47
N GLY D 18 -16.00 -2.66 36.70
CA GLY D 18 -16.11 -1.55 37.61
C GLY D 18 -15.32 -0.37 37.05
N TYR D 19 -16.04 0.60 36.45
CA TYR D 19 -15.48 1.82 35.83
C TYR D 19 -16.50 2.95 35.96
N CYS D 20 -16.07 4.19 36.30
CA CYS D 20 -16.94 5.36 36.44
C CYS D 20 -16.52 6.50 35.55
N LEU D 21 -17.48 7.31 35.15
CA LEU D 21 -17.20 8.50 34.36
C LEU D 21 -17.28 9.71 35.26
N THR D 22 -16.14 10.32 35.55
CA THR D 22 -16.13 11.45 36.48
C THR D 22 -17.17 12.48 36.10
N ARG D 23 -17.77 13.10 37.10
CA ARG D 23 -18.84 14.11 36.85
C ARG D 23 -18.26 15.24 35.99
N TRP D 24 -16.94 15.40 35.97
CA TRP D 24 -16.33 16.47 35.24
C TRP D 24 -16.26 16.23 33.76
N MET D 25 -16.51 15.01 33.31
CA MET D 25 -16.46 14.72 31.90
C MET D 25 -17.85 14.59 31.32
N LEU D 26 -18.87 14.89 32.11
CA LEU D 26 -20.26 14.65 31.63
C LEU D 26 -21.00 15.99 31.53
N ILE D 27 -21.77 16.18 30.46
CA ILE D 27 -22.60 17.43 30.35
C ILE D 27 -23.52 17.43 31.56
N GLU D 28 -24.07 16.26 31.91
CA GLU D 28 -24.90 16.16 33.14
C GLU D 28 -23.97 16.34 34.34
N ALA D 29 -24.42 17.07 35.37
CA ALA D 29 -23.55 17.38 36.53
C ALA D 29 -23.18 16.09 37.29
N GLU D 30 -24.13 15.15 37.42
CA GLU D 30 -23.88 13.92 38.21
C GLU D 30 -23.08 12.90 37.40
N LEU D 31 -22.03 12.31 38.00
CA LEU D 31 -21.25 11.26 37.31
C LEU D 31 -22.05 9.95 37.34
N LYS D 32 -21.73 9.01 36.45
CA LYS D 32 -22.42 7.68 36.44
C LYS D 32 -21.39 6.55 36.45
N CYS D 33 -21.75 5.39 36.99
CA CYS D 33 -20.86 4.23 36.99
C CYS D 33 -21.42 3.03 36.24
N PHE D 34 -20.51 2.22 35.74
CA PHE D 34 -20.78 0.99 35.04
C PHE D 34 -20.15 -0.20 35.73
N GLY D 35 -20.74 -1.36 35.53
CA GLY D 35 -20.20 -2.56 36.13
C GLY D 35 -19.13 -3.24 35.28
N ASN D 36 -18.78 -4.45 35.70
CA ASN D 36 -17.73 -5.20 35.05
C ASN D 36 -18.08 -5.59 33.64
N THR D 37 -19.37 -5.76 33.36
CA THR D 37 -19.77 -6.16 32.03
C THR D 37 -19.37 -5.13 31.00
N ALA D 38 -19.63 -3.86 31.29
CA ALA D 38 -19.30 -2.82 30.33
C ALA D 38 -17.81 -2.76 30.10
N VAL D 39 -17.06 -2.94 31.17
CA VAL D 39 -15.62 -2.86 31.03
C VAL D 39 -15.14 -4.01 30.19
N ALA D 40 -15.65 -5.21 30.45
CA ALA D 40 -15.22 -6.35 29.70
C ALA D 40 -15.56 -6.21 28.23
N LYS D 41 -16.72 -5.68 27.92
CA LYS D 41 -17.06 -5.54 26.52
C LYS D 41 -16.08 -4.65 25.75
N CYS D 42 -15.58 -3.55 26.34
CA CYS D 42 -14.65 -2.62 25.72
C CYS D 42 -13.29 -3.27 25.44
N ASN D 43 -13.01 -4.42 26.03
CA ASN D 43 -11.75 -5.06 25.79
C ASN D 43 -11.89 -6.18 24.76
N GLU D 44 -13.13 -6.44 24.32
CA GLU D 44 -13.40 -7.52 23.36
C GLU D 44 -13.95 -7.01 22.03
N LYS D 45 -14.79 -5.99 22.09
CA LYS D 45 -15.43 -5.43 20.91
C LYS D 45 -14.47 -4.48 20.26
N HIS D 46 -14.49 -4.43 18.94
CA HIS D 46 -13.60 -3.52 18.25
C HIS D 46 -14.33 -2.36 17.61
N ASP D 47 -15.65 -2.42 17.60
CA ASP D 47 -16.49 -1.46 16.92
C ASP D 47 -17.43 -0.57 17.74
N GLU D 48 -17.16 -0.37 19.02
CA GLU D 48 -18.05 0.47 19.82
C GLU D 48 -17.53 1.89 20.06
N GLU D 49 -18.25 2.89 19.56
CA GLU D 49 -17.81 4.27 19.73
C GLU D 49 -17.72 4.71 21.18
N PHE D 50 -18.58 4.18 22.03
CA PHE D 50 -18.51 4.57 23.43
C PHE D 50 -17.15 4.22 24.04
N CYS D 51 -16.70 2.95 23.83
CA CYS D 51 -15.45 2.39 24.32
C CYS D 51 -14.30 3.14 23.71
N ASP D 52 -14.48 3.55 22.47
CA ASP D 52 -13.46 4.28 21.78
C ASP D 52 -13.23 5.61 22.52
N MET D 53 -14.33 6.28 22.89
CA MET D 53 -14.16 7.51 23.63
C MET D 53 -13.57 7.25 25.00
N LEU D 54 -13.92 6.13 25.64
CA LEU D 54 -13.39 5.93 26.97
C LEU D 54 -11.90 5.81 26.93
N ARG D 55 -11.36 5.17 25.90
CA ARG D 55 -9.93 5.08 25.84
C ARG D 55 -9.29 6.44 25.74
N LEU D 56 -9.91 7.37 25.00
CA LEU D 56 -9.31 8.70 24.95
C LEU D 56 -9.37 9.34 26.31
N PHE D 57 -10.46 9.11 27.06
CA PHE D 57 -10.54 9.70 28.37
C PHE D 57 -9.50 9.13 29.31
N ASP D 58 -9.24 7.81 29.28
CA ASP D 58 -8.21 7.31 30.18
C ASP D 58 -6.85 7.82 29.80
N PHE D 59 -6.60 7.94 28.50
CA PHE D 59 -5.32 8.43 28.09
C PHE D 59 -5.12 9.81 28.61
N ASN D 60 -6.12 10.66 28.42
CA ASN D 60 -6.03 12.02 28.86
C ASN D 60 -5.76 12.07 30.34
N LYS D 61 -6.49 11.28 31.12
CA LYS D 61 -6.30 11.28 32.55
C LYS D 61 -4.88 10.88 32.92
N GLN D 62 -4.36 9.83 32.30
CA GLN D 62 -3.01 9.42 32.66
C GLN D 62 -1.97 10.39 32.21
N ALA D 63 -2.12 10.96 31.04
CA ALA D 63 -1.11 11.88 30.56
C ALA D 63 -1.07 13.10 31.45
N ILE D 64 -2.22 13.55 31.90
CA ILE D 64 -2.25 14.72 32.75
C ILE D 64 -1.60 14.43 34.08
N GLN D 65 -1.91 13.29 34.68
CA GLN D 65 -1.33 12.97 35.97
C GLN D 65 0.17 12.68 35.93
N ARG D 66 0.65 12.03 34.88
CA ARG D 66 2.04 11.60 34.87
C ARG D 66 3.06 12.44 34.08
N LEU D 67 2.64 13.19 33.06
CA LEU D 67 3.60 13.94 32.27
C LEU D 67 3.39 15.45 32.39
N LYS D 68 4.44 16.23 32.22
CA LYS D 68 4.30 17.68 32.21
C LYS D 68 4.43 18.12 30.76
N ALA D 69 3.87 19.28 30.38
CA ALA D 69 4.02 19.68 28.98
C ALA D 69 4.38 21.15 28.80
N PRO D 70 5.27 21.46 27.81
CA PRO D 70 5.76 22.84 27.54
C PRO D 70 4.81 23.68 26.69
N ALA D 71 3.63 24.00 27.22
CA ALA D 71 2.60 24.85 26.57
C ALA D 71 1.81 24.20 25.42
N GLN D 72 2.48 23.42 24.57
CA GLN D 72 1.89 22.76 23.40
C GLN D 72 0.93 21.64 23.76
N MET D 73 1.00 21.24 25.01
CA MET D 73 0.20 20.19 25.61
C MET D 73 0.33 18.85 24.93
N SER D 74 1.56 18.52 24.55
CA SER D 74 1.95 17.24 23.97
C SER D 74 1.13 16.74 22.78
N ILE D 75 0.93 17.60 21.78
CA ILE D 75 0.19 17.14 20.62
C ILE D 75 0.96 16.00 19.94
N GLN D 76 2.27 16.02 20.06
CA GLN D 76 3.11 14.99 19.50
C GLN D 76 2.89 13.65 20.19
N LEU D 77 2.35 13.64 21.40
CA LEU D 77 2.16 12.37 22.03
C LEU D 77 0.87 11.76 21.50
N ILE D 78 -0.17 12.58 21.36
CA ILE D 78 -1.43 12.01 20.86
C ILE D 78 -1.29 11.55 19.45
N ASN D 79 -0.44 12.20 18.69
CA ASN D 79 -0.28 11.79 17.31
C ASN D 79 0.25 10.36 17.22
N LYS D 80 0.85 9.85 18.28
CA LYS D 80 1.34 8.49 18.28
C LYS D 80 0.32 7.61 18.97
N ALA D 81 -0.16 8.07 20.13
CA ALA D 81 -1.06 7.32 20.99
C ALA D 81 -2.39 7.01 20.34
N VAL D 82 -2.85 7.89 19.46
CA VAL D 82 -4.11 7.76 18.81
C VAL D 82 -4.34 6.41 18.16
N ASN D 83 -3.31 5.72 17.68
CA ASN D 83 -3.66 4.48 17.03
C ASN D 83 -3.91 3.35 18.03
N ALA D 84 -3.41 3.47 19.27
CA ALA D 84 -3.63 2.44 20.27
C ALA D 84 -4.94 2.69 21.00
N LEU D 85 -5.32 3.97 21.00
CA LEU D 85 -6.49 4.40 21.72
C LEU D 85 -7.79 4.38 20.95
N ILE D 86 -7.80 4.70 19.67
CA ILE D 86 -9.07 4.70 18.97
C ILE D 86 -9.08 3.89 17.71
N ASN D 87 -10.27 3.54 17.31
CA ASN D 87 -10.50 2.86 16.06
C ASN D 87 -10.82 3.91 15.04
N ASP D 88 -9.80 4.28 14.25
CA ASP D 88 -9.98 5.36 13.25
C ASP D 88 -11.04 4.96 12.23
N GLN D 89 -11.30 3.65 12.09
CA GLN D 89 -12.24 3.24 11.09
C GLN D 89 -13.63 3.42 11.60
N LEU D 90 -13.83 3.63 12.89
CA LEU D 90 -15.18 3.93 13.31
C LEU D 90 -15.41 5.32 12.83
N ILE D 91 -14.36 6.11 12.87
CA ILE D 91 -14.52 7.45 12.40
C ILE D 91 -14.81 7.42 10.92
N MET D 92 -14.05 6.63 10.15
CA MET D 92 -14.32 6.62 8.73
C MET D 92 -15.70 6.06 8.42
N LYS D 93 -16.16 5.08 9.17
CA LYS D 93 -17.49 4.54 8.95
C LYS D 93 -18.55 5.61 9.15
N ASN D 94 -18.43 6.37 10.24
CA ASN D 94 -19.44 7.36 10.51
C ASN D 94 -19.35 8.47 9.49
N HIS D 95 -18.14 8.75 9.01
CA HIS D 95 -17.94 9.73 7.98
C HIS D 95 -18.62 9.28 6.70
N LEU D 96 -18.42 8.03 6.28
CA LEU D 96 -19.04 7.58 5.06
C LEU D 96 -20.54 7.61 5.14
N ARG D 97 -21.08 7.26 6.31
CA ARG D 97 -22.52 7.27 6.50
C ARG D 97 -23.04 8.70 6.42
N ASP D 98 -22.23 9.67 6.86
CA ASP D 98 -22.55 11.09 6.80
C ASP D 98 -22.47 11.61 5.36
N ILE D 99 -21.56 11.07 4.55
CA ILE D 99 -21.48 11.49 3.15
C ILE D 99 -22.75 11.09 2.45
N MET D 100 -23.14 9.86 2.68
CA MET D 100 -24.37 9.31 2.17
C MET D 100 -25.41 9.88 3.13
N CYS D 101 -26.71 9.88 2.81
CA CYS D 101 -27.72 10.38 3.77
C CYS D 101 -28.14 9.24 4.71
N ILE D 102 -27.19 8.79 5.52
CA ILE D 102 -27.39 7.67 6.43
C ILE D 102 -27.12 8.10 7.87
N PRO D 103 -27.99 7.82 8.85
CA PRO D 103 -27.78 8.15 10.24
C PRO D 103 -26.45 7.59 10.72
N TYR D 104 -25.74 8.35 11.52
CA TYR D 104 -24.42 7.93 11.96
C TYR D 104 -24.09 8.40 13.36
N CYS D 105 -23.03 7.81 13.97
CA CYS D 105 -22.61 8.18 15.33
C CYS D 105 -21.90 9.53 15.34
N ASN D 106 -22.41 10.39 16.18
CA ASN D 106 -21.88 11.72 16.39
C ASN D 106 -20.97 11.81 17.63
N TYR D 107 -20.65 10.67 18.31
CA TYR D 107 -19.77 10.51 19.49
C TYR D 107 -20.23 11.17 20.79
N SER D 108 -21.01 12.25 20.68
CA SER D 108 -21.37 13.03 21.90
C SER D 108 -22.50 12.42 22.72
N LYS D 109 -23.41 11.64 22.11
CA LYS D 109 -24.57 11.19 22.90
C LYS D 109 -24.79 9.68 22.84
N TYR D 110 -25.22 9.10 23.99
CA TYR D 110 -25.42 7.65 24.13
C TYR D 110 -26.74 7.21 24.79
N TRP D 111 -27.22 6.00 24.42
CA TRP D 111 -28.47 5.36 24.93
C TRP D 111 -28.53 4.97 26.39
N TYR D 112 -27.42 4.45 26.90
CA TYR D 112 -27.32 4.00 28.27
C TYR D 112 -28.53 3.18 28.68
N LEU D 113 -28.83 2.07 27.99
CA LEU D 113 -30.02 1.37 28.42
C LEU D 113 -29.79 0.81 29.83
N ASN D 114 -30.69 1.18 30.78
CA ASN D 114 -30.64 0.83 32.20
C ASN D 114 -31.60 -0.33 32.51
N HIS D 115 -31.63 -0.78 33.78
CA HIS D 115 -32.50 -1.86 34.29
C HIS D 115 -33.07 -1.41 35.63
N THR D 116 -34.40 -1.31 35.70
CA THR D 116 -35.07 -0.75 36.89
C THR D 116 -34.80 -1.51 38.19
N THR D 117 -34.71 -2.85 38.16
CA THR D 117 -34.62 -3.52 39.46
C THR D 117 -33.21 -4.03 39.73
N THR D 118 -32.39 -4.19 38.69
CA THR D 118 -31.06 -4.72 38.96
C THR D 118 -29.99 -3.65 39.06
N GLY D 119 -30.25 -2.45 38.55
CA GLY D 119 -29.20 -1.45 38.62
C GLY D 119 -28.05 -1.72 37.66
N ARG D 120 -28.39 -2.39 36.54
CA ARG D 120 -27.34 -2.80 35.57
C ARG D 120 -27.70 -2.30 34.17
N THR D 121 -26.70 -1.79 33.43
CA THR D 121 -26.94 -1.20 32.14
C THR D 121 -26.22 -1.99 31.09
N SER D 122 -26.55 -1.67 29.87
CA SER D 122 -25.90 -2.20 28.71
C SER D 122 -24.67 -1.37 28.52
N LEU D 123 -23.79 -1.81 27.63
CA LEU D 123 -22.74 -0.92 27.25
C LEU D 123 -23.57 0.11 26.51
N PRO D 124 -23.48 1.40 26.77
CA PRO D 124 -24.29 2.36 26.09
C PRO D 124 -23.93 2.38 24.63
N LYS D 125 -24.92 2.43 23.74
CA LYS D 125 -24.65 2.52 22.32
C LYS D 125 -24.77 3.96 21.91
N CYS D 126 -24.09 4.36 20.82
CA CYS D 126 -24.10 5.72 20.31
C CYS D 126 -25.46 6.09 19.70
N TRP D 127 -25.92 7.27 20.09
CA TRP D 127 -27.16 7.80 19.59
C TRP D 127 -26.85 8.33 18.21
N LEU D 128 -27.62 7.92 17.22
CA LEU D 128 -27.29 8.36 15.87
C LEU D 128 -27.94 9.67 15.54
N VAL D 129 -27.33 10.38 14.60
CA VAL D 129 -27.87 11.64 14.13
C VAL D 129 -28.02 11.62 12.65
N SER D 130 -28.87 12.50 12.15
CA SER D 130 -29.01 12.69 10.73
C SER D 130 -29.67 14.05 10.51
N ASN D 131 -29.47 14.66 9.33
CA ASN D 131 -30.18 15.87 8.88
C ASN D 131 -30.06 17.04 9.89
N GLY D 132 -28.91 17.18 10.59
CA GLY D 132 -28.65 18.27 11.54
C GLY D 132 -29.26 18.07 12.95
N SER D 133 -29.88 16.91 13.22
CA SER D 133 -30.49 16.71 14.54
C SER D 133 -30.40 15.27 15.02
N TYR D 134 -30.77 15.03 16.27
CA TYR D 134 -30.69 13.68 16.80
C TYR D 134 -31.88 12.88 16.37
N LEU D 135 -31.70 11.58 16.18
CA LEU D 135 -32.85 10.76 15.83
C LEU D 135 -33.76 10.52 17.02
N ASN D 136 -35.08 10.37 16.73
CA ASN D 136 -36.13 9.95 17.65
C ASN D 136 -35.97 8.44 17.90
N GLU D 137 -36.32 7.96 19.12
CA GLU D 137 -36.23 6.54 19.52
C GLU D 137 -37.01 5.61 18.59
N THR D 138 -38.07 6.12 18.02
CA THR D 138 -38.88 5.34 17.11
C THR D 138 -38.02 4.76 16.01
N HIS D 139 -37.11 5.55 15.49
CA HIS D 139 -36.33 5.18 14.33
C HIS D 139 -35.27 4.14 14.62
N PHE D 140 -34.96 3.92 15.88
CA PHE D 140 -33.99 2.92 16.23
C PHE D 140 -34.56 2.05 17.33
N SER D 141 -35.89 1.97 17.36
CA SER D 141 -36.59 1.19 18.35
C SER D 141 -36.14 -0.25 18.26
N ASP D 142 -35.94 -0.72 17.02
CA ASP D 142 -35.53 -2.13 16.82
C ASP D 142 -34.23 -2.42 17.56
N ASP D 143 -33.33 -1.44 17.67
CA ASP D 143 -32.06 -1.72 18.27
C ASP D 143 -32.21 -1.64 19.77
N ILE D 144 -33.16 -0.84 20.24
CA ILE D 144 -33.32 -0.75 21.67
C ILE D 144 -33.91 -2.06 22.15
N GLU D 145 -34.90 -2.56 21.41
CA GLU D 145 -35.51 -3.82 21.78
C GLU D 145 -34.50 -4.94 21.71
N GLN D 146 -33.61 -4.91 20.71
CA GLN D 146 -32.61 -5.95 20.64
C GLN D 146 -31.68 -5.86 21.82
N GLN D 147 -31.31 -4.65 22.22
CA GLN D 147 -30.41 -4.54 23.34
C GLN D 147 -31.05 -5.00 24.63
N ALA D 148 -32.36 -4.74 24.80
CA ALA D 148 -33.03 -5.21 26.00
C ALA D 148 -32.99 -6.73 26.04
N ASP D 149 -33.19 -7.39 24.88
CA ASP D 149 -33.11 -8.84 24.82
C ASP D 149 -31.71 -9.33 25.06
N ASN D 150 -30.73 -8.55 24.63
CA ASN D 150 -29.38 -8.99 24.84
C ASN D 150 -29.10 -9.00 26.34
N MET D 151 -29.59 -7.98 27.07
CA MET D 151 -29.38 -7.96 28.51
C MET D 151 -30.10 -9.09 29.20
N ILE D 152 -31.30 -9.43 28.72
CA ILE D 152 -32.05 -10.51 29.31
C ILE D 152 -31.31 -11.80 29.12
N THR D 153 -30.82 -12.00 27.90
CA THR D 153 -30.12 -13.21 27.57
C THR D 153 -28.89 -13.36 28.44
N GLU D 154 -28.14 -12.28 28.61
CA GLU D 154 -26.95 -12.38 29.42
C GLU D 154 -27.29 -12.77 30.84
N MET D 155 -28.37 -12.23 31.40
CA MET D 155 -28.73 -12.64 32.74
C MET D 155 -29.17 -14.09 32.78
N LEU D 156 -29.87 -14.56 31.75
CA LEU D 156 -30.29 -15.94 31.75
C LEU D 156 -29.10 -16.86 31.66
N GLN D 157 -28.09 -16.49 30.88
CA GLN D 157 -26.95 -17.35 30.76
C GLN D 157 -26.15 -17.33 32.03
N LYS D 158 -26.15 -16.20 32.73
CA LYS D 158 -25.48 -16.15 34.01
C LYS D 158 -26.13 -17.17 34.93
N GLU E 1 -0.75 -0.60 -29.75
CA GLU E 1 0.61 -1.19 -29.59
C GLU E 1 1.58 -0.49 -30.55
N VAL E 2 2.89 -0.58 -30.28
CA VAL E 2 3.86 0.15 -31.16
C VAL E 2 3.55 -0.23 -32.60
N GLN E 3 3.31 0.75 -33.47
CA GLN E 3 2.90 0.42 -34.85
C GLN E 3 3.21 1.56 -35.83
N LEU E 4 3.54 1.23 -37.07
CA LEU E 4 3.81 2.21 -38.10
C LEU E 4 2.94 1.92 -39.30
N VAL E 5 2.11 2.86 -39.72
CA VAL E 5 1.25 2.59 -40.87
C VAL E 5 1.43 3.56 -42.03
N GLU E 6 1.87 3.02 -43.15
CA GLU E 6 2.13 3.78 -44.35
C GLU E 6 0.90 3.98 -45.20
N SER E 7 0.91 5.07 -45.94
CA SER E 7 -0.14 5.34 -46.90
C SER E 7 0.35 6.26 -48.00
N GLY E 8 -0.46 6.41 -49.06
CA GLY E 8 -0.09 7.31 -50.14
C GLY E 8 0.59 6.66 -51.34
N GLY E 9 0.50 5.33 -51.47
CA GLY E 9 1.14 4.70 -52.62
C GLY E 9 0.26 4.88 -53.85
N GLY E 10 0.66 4.27 -54.97
CA GLY E 10 -0.09 4.45 -56.22
C GLY E 10 0.81 4.49 -57.46
N LEU E 11 0.21 4.86 -58.59
CA LEU E 11 0.90 4.93 -59.88
C LEU E 11 1.31 6.34 -60.23
N VAL E 12 2.57 6.48 -60.57
CA VAL E 12 3.19 7.71 -60.95
C VAL E 12 3.77 7.58 -62.36
N ARG E 13 3.58 8.59 -63.18
CA ARG E 13 4.21 8.56 -64.51
C ARG E 13 5.66 8.98 -64.33
N PRO E 14 6.61 8.39 -65.08
CA PRO E 14 8.00 8.75 -64.95
C PRO E 14 8.18 10.24 -64.99
N GLY E 15 9.01 10.72 -64.07
CA GLY E 15 9.32 12.13 -63.92
C GLY E 15 8.35 12.82 -62.97
N GLY E 16 7.33 12.10 -62.49
CA GLY E 16 6.33 12.68 -61.61
C GLY E 16 6.71 12.63 -60.14
N SER E 17 5.72 12.85 -59.29
CA SER E 17 6.00 12.90 -57.86
C SER E 17 4.91 12.24 -57.06
N LEU E 18 5.28 11.85 -55.84
CA LEU E 18 4.36 11.22 -54.92
C LEU E 18 4.77 11.50 -53.48
N ARG E 19 3.80 11.79 -52.64
CA ARG E 19 4.11 12.05 -51.24
C ARG E 19 3.65 10.92 -50.35
N LEU E 20 4.58 10.30 -49.65
CA LEU E 20 4.24 9.23 -48.73
C LEU E 20 4.15 9.80 -47.36
N SER E 21 3.32 9.18 -46.56
CA SER E 21 3.22 9.55 -45.17
C SER E 21 3.12 8.25 -44.39
N CYS E 22 3.46 8.30 -43.09
CA CYS E 22 3.45 7.15 -42.19
C CYS E 22 3.01 7.58 -40.79
N ALA E 23 1.95 6.96 -40.33
CA ALA E 23 1.39 7.30 -39.04
C ALA E 23 1.99 6.48 -37.94
N ALA E 24 2.51 7.16 -36.95
CA ALA E 24 3.08 6.45 -35.83
C ALA E 24 2.08 6.40 -34.71
N SER E 25 2.00 5.29 -33.98
CA SER E 25 0.94 5.22 -32.93
C SER E 25 1.35 4.35 -31.74
N GLY E 26 1.09 4.80 -30.50
CA GLY E 26 1.34 3.92 -29.33
C GLY E 26 2.68 4.15 -28.64
N PHE E 27 3.54 4.98 -29.22
CA PHE E 27 4.83 5.33 -28.65
C PHE E 27 5.13 6.79 -28.79
N SER E 28 6.14 7.27 -28.08
CA SER E 28 6.49 8.69 -28.13
C SER E 28 7.35 9.01 -29.33
N PHE E 29 6.70 8.94 -30.47
CA PHE E 29 7.28 9.08 -31.80
C PHE E 29 8.18 10.25 -31.99
N SER E 30 7.81 11.40 -31.48
CA SER E 30 8.61 12.59 -31.69
C SER E 30 10.02 12.48 -31.12
N SER E 31 10.25 11.52 -30.24
CA SER E 31 11.56 11.33 -29.64
C SER E 31 12.43 10.34 -30.39
N TYR E 32 11.87 9.62 -31.36
CA TYR E 32 12.62 8.59 -32.06
C TYR E 32 13.02 8.96 -33.47
N SER E 33 14.18 8.47 -33.87
CA SER E 33 14.59 8.67 -35.25
C SER E 33 13.92 7.63 -36.12
N MET E 34 13.89 7.84 -37.44
CA MET E 34 13.23 6.91 -38.37
C MET E 34 13.94 6.62 -39.69
N HIS E 35 13.72 5.43 -40.24
CA HIS E 35 14.27 5.07 -41.54
C HIS E 35 13.23 4.67 -42.58
N TRP E 36 13.55 4.93 -43.84
CA TRP E 36 12.75 4.39 -44.94
C TRP E 36 13.56 3.35 -45.64
N VAL E 37 12.90 2.26 -45.93
CA VAL E 37 13.45 1.11 -46.60
C VAL E 37 12.53 0.74 -47.74
N ARG E 38 13.08 0.29 -48.86
CA ARG E 38 12.20 -0.11 -49.94
C ARG E 38 12.51 -1.51 -50.43
N HIS E 39 11.48 -2.22 -50.85
CA HIS E 39 11.65 -3.58 -51.31
C HIS E 39 11.31 -3.81 -52.74
N VAL E 40 12.28 -4.26 -53.47
CA VAL E 40 12.11 -4.61 -54.85
C VAL E 40 12.09 -6.13 -54.86
N PRO E 41 10.98 -6.79 -55.19
CA PRO E 41 10.79 -8.24 -55.15
C PRO E 41 11.83 -9.09 -55.85
N GLY E 42 12.45 -8.61 -56.91
CA GLY E 42 13.45 -9.42 -57.60
C GLY E 42 14.86 -9.15 -57.11
N LYS E 43 15.00 -8.26 -56.14
CA LYS E 43 16.27 -7.83 -55.62
C LYS E 43 16.27 -7.99 -54.12
N GLY E 44 17.32 -7.58 -53.46
CA GLY E 44 17.29 -7.68 -52.02
C GLY E 44 16.57 -6.47 -51.48
N LEU E 45 16.55 -6.33 -50.18
CA LEU E 45 15.90 -5.22 -49.52
C LEU E 45 16.91 -4.09 -49.49
N VAL E 46 16.51 -2.84 -49.76
CA VAL E 46 17.51 -1.77 -49.71
C VAL E 46 17.09 -0.57 -48.90
N TRP E 47 18.07 0.14 -48.38
CA TRP E 47 17.87 1.34 -47.58
C TRP E 47 17.67 2.57 -48.43
N VAL E 48 16.77 3.45 -48.02
CA VAL E 48 16.53 4.67 -48.76
C VAL E 48 17.00 5.92 -48.05
N SER E 49 16.53 6.12 -46.83
CA SER E 49 16.83 7.36 -46.14
C SER E 49 16.68 7.30 -44.62
N TYR E 50 17.23 8.31 -43.96
CA TYR E 50 17.14 8.45 -42.50
C TYR E 50 16.97 9.85 -42.00
N ILE E 51 16.11 9.98 -41.00
CA ILE E 51 15.89 11.25 -40.34
C ILE E 51 16.01 11.19 -38.81
N ASN E 52 16.73 12.16 -38.25
CA ASN E 52 16.92 12.33 -36.81
C ASN E 52 15.61 12.73 -36.16
N SER E 53 15.40 12.40 -34.88
CA SER E 53 14.14 12.74 -34.23
C SER E 53 13.82 14.24 -34.21
N ASP E 54 14.84 15.09 -34.22
CA ASP E 54 14.57 16.52 -34.23
C ASP E 54 14.66 17.14 -35.61
N GLY E 55 14.90 16.33 -36.63
CA GLY E 55 14.99 16.78 -38.01
C GLY E 55 16.32 17.41 -38.41
N SER E 56 17.30 17.47 -37.50
CA SER E 56 18.59 18.11 -37.78
C SER E 56 19.50 17.35 -38.74
N THR E 57 19.25 16.06 -38.88
CA THR E 57 20.02 15.23 -39.78
C THR E 57 19.10 14.52 -40.74
N LYS E 58 19.42 14.63 -42.01
CA LYS E 58 18.66 14.00 -43.06
C LYS E 58 19.63 13.41 -44.08
N ILE E 59 19.64 12.10 -44.22
CA ILE E 59 20.56 11.46 -45.15
C ILE E 59 19.86 10.53 -46.10
N TYR E 60 20.49 10.32 -47.25
CA TYR E 60 19.91 9.51 -48.31
C TYR E 60 20.89 8.53 -48.92
N ALA E 61 20.36 7.46 -49.49
CA ALA E 61 21.15 6.48 -50.21
C ALA E 61 21.80 7.11 -51.41
N ASP E 62 23.01 6.69 -51.76
CA ASP E 62 23.69 7.27 -52.92
C ASP E 62 22.94 7.09 -54.22
N SER E 63 22.13 6.04 -54.35
CA SER E 63 21.37 5.81 -55.56
C SER E 63 20.18 6.76 -55.70
N VAL E 64 19.82 7.46 -54.62
CA VAL E 64 18.72 8.41 -54.64
C VAL E 64 19.12 9.74 -54.04
N LYS E 65 19.50 10.69 -54.88
CA LYS E 65 19.85 12.01 -54.39
C LYS E 65 19.17 13.04 -55.22
N GLY E 66 18.65 14.06 -54.58
CA GLY E 66 18.03 15.18 -55.27
C GLY E 66 16.58 14.89 -55.61
N ARG E 67 16.14 13.68 -55.33
CA ARG E 67 14.78 13.32 -55.66
C ARG E 67 13.96 13.22 -54.42
N PHE E 68 14.57 12.86 -53.30
CA PHE E 68 13.77 12.66 -52.10
C PHE E 68 14.02 13.74 -51.06
N SER E 69 12.96 14.05 -50.33
CA SER E 69 13.00 14.97 -49.20
C SER E 69 12.29 14.36 -48.00
N ILE E 70 13.02 14.17 -46.92
CA ILE E 70 12.46 13.50 -45.75
C ILE E 70 12.14 14.51 -44.67
N SER E 71 11.00 14.36 -44.04
CA SER E 71 10.61 15.28 -42.99
C SER E 71 9.68 14.64 -41.96
N ARG E 72 9.52 15.32 -40.84
CA ARG E 72 8.67 14.80 -39.78
C ARG E 72 7.79 15.85 -39.15
N ASP E 73 6.55 15.49 -38.88
CA ASP E 73 5.64 16.35 -38.13
C ASP E 73 5.49 15.81 -36.71
N ASN E 74 6.21 16.42 -35.77
CA ASN E 74 6.21 15.93 -34.40
C ASN E 74 4.90 16.17 -33.70
N ALA E 75 4.18 17.23 -34.08
CA ALA E 75 2.91 17.51 -33.46
C ALA E 75 1.88 16.45 -33.80
N LYS E 76 1.92 15.97 -35.05
CA LYS E 76 0.93 14.99 -35.48
C LYS E 76 1.41 13.54 -35.50
N ASN E 77 2.68 13.32 -35.18
CA ASN E 77 3.33 12.02 -35.18
C ASN E 77 3.33 11.35 -36.55
N LYS E 78 3.65 12.15 -37.56
CA LYS E 78 3.70 11.63 -38.92
C LYS E 78 5.05 11.82 -39.60
N LEU E 79 5.49 10.74 -40.20
CA LEU E 79 6.74 10.71 -40.97
C LEU E 79 6.42 10.87 -42.43
N TYR E 80 7.12 11.75 -43.11
CA TYR E 80 6.86 11.97 -44.51
C TYR E 80 8.05 11.77 -45.40
N LEU E 81 7.78 11.34 -46.62
CA LEU E 81 8.82 11.25 -47.62
C LEU E 81 8.28 11.78 -48.92
N GLN E 82 8.84 12.89 -49.37
CA GLN E 82 8.37 13.49 -50.59
C GLN E 82 9.30 13.13 -51.70
N MET E 83 8.78 12.47 -52.70
CA MET E 83 9.64 12.05 -53.75
C MET E 83 9.29 12.79 -55.02
N ASP E 84 10.27 13.23 -55.77
CA ASP E 84 9.97 13.86 -57.02
C ASP E 84 10.86 13.27 -58.10
N SER E 85 10.67 13.73 -59.33
CA SER E 85 11.45 13.26 -60.46
C SER E 85 11.56 11.74 -60.44
N LEU E 86 10.45 11.06 -60.10
CA LEU E 86 10.50 9.61 -59.92
C LEU E 86 10.89 8.83 -61.15
N ARG E 87 11.80 7.90 -60.94
CA ARG E 87 12.31 7.10 -62.03
C ARG E 87 11.71 5.72 -62.05
N VAL E 88 11.83 5.03 -63.16
CA VAL E 88 11.27 3.70 -63.23
C VAL E 88 11.91 2.79 -62.20
N GLU E 89 13.22 2.90 -62.02
CA GLU E 89 13.93 2.09 -61.04
C GLU E 89 13.56 2.38 -59.59
N ASP E 90 12.74 3.40 -59.33
CA ASP E 90 12.34 3.69 -57.97
C ASP E 90 11.08 2.90 -57.61
N THR E 91 10.57 2.07 -58.53
CA THR E 91 9.40 1.27 -58.17
C THR E 91 9.77 0.31 -57.09
N ALA E 92 9.01 0.33 -56.01
CA ALA E 92 9.28 -0.54 -54.87
C ALA E 92 8.17 -0.45 -53.86
N VAL E 93 8.14 -1.38 -52.93
CA VAL E 93 7.25 -1.18 -51.80
C VAL E 93 8.02 -0.42 -50.74
N TYR E 94 7.51 0.71 -50.32
CA TYR E 94 8.21 1.53 -49.36
C TYR E 94 7.61 1.32 -48.01
N SER E 95 8.46 1.26 -46.99
CA SER E 95 7.97 1.09 -45.64
C SER E 95 8.82 1.81 -44.58
N CYS E 96 8.20 2.08 -43.42
CA CYS E 96 8.77 2.74 -42.26
C CYS E 96 9.41 1.73 -41.34
N VAL E 97 10.60 2.06 -40.90
CA VAL E 97 11.25 1.21 -39.94
C VAL E 97 11.71 2.02 -38.77
N ARG E 98 11.35 1.58 -37.55
CA ARG E 98 11.80 2.27 -36.32
C ARG E 98 12.91 1.44 -35.67
N LEU E 99 14.17 1.78 -35.92
CA LEU E 99 15.28 1.05 -35.36
C LEU E 99 15.81 1.68 -34.13
N VAL E 100 15.83 0.92 -33.06
CA VAL E 100 16.36 1.44 -31.84
C VAL E 100 17.51 0.55 -31.37
N HIS E 101 18.69 1.11 -31.25
CA HIS E 101 19.78 0.27 -30.82
C HIS E 101 19.59 0.04 -29.35
N TYR E 102 20.05 -1.11 -28.89
CA TYR E 102 20.00 -1.51 -27.48
C TYR E 102 18.58 -1.84 -27.01
N ASP E 103 17.62 -1.77 -27.90
CA ASP E 103 16.28 -2.18 -27.62
C ASP E 103 16.32 -3.69 -27.76
N TRP E 104 15.56 -4.41 -26.95
CA TRP E 104 15.58 -5.86 -27.08
C TRP E 104 14.76 -6.37 -28.27
N SER E 105 14.01 -5.51 -28.91
CA SER E 105 13.26 -5.85 -30.10
C SER E 105 13.47 -4.66 -31.03
N PRO E 106 14.67 -4.55 -31.59
CA PRO E 106 15.17 -3.39 -32.28
C PRO E 106 14.48 -2.96 -33.54
N PHE E 107 13.78 -3.82 -34.26
CA PHE E 107 13.17 -3.33 -35.49
C PHE E 107 11.66 -3.37 -35.58
N VAL E 108 11.02 -2.19 -35.55
CA VAL E 108 9.54 -2.13 -35.72
C VAL E 108 9.25 -1.84 -37.19
N TRP E 109 8.60 -2.78 -37.89
CA TRP E 109 8.30 -2.60 -39.29
C TRP E 109 6.84 -2.29 -39.51
N GLY E 110 6.57 -1.44 -40.49
CA GLY E 110 5.21 -1.16 -40.91
C GLY E 110 4.81 -2.16 -41.99
N GLN E 111 3.78 -1.85 -42.77
CA GLN E 111 3.32 -2.83 -43.76
C GLN E 111 3.85 -2.42 -45.12
N GLY E 112 3.96 -1.13 -45.29
CA GLY E 112 4.42 -0.51 -46.50
C GLY E 112 3.35 -0.28 -47.54
N THR E 113 3.73 0.41 -48.59
CA THR E 113 2.82 0.67 -49.68
C THR E 113 3.58 0.71 -50.98
N LEU E 114 2.91 0.34 -52.06
CA LEU E 114 3.58 0.29 -53.34
C LEU E 114 3.54 1.56 -54.15
N VAL E 115 4.72 1.97 -54.56
CA VAL E 115 4.90 3.09 -55.43
C VAL E 115 5.36 2.56 -56.77
N THR E 116 4.55 2.80 -57.79
CA THR E 116 4.87 2.28 -59.12
C THR E 116 5.12 3.36 -60.10
N VAL E 117 6.22 3.27 -60.81
CA VAL E 117 6.49 4.25 -61.82
C VAL E 117 6.47 3.57 -63.17
N SER E 118 5.55 3.98 -64.04
CA SER E 118 5.43 3.31 -65.33
C SER E 118 4.63 4.11 -66.37
N SER E 119 4.69 3.69 -67.66
CA SER E 119 3.96 4.27 -68.79
C SER E 119 2.87 3.29 -69.27
N GLU F 1 29.09 3.69 -45.95
CA GLU F 1 30.45 3.37 -46.44
C GLU F 1 30.92 1.93 -46.08
N ILE F 2 30.03 1.10 -45.50
CA ILE F 2 30.29 -0.28 -45.09
C ILE F 2 29.70 -1.21 -46.11
N VAL F 3 30.53 -2.06 -46.69
CA VAL F 3 30.06 -2.97 -47.73
C VAL F 3 30.12 -4.41 -47.30
N LEU F 4 28.98 -5.08 -47.34
CA LEU F 4 28.93 -6.46 -46.90
C LEU F 4 28.94 -7.43 -48.05
N THR F 5 29.67 -8.52 -47.88
CA THR F 5 29.70 -9.57 -48.88
C THR F 5 29.24 -10.89 -48.33
N GLN F 6 28.29 -11.53 -48.99
CA GLN F 6 27.82 -12.83 -48.56
C GLN F 6 28.40 -13.91 -49.42
N SER F 7 28.50 -15.08 -48.83
CA SER F 7 28.97 -16.21 -49.61
C SER F 7 28.59 -17.57 -49.02
N PRO F 8 28.50 -18.61 -49.85
CA PRO F 8 28.62 -18.68 -51.31
C PRO F 8 27.38 -18.05 -51.85
N SER F 9 27.40 -17.52 -53.07
CA SER F 9 26.17 -16.90 -53.58
C SER F 9 25.08 -17.92 -53.74
N THR F 10 25.46 -19.14 -54.09
CA THR F 10 24.50 -20.20 -54.20
C THR F 10 25.00 -21.43 -53.48
N LEU F 11 24.09 -22.14 -52.88
CA LEU F 11 24.38 -23.41 -52.23
C LEU F 11 23.18 -24.30 -52.37
N SER F 12 23.40 -25.58 -52.55
CA SER F 12 22.27 -26.48 -52.59
C SER F 12 22.31 -27.41 -51.40
N ALA F 13 21.17 -27.92 -51.02
CA ALA F 13 21.10 -28.77 -49.85
C ALA F 13 19.99 -29.78 -49.88
N SER F 14 20.14 -30.80 -49.06
CA SER F 14 19.11 -31.80 -48.91
C SER F 14 18.21 -31.36 -47.78
N VAL F 15 17.02 -31.90 -47.75
CA VAL F 15 16.14 -31.56 -46.65
C VAL F 15 16.64 -32.27 -45.42
N GLY F 16 16.76 -31.50 -44.36
CA GLY F 16 17.22 -31.94 -43.08
C GLY F 16 18.73 -31.76 -42.91
N ASP F 17 19.40 -31.32 -43.97
CA ASP F 17 20.84 -31.13 -43.97
C ASP F 17 21.24 -29.91 -43.18
N ARG F 18 22.50 -29.86 -42.76
CA ARG F 18 23.00 -28.72 -42.02
C ARG F 18 23.67 -27.74 -42.94
N VAL F 19 23.22 -26.50 -42.91
CA VAL F 19 23.84 -25.56 -43.82
C VAL F 19 24.26 -24.31 -43.11
N THR F 20 25.29 -23.68 -43.64
CA THR F 20 25.73 -22.41 -43.11
C THR F 20 25.99 -21.47 -44.24
N ILE F 21 25.81 -20.20 -43.99
CA ILE F 21 26.17 -19.17 -44.95
C ILE F 21 26.98 -18.13 -44.22
N THR F 22 27.74 -17.33 -44.95
CA THR F 22 28.46 -16.26 -44.26
C THR F 22 28.18 -14.88 -44.82
N CYS F 23 28.69 -13.87 -44.09
CA CYS F 23 28.64 -12.45 -44.36
C CYS F 23 29.93 -11.81 -43.84
N ARG F 24 30.58 -11.08 -44.69
CA ARG F 24 31.83 -10.46 -44.31
C ARG F 24 31.75 -8.97 -44.42
N ALA F 25 32.07 -8.33 -43.32
CA ALA F 25 32.04 -6.89 -43.28
C ALA F 25 33.40 -6.36 -43.64
N SER F 26 33.40 -5.10 -44.02
CA SER F 26 34.57 -4.33 -44.32
C SER F 26 34.99 -3.64 -43.03
N GLN F 27 34.34 -2.55 -42.66
CA GLN F 27 34.68 -1.98 -41.36
C GLN F 27 34.00 -2.88 -40.34
N SER F 28 34.19 -2.61 -39.06
CA SER F 28 33.51 -3.41 -38.05
C SER F 28 32.10 -2.95 -37.85
N ILE F 29 31.23 -3.90 -37.60
CA ILE F 29 29.86 -3.56 -37.34
C ILE F 29 29.47 -4.03 -35.96
N ASN F 30 30.49 -4.33 -35.16
CA ASN F 30 30.31 -4.88 -33.84
C ASN F 30 29.47 -6.10 -34.03
N ASN F 31 28.40 -6.25 -33.28
CA ASN F 31 27.53 -7.39 -33.46
C ASN F 31 26.22 -6.96 -34.03
N TRP F 32 26.18 -5.81 -34.68
CA TRP F 32 24.95 -5.30 -35.23
C TRP F 32 24.70 -5.73 -36.65
N LEU F 33 24.54 -7.04 -36.80
CA LEU F 33 24.21 -7.63 -38.07
C LEU F 33 22.81 -8.19 -37.94
N ALA F 34 22.00 -8.05 -38.97
CA ALA F 34 20.70 -8.66 -39.00
C ALA F 34 20.58 -9.59 -40.18
N TRP F 35 19.75 -10.61 -40.05
CA TRP F 35 19.52 -11.53 -41.16
C TRP F 35 18.06 -11.62 -41.53
N TYR F 36 17.80 -11.73 -42.84
CA TYR F 36 16.45 -11.85 -43.37
C TYR F 36 16.24 -13.06 -44.24
N GLN F 37 15.02 -13.60 -44.20
CA GLN F 37 14.64 -14.72 -45.06
C GLN F 37 13.64 -14.27 -46.10
N GLU F 38 14.03 -14.32 -47.36
CA GLU F 38 13.14 -13.87 -48.42
C GLU F 38 12.53 -15.00 -49.22
N LYS F 39 11.21 -15.04 -49.23
CA LYS F 39 10.51 -16.04 -49.99
C LYS F 39 9.94 -15.33 -51.20
N PRO F 40 9.77 -15.99 -52.33
CA PRO F 40 9.19 -15.39 -53.50
C PRO F 40 7.83 -14.85 -53.20
N GLY F 41 7.58 -13.62 -53.62
CA GLY F 41 6.27 -13.01 -53.43
C GLY F 41 6.04 -12.40 -52.05
N LYS F 42 7.02 -12.48 -51.15
CA LYS F 42 6.80 -11.95 -49.83
C LYS F 42 7.84 -10.93 -49.43
N ALA F 43 7.49 -10.04 -48.51
CA ALA F 43 8.47 -9.15 -47.96
C ALA F 43 9.42 -10.00 -47.13
N PRO F 44 10.70 -9.70 -47.03
CA PRO F 44 11.64 -10.43 -46.21
C PRO F 44 11.26 -10.42 -44.76
N LYS F 45 11.43 -11.57 -44.13
CA LYS F 45 11.15 -11.69 -42.72
C LYS F 45 12.42 -11.54 -41.94
N LEU F 46 12.40 -10.75 -40.89
CA LEU F 46 13.59 -10.63 -40.07
C LEU F 46 13.73 -11.90 -39.25
N LEU F 47 14.89 -12.52 -39.29
CA LEU F 47 15.08 -13.73 -38.53
C LEU F 47 15.92 -13.55 -37.30
N ILE F 48 17.04 -12.87 -37.51
CA ILE F 48 18.06 -12.67 -36.49
C ILE F 48 18.51 -11.23 -36.45
N ASN F 49 18.81 -10.74 -35.26
CA ASN F 49 19.38 -9.41 -35.15
C ASN F 49 20.47 -9.44 -34.10
N LYS F 50 21.22 -8.36 -33.96
CA LYS F 50 22.29 -8.32 -32.98
C LYS F 50 23.18 -9.57 -33.16
N ALA F 51 23.52 -9.92 -34.41
CA ALA F 51 24.38 -11.03 -34.80
C ALA F 51 23.79 -12.41 -34.55
N SER F 52 23.43 -12.71 -33.30
CA SER F 52 22.91 -14.01 -32.92
C SER F 52 21.61 -14.02 -32.12
N SER F 53 20.91 -12.90 -31.99
CA SER F 53 19.68 -12.92 -31.21
C SER F 53 18.52 -13.34 -32.09
N LEU F 54 17.90 -14.46 -31.75
CA LEU F 54 16.84 -14.97 -32.59
C LEU F 54 15.58 -14.12 -32.40
N GLU F 55 14.95 -13.73 -33.51
CA GLU F 55 13.75 -12.90 -33.47
C GLU F 55 12.51 -13.70 -33.07
N SER F 56 11.53 -12.99 -32.54
CA SER F 56 10.32 -13.64 -32.11
C SER F 56 9.62 -14.32 -33.25
N GLY F 57 9.15 -15.55 -32.99
CA GLY F 57 8.41 -16.31 -33.97
C GLY F 57 9.31 -17.08 -34.94
N VAL F 58 10.62 -17.01 -34.74
CA VAL F 58 11.52 -17.69 -35.63
C VAL F 58 11.93 -19.01 -35.01
N PRO F 59 11.85 -20.12 -35.73
CA PRO F 59 12.21 -21.44 -35.25
C PRO F 59 13.63 -21.52 -34.72
N SER F 60 13.79 -22.35 -33.69
CA SER F 60 15.03 -22.58 -32.95
C SER F 60 16.14 -23.21 -33.77
N ARG F 61 15.79 -23.73 -34.93
CA ARG F 61 16.78 -24.31 -35.82
C ARG F 61 17.67 -23.25 -36.42
N PHE F 62 17.26 -21.98 -36.34
CA PHE F 62 18.08 -20.89 -36.85
C PHE F 62 19.02 -20.34 -35.79
N SER F 63 20.23 -20.05 -36.21
CA SER F 63 21.21 -19.43 -35.33
C SER F 63 22.18 -18.60 -36.12
N GLY F 64 23.21 -18.13 -35.45
CA GLY F 64 24.21 -17.27 -36.09
C GLY F 64 25.26 -16.77 -35.12
N SER F 65 26.23 -16.05 -35.66
CA SER F 65 27.33 -15.53 -34.87
C SER F 65 28.10 -14.40 -35.52
N GLY F 66 29.13 -13.96 -34.81
CA GLY F 66 30.06 -12.90 -35.22
C GLY F 66 29.87 -11.61 -34.43
N SER F 67 30.97 -10.92 -34.17
CA SER F 67 30.93 -9.67 -33.41
C SER F 67 31.91 -8.61 -33.91
N GLY F 68 32.54 -8.87 -35.04
CA GLY F 68 33.52 -8.00 -35.65
C GLY F 68 33.19 -7.81 -37.12
N THR F 69 33.97 -8.49 -37.95
CA THR F 69 33.74 -8.49 -39.38
C THR F 69 33.32 -9.85 -39.94
N GLU F 70 33.51 -10.94 -39.20
CA GLU F 70 33.14 -12.26 -39.71
C GLU F 70 31.85 -12.75 -39.06
N PHE F 71 30.83 -12.97 -39.88
CA PHE F 71 29.53 -13.39 -39.42
C PHE F 71 28.97 -14.61 -40.09
N THR F 72 28.04 -15.25 -39.40
CA THR F 72 27.36 -16.39 -39.99
C THR F 72 25.94 -16.58 -39.55
N LEU F 73 25.20 -17.27 -40.41
CA LEU F 73 23.85 -17.74 -40.17
C LEU F 73 23.87 -19.22 -40.39
N THR F 74 23.23 -19.95 -39.50
CA THR F 74 23.21 -21.38 -39.66
C THR F 74 21.84 -21.96 -39.50
N ILE F 75 21.62 -23.08 -40.15
CA ILE F 75 20.39 -23.84 -39.96
C ILE F 75 20.81 -25.24 -39.56
N THR F 76 20.36 -25.71 -38.41
CA THR F 76 20.82 -27.02 -37.92
C THR F 76 20.37 -28.19 -38.75
N SER F 77 19.17 -28.09 -39.28
CA SER F 77 18.56 -29.11 -40.12
C SER F 77 17.53 -28.41 -40.99
N LEU F 78 17.85 -28.25 -42.25
CA LEU F 78 17.08 -27.48 -43.20
C LEU F 78 15.70 -28.03 -43.46
N GLN F 79 14.69 -27.17 -43.38
CA GLN F 79 13.35 -27.64 -43.63
C GLN F 79 12.93 -27.27 -45.04
N PRO F 80 11.90 -27.89 -45.62
CA PRO F 80 11.37 -27.56 -46.93
C PRO F 80 10.92 -26.12 -47.00
N ASP F 81 10.65 -25.54 -45.84
CA ASP F 81 10.19 -24.17 -45.74
C ASP F 81 11.33 -23.17 -45.63
N ASP F 82 12.57 -23.65 -45.64
CA ASP F 82 13.71 -22.76 -45.51
C ASP F 82 14.47 -22.51 -46.80
N PHE F 83 13.90 -22.91 -47.91
CA PHE F 83 14.60 -22.65 -49.15
C PHE F 83 14.18 -21.25 -49.51
N ALA F 84 15.14 -20.37 -49.37
CA ALA F 84 14.94 -18.95 -49.45
C ALA F 84 16.22 -18.25 -49.78
N THR F 85 16.10 -16.99 -50.18
CA THR F 85 17.28 -16.20 -50.34
C THR F 85 17.52 -15.54 -49.00
N TYR F 86 18.73 -15.64 -48.50
CA TYR F 86 19.01 -15.03 -47.22
C TYR F 86 19.87 -13.81 -47.37
N TYR F 87 19.56 -12.78 -46.61
CA TYR F 87 20.33 -11.56 -46.68
C TYR F 87 20.87 -11.15 -45.34
N CYS F 88 22.09 -10.54 -45.33
CA CYS F 88 22.68 -9.96 -44.14
C CYS F 88 22.57 -8.43 -44.25
N GLN F 89 22.39 -7.78 -43.11
CA GLN F 89 22.29 -6.34 -43.00
C GLN F 89 23.11 -5.77 -41.89
N GLN F 90 23.85 -4.71 -42.14
CA GLN F 90 24.57 -4.11 -41.04
C GLN F 90 23.88 -2.83 -40.68
N TYR F 91 23.83 -2.55 -39.39
CA TYR F 91 23.20 -1.33 -38.93
C TYR F 91 24.04 -0.52 -37.94
N ASN F 92 25.34 -0.37 -38.25
CA ASN F 92 26.27 0.36 -37.42
C ASN F 92 26.67 1.70 -38.05
N SER F 93 25.84 2.18 -38.98
CA SER F 93 26.10 3.43 -39.71
C SER F 93 24.98 4.47 -39.83
N ASN F 94 23.73 4.07 -39.54
CA ASN F 94 22.52 4.87 -39.82
C ASN F 94 22.26 5.00 -41.33
N SER F 95 22.98 4.20 -42.11
CA SER F 95 22.88 4.09 -43.55
C SER F 95 23.08 2.63 -43.80
N TRP F 96 21.99 1.91 -43.76
CA TRP F 96 22.07 0.47 -43.68
C TRP F 96 22.58 -0.14 -44.95
N THR F 97 23.33 -1.20 -44.79
CA THR F 97 23.85 -1.89 -45.94
C THR F 97 23.36 -3.30 -45.94
N PHE F 98 22.91 -3.75 -47.09
CA PHE F 98 22.50 -5.12 -47.22
C PHE F 98 23.51 -5.80 -48.12
N GLY F 99 23.75 -7.09 -47.90
CA GLY F 99 24.64 -7.84 -48.76
C GLY F 99 23.87 -8.21 -50.01
N GLN F 100 24.50 -8.92 -50.94
CA GLN F 100 23.81 -9.27 -52.16
C GLN F 100 22.85 -10.45 -52.00
N GLY F 101 23.01 -11.17 -50.90
CA GLY F 101 22.20 -12.33 -50.61
C GLY F 101 22.77 -13.66 -51.09
N THR F 102 22.36 -14.74 -50.44
CA THR F 102 22.75 -16.08 -50.88
C THR F 102 21.50 -16.89 -51.03
N LYS F 103 21.52 -17.85 -51.97
CA LYS F 103 20.27 -18.62 -52.24
C LYS F 103 20.47 -20.10 -51.92
N VAL F 104 19.58 -20.67 -51.09
CA VAL F 104 19.62 -22.08 -50.83
C VAL F 104 18.66 -22.80 -51.77
N ASP F 105 19.21 -23.69 -52.58
CA ASP F 105 18.46 -24.49 -53.55
C ASP F 105 18.30 -25.90 -53.06
N MET F 106 17.29 -26.60 -53.54
CA MET F 106 17.19 -27.99 -53.16
C MET F 106 17.92 -28.84 -54.19
N LYS F 107 18.64 -29.90 -53.74
CA LYS F 107 19.33 -30.88 -54.61
C LYS F 107 18.75 -32.26 -54.34
N THR G 59 6.99 -23.90 42.85
CA THR G 59 7.36 -22.49 42.88
C THR G 59 6.33 -21.77 43.78
N SER G 60 5.18 -21.39 43.18
CA SER G 60 4.01 -20.74 43.75
C SER G 60 2.78 -21.31 43.06
N LEU G 61 1.88 -21.91 43.84
CA LEU G 61 0.69 -22.51 43.24
C LEU G 61 -0.55 -21.72 43.49
N TYR G 62 -1.14 -21.27 42.42
CA TYR G 62 -2.30 -20.44 42.51
C TYR G 62 -3.46 -21.37 42.68
N LYS G 63 -4.27 -21.08 43.68
CA LYS G 63 -5.39 -21.92 44.07
C LYS G 63 -4.89 -23.28 44.57
N GLY G 64 -3.57 -23.40 44.81
CA GLY G 64 -2.96 -24.63 45.27
C GLY G 64 -2.76 -25.61 44.13
N VAL G 65 -3.09 -25.17 42.91
CA VAL G 65 -3.06 -25.97 41.70
C VAL G 65 -2.18 -25.52 40.57
N TYR G 66 -2.20 -24.23 40.28
CA TYR G 66 -1.59 -23.75 39.07
C TYR G 66 -0.20 -23.16 39.29
N GLU G 67 0.82 -23.82 38.77
CA GLU G 67 2.19 -23.38 39.03
C GLU G 67 2.76 -22.37 38.05
N LEU G 68 3.35 -21.29 38.56
CA LEU G 68 4.02 -20.38 37.62
C LEU G 68 5.39 -20.88 37.27
N GLN G 69 5.70 -20.83 36.00
CA GLN G 69 6.98 -21.24 35.48
C GLN G 69 7.26 -20.23 34.43
N THR G 70 8.48 -20.03 34.00
CA THR G 70 8.58 -18.99 32.99
C THR G 70 9.24 -19.36 31.71
N LEU G 71 8.87 -18.59 30.71
CA LEU G 71 9.52 -18.66 29.43
C LEU G 71 10.31 -17.43 29.23
N GLU G 72 11.43 -17.55 28.55
CA GLU G 72 12.17 -16.39 28.14
C GLU G 72 12.53 -16.68 26.70
N LEU G 73 12.21 -15.75 25.81
CA LEU G 73 12.39 -16.03 24.39
C LEU G 73 13.74 -15.65 23.86
N ASN G 74 14.26 -16.48 22.97
CA ASN G 74 15.51 -16.20 22.32
C ASN G 74 15.27 -15.57 20.98
N MET G 75 15.34 -14.27 20.92
CA MET G 75 14.94 -13.61 19.69
C MET G 75 16.10 -13.54 18.72
N GLU G 76 17.22 -14.14 19.07
CA GLU G 76 18.38 -14.15 18.21
C GLU G 76 18.08 -14.99 16.99
N THR G 77 17.11 -15.89 17.08
CA THR G 77 16.81 -16.80 15.98
C THR G 77 16.07 -16.09 14.88
N LEU G 78 15.67 -14.86 15.16
CA LEU G 78 14.98 -13.98 14.25
C LEU G 78 15.94 -13.01 13.50
N ASN G 79 17.30 -13.17 13.58
CA ASN G 79 18.29 -12.27 12.94
C ASN G 79 18.13 -12.15 11.41
N MET G 80 17.70 -13.24 10.72
CA MET G 80 17.43 -13.26 9.27
C MET G 80 15.97 -12.86 9.22
N THR G 81 15.53 -12.14 8.19
CA THR G 81 14.16 -11.66 8.03
C THR G 81 13.81 -10.45 8.90
N MET G 82 14.63 -10.06 9.88
CA MET G 82 14.32 -8.83 10.62
C MET G 82 15.52 -8.38 11.43
N PRO G 83 15.83 -7.09 11.49
CA PRO G 83 16.93 -6.56 12.24
C PRO G 83 16.64 -6.65 13.70
N LEU G 84 17.68 -6.79 14.51
CA LEU G 84 17.50 -6.80 15.94
C LEU G 84 18.15 -5.62 16.60
N SER G 85 17.48 -5.01 17.56
CA SER G 85 18.06 -3.90 18.31
C SER G 85 18.65 -4.39 19.64
N CYS G 86 19.95 -4.13 19.82
CA CYS G 86 20.85 -4.53 20.90
C CYS G 86 21.33 -3.36 21.75
N THR G 87 21.51 -3.58 23.06
CA THR G 87 22.08 -2.56 23.93
C THR G 87 23.37 -3.05 24.56
N LYS G 88 24.42 -2.23 24.49
CA LYS G 88 25.68 -2.63 25.05
C LYS G 88 26.05 -1.90 26.34
N ASN G 89 26.35 -0.57 26.30
CA ASN G 89 26.86 0.14 27.49
C ASN G 89 26.49 1.63 27.51
N ASN G 90 25.19 1.94 27.61
CA ASN G 90 24.57 3.29 27.74
C ASN G 90 24.76 4.23 26.56
N SER G 91 25.99 4.43 26.14
CA SER G 91 26.24 5.30 25.01
C SER G 91 26.23 4.55 23.70
N HIS G 92 26.28 3.23 23.74
CA HIS G 92 26.36 2.45 22.50
C HIS G 92 25.28 1.40 22.39
N HIS G 93 24.60 1.47 21.24
CA HIS G 93 23.51 0.57 20.86
C HIS G 93 23.77 0.08 19.46
N TYR G 94 23.27 -1.09 19.14
CA TYR G 94 23.51 -1.66 17.84
C TYR G 94 22.30 -2.23 17.15
N ILE G 95 22.32 -2.18 15.83
CA ILE G 95 21.33 -2.88 15.06
C ILE G 95 22.05 -3.90 14.23
N MET G 96 21.64 -5.14 14.34
CA MET G 96 22.31 -6.17 13.58
C MET G 96 21.41 -6.78 12.53
N VAL G 97 21.98 -7.05 11.36
CA VAL G 97 21.26 -7.72 10.29
C VAL G 97 21.92 -9.06 9.95
N GLY G 98 21.14 -10.13 10.13
CA GLY G 98 21.61 -11.48 9.90
C GLY G 98 22.83 -11.62 10.78
N ASN G 99 23.89 -12.21 10.22
CA ASN G 99 25.19 -12.38 10.85
C ASN G 99 26.31 -11.84 9.92
N GLU G 100 26.05 -10.67 9.26
CA GLU G 100 27.03 -10.02 8.37
C GLU G 100 27.24 -8.57 8.68
N THR G 101 26.19 -7.80 8.91
CA THR G 101 26.42 -6.39 9.06
C THR G 101 25.58 -5.75 10.12
N GLY G 102 25.74 -4.45 10.26
CA GLY G 102 25.00 -3.72 11.27
C GLY G 102 25.41 -2.26 11.38
N LEU G 103 24.71 -1.58 12.28
CA LEU G 103 24.88 -0.17 12.55
C LEU G 103 25.11 0.12 14.00
N GLU G 104 26.12 0.93 14.28
CA GLU G 104 26.42 1.35 15.63
C GLU G 104 25.79 2.70 15.87
N LEU G 105 25.06 2.84 16.96
CA LEU G 105 24.41 4.09 17.29
C LEU G 105 25.04 4.62 18.55
N THR G 106 25.78 5.71 18.44
CA THR G 106 26.50 6.22 19.58
C THR G 106 26.09 7.59 20.02
N LEU G 107 25.91 7.74 21.31
CA LEU G 107 25.65 9.06 21.86
C LEU G 107 27.00 9.56 22.33
N THR G 108 27.43 10.66 21.75
CA THR G 108 28.74 11.23 22.05
C THR G 108 28.81 12.74 22.24
N ASN G 109 29.96 13.27 22.71
CA ASN G 109 30.16 14.75 22.77
C ASN G 109 31.16 15.13 21.67
N THR G 110 31.66 14.15 20.91
CA THR G 110 32.63 14.34 19.82
C THR G 110 31.95 14.28 18.47
N SER G 111 32.51 14.98 17.49
CA SER G 111 31.99 14.97 16.13
C SER G 111 32.83 14.08 15.25
N ILE G 112 32.23 13.46 14.24
CA ILE G 112 33.04 12.70 13.31
C ILE G 112 33.13 13.44 11.98
N ILE G 113 32.04 14.08 11.58
CA ILE G 113 31.98 14.81 10.33
C ILE G 113 31.42 16.19 10.59
N ASN G 114 31.80 17.16 9.77
CA ASN G 114 31.24 18.49 9.91
C ASN G 114 31.21 19.22 8.59
N HIS G 115 30.05 19.24 7.93
CA HIS G 115 30.02 19.89 6.63
C HIS G 115 28.64 20.33 6.18
N LYS G 116 27.60 19.68 6.69
CA LYS G 116 26.19 19.89 6.35
C LYS G 116 25.77 19.62 4.90
N PHE G 117 26.38 18.63 4.26
CA PHE G 117 25.97 18.23 2.91
C PHE G 117 25.59 16.77 2.85
N CYS G 118 24.34 16.41 3.26
CA CYS G 118 23.92 15.02 3.28
C CYS G 118 23.52 14.66 1.85
N ASN G 119 24.54 14.32 1.07
CA ASN G 119 24.43 14.15 -0.36
C ASN G 119 23.87 12.76 -0.71
N LEU G 120 22.56 12.60 -0.42
CA LEU G 120 21.74 11.41 -0.64
C LEU G 120 21.58 11.12 -2.10
N SER G 121 21.49 12.17 -2.91
CA SER G 121 21.32 11.98 -4.33
C SER G 121 22.50 11.22 -4.90
N ASP G 122 23.70 11.51 -4.39
CA ASP G 122 24.86 10.83 -4.91
C ASP G 122 24.88 9.44 -4.37
N ALA G 123 24.46 9.28 -3.12
CA ALA G 123 24.45 7.95 -2.55
C ALA G 123 23.55 7.03 -3.35
N HIS G 124 22.39 7.56 -3.73
CA HIS G 124 21.43 6.74 -4.54
C HIS G 124 22.05 6.46 -5.91
N LYS G 125 22.59 7.47 -6.58
CA LYS G 125 23.11 7.21 -7.92
C LYS G 125 24.24 6.22 -7.90
N LYS G 126 25.11 6.32 -6.90
CA LYS G 126 26.24 5.42 -6.80
C LYS G 126 25.79 4.02 -6.44
N ASN G 127 24.79 3.91 -5.56
CA ASN G 127 24.24 2.63 -5.16
C ASN G 127 25.31 1.66 -4.66
N LEU G 128 26.21 2.14 -3.82
CA LEU G 128 27.28 1.31 -3.30
C LEU G 128 27.02 0.88 -1.88
N TYR G 129 25.81 1.21 -1.41
CA TYR G 129 25.47 0.94 0.00
C TYR G 129 24.48 -0.22 0.12
N ASP G 130 24.73 -1.12 1.05
CA ASP G 130 23.79 -2.19 1.35
C ASP G 130 22.45 -1.63 1.75
N HIS G 131 21.46 -1.88 0.89
CA HIS G 131 20.10 -1.33 1.12
C HIS G 131 19.57 -1.78 2.49
N ALA G 132 19.96 -2.97 2.95
CA ALA G 132 19.35 -3.39 4.19
C ALA G 132 19.56 -2.32 5.23
N LEU G 133 20.70 -1.68 5.18
CA LEU G 133 20.96 -0.71 6.20
C LEU G 133 20.51 0.63 5.73
N MET G 134 20.57 0.89 4.42
CA MET G 134 20.02 2.20 3.95
C MET G 134 18.56 2.29 4.39
N SER G 135 17.83 1.17 4.29
CA SER G 135 16.43 1.13 4.67
C SER G 135 16.25 1.46 6.14
N ILE G 136 17.09 0.89 7.00
CA ILE G 136 16.99 1.16 8.42
C ILE G 136 17.26 2.62 8.70
N ILE G 137 18.29 3.17 8.07
CA ILE G 137 18.61 4.57 8.28
C ILE G 137 17.47 5.43 7.82
N SER G 138 16.86 5.09 6.69
CA SER G 138 15.76 5.90 6.26
C SER G 138 14.64 5.86 7.26
N THR G 139 14.31 4.68 7.79
CA THR G 139 13.24 4.65 8.77
C THR G 139 13.60 5.51 9.96
N PHE G 140 14.84 5.41 10.44
CA PHE G 140 15.22 6.21 11.59
C PHE G 140 14.99 7.67 11.30
N HIS G 141 15.50 8.13 10.19
CA HIS G 141 15.39 9.54 9.88
C HIS G 141 13.97 10.02 9.63
N LEU G 142 13.23 9.32 8.80
CA LEU G 142 11.91 9.76 8.41
C LEU G 142 10.97 9.77 9.58
N SER G 143 11.15 8.84 10.50
CA SER G 143 10.31 8.75 11.67
C SER G 143 10.57 9.86 12.71
N ILE G 144 11.61 10.68 12.56
CA ILE G 144 11.87 11.73 13.54
C ILE G 144 10.74 12.74 13.39
N PRO G 145 9.95 13.00 14.44
CA PRO G 145 8.83 13.88 14.36
C PRO G 145 9.28 15.29 14.27
N ASN G 146 8.48 16.09 13.58
CA ASN G 146 8.67 17.52 13.51
C ASN G 146 10.09 17.89 13.11
N PHE G 147 10.64 17.22 12.12
CA PHE G 147 11.99 17.54 11.74
C PHE G 147 11.97 18.67 10.74
N ASN G 148 12.45 19.83 11.14
CA ASN G 148 12.45 20.99 10.29
C ASN G 148 13.81 21.66 10.17
N GLN G 149 14.87 20.97 10.61
CA GLN G 149 16.21 21.55 10.56
C GLN G 149 17.21 20.67 9.86
N TYR G 150 17.42 20.93 8.60
CA TYR G 150 18.31 20.11 7.81
C TYR G 150 19.75 20.45 8.15
N GLU G 151 19.94 21.64 8.69
CA GLU G 151 21.23 22.12 9.13
C GLU G 151 21.69 21.34 10.36
N ALA G 152 20.78 20.58 10.98
CA ALA G 152 21.07 19.79 12.14
C ALA G 152 21.82 18.53 11.76
N MET G 153 21.92 18.18 10.48
CA MET G 153 22.62 16.93 10.21
C MET G 153 23.56 16.94 9.03
N SER G 154 24.61 16.14 9.18
CA SER G 154 25.60 15.89 8.13
C SER G 154 25.62 14.38 7.87
N CYS G 155 26.12 13.94 6.69
CA CYS G 155 26.23 12.53 6.32
C CYS G 155 27.51 12.31 5.52
N ASP G 156 27.89 11.06 5.39
CA ASP G 156 29.00 10.63 4.55
C ASP G 156 28.64 9.30 3.87
N PHE G 157 28.57 9.33 2.54
CA PHE G 157 28.20 8.16 1.76
C PHE G 157 29.34 7.79 0.81
N ASN G 158 30.55 8.22 1.14
CA ASN G 158 31.67 8.04 0.24
C ASN G 158 32.14 6.60 0.23
N GLY G 159 31.81 5.92 -0.87
CA GLY G 159 32.11 4.52 -0.97
C GLY G 159 31.12 3.74 -0.13
N GLY G 160 29.90 4.26 0.02
CA GLY G 160 28.96 3.60 0.89
C GLY G 160 29.47 3.96 2.25
N LYS G 161 29.80 3.00 3.11
CA LYS G 161 30.33 3.39 4.42
C LYS G 161 29.42 4.41 5.06
N ILE G 162 28.14 4.12 5.13
CA ILE G 162 27.23 5.13 5.59
C ILE G 162 27.56 5.59 7.00
N SER G 163 27.54 6.89 7.14
CA SER G 163 27.76 7.56 8.41
C SER G 163 26.86 8.78 8.49
N VAL G 164 26.01 8.80 9.52
CA VAL G 164 25.06 9.90 9.70
C VAL G 164 25.21 10.56 11.05
N GLN G 165 25.38 11.86 11.07
CA GLN G 165 25.55 12.57 12.33
C GLN G 165 24.52 13.64 12.60
N TYR G 166 23.79 13.49 13.69
CA TYR G 166 22.81 14.48 14.08
C TYR G 166 23.42 15.34 15.18
N ASN G 167 23.33 16.68 14.99
CA ASN G 167 23.89 17.66 15.95
C ASN G 167 22.79 18.10 16.92
N LEU G 168 22.59 17.35 18.00
CA LEU G 168 21.56 17.61 19.03
C LEU G 168 21.93 18.96 19.58
N SER G 169 23.18 19.37 19.38
CA SER G 169 23.63 20.70 19.85
C SER G 169 23.19 21.76 18.83
N HIS G 170 22.20 21.44 17.97
CA HIS G 170 21.71 22.50 17.08
C HIS G 170 20.96 23.55 17.90
N SER G 171 20.15 23.10 18.85
CA SER G 171 19.37 24.03 19.71
C SER G 171 20.25 24.55 20.85
N HIS G 179 13.28 24.88 25.90
CA HIS G 179 14.06 23.94 25.07
C HIS G 179 13.31 22.63 24.70
N CYS G 180 11.99 22.62 24.95
CA CYS G 180 11.17 21.41 24.65
C CYS G 180 10.71 21.46 23.20
N GLY G 181 10.39 20.30 22.62
CA GLY G 181 9.82 20.24 21.28
C GLY G 181 10.77 20.49 20.11
N THR G 182 12.06 20.59 20.35
CA THR G 182 12.97 20.87 19.24
C THR G 182 13.41 19.63 18.51
N VAL G 183 14.16 19.84 17.45
CA VAL G 183 14.60 18.75 16.61
C VAL G 183 15.47 17.81 17.38
N ALA G 184 16.33 18.34 18.20
CA ALA G 184 17.21 17.53 18.98
C ALA G 184 16.43 16.56 19.84
N ASN G 185 15.25 16.96 20.31
CA ASN G 185 14.52 16.12 21.21
C ASN G 185 13.86 15.07 20.35
N GLY G 186 13.43 15.47 19.15
CA GLY G 186 12.80 14.55 18.22
C GLY G 186 13.77 13.45 17.81
N VAL G 187 15.05 13.81 17.68
CA VAL G 187 16.05 12.83 17.31
C VAL G 187 16.17 11.83 18.44
N LEU G 188 16.20 12.31 19.67
CA LEU G 188 16.31 11.37 20.76
C LEU G 188 15.07 10.50 20.85
N GLN G 189 13.90 11.01 20.54
CA GLN G 189 12.72 10.16 20.62
C GLN G 189 12.77 9.00 19.64
N THR G 190 13.25 9.23 18.42
CA THR G 190 13.30 8.10 17.51
C THR G 190 14.27 7.10 18.06
N PHE G 191 15.41 7.60 18.55
CA PHE G 191 16.41 6.77 19.16
C PHE G 191 15.79 5.97 20.29
N MET G 192 15.03 6.64 21.13
CA MET G 192 14.43 5.99 22.26
C MET G 192 13.71 4.73 21.86
N ARG G 193 12.98 4.78 20.75
CA ARG G 193 12.24 3.62 20.30
C ARG G 193 13.12 2.61 19.58
N MET G 194 14.02 3.07 18.74
CA MET G 194 14.79 2.11 17.97
C MET G 194 15.70 1.32 18.89
N ALA G 195 16.13 1.95 19.98
CA ALA G 195 17.00 1.38 20.97
C ALA G 195 16.22 1.18 22.26
N TRP G 196 14.94 0.83 22.14
CA TRP G 196 14.04 0.68 23.29
C TRP G 196 14.62 -0.14 24.42
N GLY G 197 15.32 -1.22 24.11
CA GLY G 197 15.82 -2.05 25.20
C GLY G 197 16.89 -1.38 26.06
N GLY G 198 17.52 -0.30 25.58
CA GLY G 198 18.58 0.39 26.32
C GLY G 198 18.30 1.84 26.67
N SER G 199 17.40 2.47 25.93
CA SER G 199 17.15 3.90 26.02
C SER G 199 16.65 4.32 27.38
N TYR G 200 16.07 3.39 28.12
CA TYR G 200 15.64 3.66 29.48
C TYR G 200 16.78 4.28 30.29
N ILE G 201 18.00 3.76 30.12
CA ILE G 201 19.14 4.27 30.85
C ILE G 201 19.87 5.34 30.04
N ALA G 202 20.07 5.08 28.77
CA ALA G 202 20.87 5.98 27.96
C ALA G 202 20.36 7.42 27.95
N LEU G 203 19.05 7.62 28.02
CA LEU G 203 18.52 8.96 27.95
C LEU G 203 18.23 9.65 29.28
N ASP G 204 18.63 9.05 30.42
CA ASP G 204 18.43 9.62 31.78
C ASP G 204 16.98 9.68 32.26
N SER G 205 16.14 10.40 31.52
CA SER G 205 14.74 10.56 31.87
C SER G 205 13.99 9.32 31.43
N GLY G 206 14.24 8.24 32.15
CA GLY G 206 13.72 6.92 31.80
C GLY G 206 12.20 6.84 31.64
N CYS G 207 11.42 7.58 32.48
CA CYS G 207 9.96 7.66 32.41
C CYS G 207 9.48 8.95 33.06
N GLY G 208 8.22 9.28 32.85
CA GLY G 208 7.59 10.43 33.50
C GLY G 208 7.75 11.72 32.71
N ASN G 209 8.32 11.59 31.51
CA ASN G 209 8.56 12.74 30.68
C ASN G 209 8.42 12.42 29.21
N TRP G 210 8.06 13.45 28.48
CA TRP G 210 7.92 13.42 27.04
C TRP G 210 8.09 14.82 26.51
N ASP G 211 8.53 14.95 25.27
CA ASP G 211 8.67 16.26 24.58
C ASP G 211 9.89 17.07 25.09
N CYS G 212 9.97 17.27 26.42
CA CYS G 212 11.01 18.00 27.15
C CYS G 212 12.14 17.02 27.54
N ILE G 213 12.64 16.30 26.53
CA ILE G 213 13.68 15.30 26.74
C ILE G 213 15.00 15.62 26.08
N MET G 214 16.06 15.59 26.88
CA MET G 214 17.40 15.81 26.39
C MET G 214 18.39 15.02 27.24
N THR G 215 19.52 14.69 26.64
CA THR G 215 20.60 13.97 27.28
C THR G 215 21.86 14.78 27.37
N SER G 216 22.91 14.17 27.92
CA SER G 216 24.19 14.83 28.14
C SER G 216 25.08 14.92 26.92
N TYR G 217 24.71 14.20 25.89
CA TYR G 217 25.49 14.08 24.68
C TYR G 217 25.15 15.16 23.66
N GLN G 218 26.11 15.50 22.80
CA GLN G 218 25.88 16.52 21.79
C GLN G 218 25.50 15.96 20.43
N TYR G 219 25.89 14.72 20.18
CA TYR G 219 25.65 14.12 18.89
C TYR G 219 25.08 12.73 18.97
N LEU G 220 24.25 12.40 17.99
CA LEU G 220 23.82 11.03 17.76
C LEU G 220 24.42 10.58 16.48
N ILE G 221 25.33 9.65 16.58
CA ILE G 221 26.02 9.20 15.41
C ILE G 221 25.75 7.77 15.05
N ILE G 222 25.31 7.56 13.82
CA ILE G 222 25.01 6.23 13.38
C ILE G 222 26.02 5.82 12.32
N GLN G 223 26.72 4.74 12.55
CA GLN G 223 27.74 4.32 11.60
C GLN G 223 27.67 2.85 11.17
N ASN G 224 28.15 2.60 9.94
CA ASN G 224 28.35 1.28 9.36
C ASN G 224 29.39 0.48 10.15
N THR G 225 29.02 -0.74 10.60
CA THR G 225 29.86 -1.64 11.40
C THR G 225 29.60 -3.10 11.06
N THR G 226 30.05 -3.97 11.94
CA THR G 226 29.91 -5.41 11.80
C THR G 226 28.82 -5.95 12.68
N TRP G 227 28.65 -7.26 12.68
CA TRP G 227 27.57 -7.88 13.46
C TRP G 227 28.11 -8.55 14.71
N GLU G 228 29.42 -8.59 14.86
CA GLU G 228 30.05 -9.33 15.94
C GLU G 228 30.12 -8.56 17.24
N ASP G 229 29.65 -7.33 17.26
CA ASP G 229 29.70 -6.61 18.50
C ASP G 229 28.47 -7.06 19.27
N HIS G 230 28.71 -7.85 20.30
CA HIS G 230 27.65 -8.49 21.06
C HIS G 230 27.10 -7.64 22.19
N CYS G 231 25.83 -7.91 22.49
CA CYS G 231 25.12 -7.15 23.55
C CYS G 231 25.78 -7.38 24.90
N GLN G 232 25.33 -6.62 25.89
CA GLN G 232 25.84 -6.76 27.27
C GLN G 232 24.75 -6.33 28.22
N PHE G 233 24.04 -5.26 27.87
CA PHE G 233 23.09 -4.73 28.81
C PHE G 233 21.80 -5.48 28.73
N SER G 234 21.32 -5.66 27.49
CA SER G 234 20.02 -6.33 27.27
C SER G 234 20.06 -7.15 25.98
N ARG G 235 19.23 -8.20 25.90
CA ARG G 235 19.16 -9.06 24.73
C ARG G 235 18.66 -8.31 23.54
N PRO G 236 19.04 -8.73 22.33
CA PRO G 236 18.58 -8.14 21.12
C PRO G 236 17.12 -8.45 20.93
N SER G 237 16.40 -7.53 20.31
CA SER G 237 14.99 -7.70 19.99
C SER G 237 14.56 -6.92 18.76
N PRO G 238 13.74 -7.49 17.88
CA PRO G 238 13.23 -6.89 16.67
C PRO G 238 12.16 -5.86 16.92
N ILE G 239 11.68 -5.77 18.15
CA ILE G 239 10.54 -4.92 18.41
C ILE G 239 10.77 -3.45 18.12
N GLY G 240 11.93 -2.90 18.45
CA GLY G 240 12.13 -1.47 18.22
C GLY G 240 11.93 -1.13 16.75
N TYR G 241 12.67 -1.82 15.89
CA TYR G 241 12.58 -1.59 14.47
C TYR G 241 11.20 -1.83 13.95
N LEU G 242 10.59 -2.95 14.32
CA LEU G 242 9.30 -3.25 13.76
C LEU G 242 8.27 -2.21 14.20
N GLY G 243 8.35 -1.76 15.44
CA GLY G 243 7.42 -0.77 15.94
C GLY G 243 7.49 0.53 15.16
N LEU G 244 8.69 0.91 14.74
CA LEU G 244 8.89 2.12 13.97
C LEU G 244 8.49 1.99 12.53
N LEU G 245 8.11 0.80 12.10
CA LEU G 245 7.68 0.67 10.75
C LEU G 245 6.25 1.08 10.64
N SER G 246 5.50 1.06 11.74
CA SER G 246 4.10 1.36 11.56
C SER G 246 3.86 2.80 11.18
N GLN G 247 4.49 3.70 11.91
CA GLN G 247 4.30 5.11 11.67
C GLN G 247 5.60 5.77 11.22
N ARG G 248 5.78 5.91 9.91
CA ARG G 248 7.01 6.45 9.34
C ARG G 248 6.83 7.84 8.77
N THR G 249 5.57 8.22 8.56
CA THR G 249 5.18 9.47 7.91
C THR G 249 4.35 10.41 8.78
N ARG G 250 4.30 10.15 10.08
CA ARG G 250 3.51 10.99 10.96
C ARG G 250 4.35 12.12 11.48
N ASP G 251 3.71 13.21 11.91
CA ASP G 251 4.45 14.36 12.50
C ASP G 251 5.43 14.92 11.47
N ILE G 252 5.00 15.01 10.21
CA ILE G 252 5.86 15.53 9.12
C ILE G 252 5.32 16.90 8.69
N TYR G 253 6.20 17.90 8.66
CA TYR G 253 5.80 19.26 8.23
C TYR G 253 5.53 19.21 6.72
N ILE G 254 4.84 20.23 6.21
CA ILE G 254 4.52 20.27 4.78
C ILE G 254 5.78 20.49 3.91
N SER G 255 6.66 21.47 4.29
CA SER G 255 7.90 21.86 3.59
C SER G 255 7.70 21.95 2.06
N GLY H 1 -3.97 -2.87 10.42
CA GLY H 1 -4.43 -4.24 10.09
C GLY H 1 -4.53 -5.10 11.33
N THR H 2 -5.38 -6.13 11.30
CA THR H 2 -5.54 -7.05 12.44
C THR H 2 -4.58 -8.16 12.23
N PHE H 3 -4.44 -9.03 13.21
CA PHE H 3 -3.62 -10.17 12.92
C PHE H 3 -4.39 -10.93 11.88
N THR H 4 -3.69 -11.41 10.87
CA THR H 4 -4.31 -12.29 9.89
C THR H 4 -3.56 -13.60 9.72
N TRP H 5 -2.31 -13.64 10.16
CA TRP H 5 -1.58 -14.88 10.05
C TRP H 5 -2.19 -15.86 11.03
N THR H 6 -2.35 -17.10 10.60
CA THR H 6 -2.86 -18.15 11.47
C THR H 6 -1.70 -19.07 11.77
N LEU H 7 -1.55 -19.41 13.04
CA LEU H 7 -0.43 -20.23 13.45
C LEU H 7 -0.48 -21.57 12.75
N SER H 8 0.69 -22.04 12.34
CA SER H 8 0.81 -23.33 11.66
C SER H 8 0.70 -24.47 12.67
N ASP H 9 0.49 -25.73 12.20
CA ASP H 9 0.40 -26.95 13.03
C ASP H 9 1.68 -27.13 13.88
N GLY H 18 -2.48 -27.61 19.40
CA GLY H 18 -1.24 -28.35 19.39
C GLY H 18 -0.16 -27.54 18.66
N TYR H 19 0.73 -26.89 19.44
CA TYR H 19 1.82 -26.03 18.94
C TYR H 19 2.98 -26.10 19.93
N CYS H 20 4.25 -26.21 19.45
CA CYS H 20 5.45 -26.29 20.29
C CYS H 20 6.43 -25.18 19.95
N LEU H 21 7.21 -24.79 20.96
CA LEU H 21 8.26 -23.81 20.75
C LEU H 21 9.58 -24.52 20.72
N THR H 22 10.20 -24.57 19.55
CA THR H 22 11.45 -25.32 19.42
C THR H 22 12.45 -24.93 20.47
N ARG H 23 13.22 -25.90 20.95
CA ARG H 23 14.21 -25.62 22.03
C ARG H 23 15.19 -24.53 21.55
N TRP H 24 15.32 -24.35 20.24
CA TRP H 24 16.25 -23.41 19.71
C TRP H 24 15.80 -21.98 19.81
N MET H 25 14.53 -21.74 20.13
CA MET H 25 14.03 -20.38 20.23
C MET H 25 13.86 -19.99 21.69
N LEU H 26 14.30 -20.85 22.60
CA LEU H 26 14.04 -20.58 24.04
C LEU H 26 15.36 -20.37 24.80
N ILE H 27 15.42 -19.33 25.64
CA ILE H 27 16.63 -19.09 26.47
C ILE H 27 16.72 -20.22 27.49
N GLU H 28 15.59 -20.53 28.13
CA GLU H 28 15.54 -21.66 29.10
C GLU H 28 15.76 -22.97 28.34
N ALA H 29 16.50 -23.91 28.93
CA ALA H 29 16.79 -25.20 28.27
C ALA H 29 15.50 -26.02 28.17
N GLU H 30 15.37 -26.86 27.13
CA GLU H 30 14.20 -27.76 26.98
C GLU H 30 13.03 -27.02 26.33
N LEU H 31 12.70 -27.37 25.09
CA LEU H 31 11.52 -26.77 24.39
C LEU H 31 10.25 -27.09 25.19
N LYS H 32 9.19 -26.30 25.01
CA LYS H 32 7.90 -26.56 25.70
C LYS H 32 6.75 -26.61 24.69
N CYS H 33 5.69 -27.37 25.00
CA CYS H 33 4.51 -27.43 24.13
C CYS H 33 3.23 -26.95 24.78
N PHE H 34 2.34 -26.46 23.94
CA PHE H 34 1.03 -25.99 24.30
C PHE H 34 -0.06 -26.77 23.61
N GLY H 35 -1.23 -26.81 24.24
CA GLY H 35 -2.35 -27.51 23.64
C GLY H 35 -3.16 -26.65 22.69
N ASN H 36 -4.31 -27.21 22.30
CA ASN H 36 -5.18 -26.56 21.35
C ASN H 36 -5.75 -25.26 21.86
N THR H 37 -5.93 -25.17 23.17
CA THR H 37 -6.50 -23.97 23.73
C THR H 37 -5.64 -22.76 23.45
N ALA H 38 -4.34 -22.88 23.65
CA ALA H 38 -3.46 -21.75 23.43
C ALA H 38 -3.48 -21.35 21.97
N VAL H 39 -3.52 -22.35 21.10
CA VAL H 39 -3.50 -22.02 19.69
C VAL H 39 -4.77 -21.30 19.32
N ALA H 40 -5.90 -21.80 19.80
CA ALA H 40 -7.15 -21.18 19.48
C ALA H 40 -7.22 -19.76 19.98
N LYS H 41 -6.70 -19.51 21.17
CA LYS H 41 -6.77 -18.14 21.67
C LYS H 41 -6.02 -17.14 20.78
N CYS H 42 -4.87 -17.52 20.20
CA CYS H 42 -4.06 -16.65 19.34
C CYS H 42 -4.77 -16.32 18.03
N ASN H 43 -5.83 -17.05 17.70
CA ASN H 43 -6.55 -16.75 16.48
C ASN H 43 -7.79 -15.92 16.75
N GLU H 44 -8.08 -15.66 18.03
CA GLU H 44 -9.27 -14.92 18.43
C GLU H 44 -8.94 -13.60 19.11
N LYS H 45 -7.91 -13.61 19.94
CA LYS H 45 -7.51 -12.44 20.70
C LYS H 45 -6.69 -11.55 19.82
N HIS H 46 -6.83 -10.24 19.99
CA HIS H 46 -6.06 -9.33 19.18
C HIS H 46 -4.98 -8.61 19.97
N ASP H 47 -5.01 -8.76 21.28
CA ASP H 47 -4.14 -8.04 22.18
C ASP H 47 -3.12 -8.83 23.01
N GLU H 48 -2.73 -10.03 22.60
CA GLU H 48 -1.77 -10.80 23.38
C GLU H 48 -0.34 -10.76 22.82
N GLU H 49 0.60 -10.21 23.58
CA GLU H 49 1.98 -10.11 23.11
C GLU H 49 2.62 -11.47 22.85
N PHE H 50 2.25 -12.48 23.61
CA PHE H 50 2.83 -13.80 23.36
C PHE H 50 2.52 -14.30 21.95
N CYS H 51 1.24 -14.22 21.54
CA CYS H 51 0.72 -14.65 20.25
C CYS H 51 1.34 -13.79 19.16
N ASP H 52 1.57 -12.54 19.49
CA ASP H 52 2.17 -11.64 18.55
C ASP H 52 3.58 -12.14 18.22
N MET H 53 4.32 -12.54 19.26
CA MET H 53 5.64 -13.06 19.00
C MET H 53 5.56 -14.39 18.26
N LEU H 54 4.57 -15.22 18.54
CA LEU H 54 4.55 -16.49 17.87
C LEU H 54 4.38 -16.30 16.38
N ARG H 55 3.59 -15.32 15.97
CA ARG H 55 3.44 -15.10 14.56
C ARG H 55 4.77 -14.74 13.93
N LEU H 56 5.59 -13.94 14.61
CA LEU H 56 6.89 -13.62 14.02
C LEU H 56 7.72 -14.89 13.91
N PHE H 57 7.63 -15.76 14.90
CA PHE H 57 8.41 -16.98 14.83
C PHE H 57 7.95 -17.88 13.69
N ASP H 58 6.63 -18.00 13.44
CA ASP H 58 6.23 -18.84 12.32
C ASP H 58 6.65 -18.24 11.03
N PHE H 59 6.57 -16.93 10.92
CA PHE H 59 6.96 -16.29 9.69
C PHE H 59 8.40 -16.58 9.42
N ASN H 60 9.24 -16.39 10.42
CA ASN H 60 10.65 -16.61 10.27
C ASN H 60 10.90 -18.03 9.82
N LYS H 61 10.25 -18.99 10.48
CA LYS H 61 10.45 -20.37 10.11
C LYS H 61 10.08 -20.64 8.66
N GLN H 62 8.94 -20.12 8.22
CA GLN H 62 8.54 -20.39 6.86
C GLN H 62 9.40 -19.68 5.86
N ALA H 63 9.80 -18.45 6.14
CA ALA H 63 10.61 -17.75 5.19
C ALA H 63 11.95 -18.43 5.03
N ILE H 64 12.50 -18.94 6.12
CA ILE H 64 13.78 -19.60 6.03
C ILE H 64 13.67 -20.88 5.23
N GLN H 65 12.63 -21.68 5.48
CA GLN H 65 12.49 -22.92 4.76
C GLN H 65 12.16 -22.76 3.28
N ARG H 66 11.35 -21.76 2.93
CA ARG H 66 10.88 -21.65 1.56
C ARG H 66 11.57 -20.64 0.63
N LEU H 67 12.20 -19.61 1.19
CA LEU H 67 12.76 -18.54 0.32
C LEU H 67 14.28 -18.43 0.51
N LYS H 68 15.01 -18.10 -0.56
CA LYS H 68 16.45 -17.89 -0.43
C LYS H 68 16.68 -16.39 -0.39
N ALA H 69 17.78 -15.91 0.18
CA ALA H 69 17.96 -14.46 0.20
C ALA H 69 19.39 -14.02 -0.16
N PRO H 70 19.53 -12.90 -0.93
CA PRO H 70 20.83 -12.39 -1.39
C PRO H 70 21.57 -11.53 -0.35
N ALA H 71 21.99 -12.14 0.74
CA ALA H 71 22.77 -11.49 1.84
C ALA H 71 21.98 -10.55 2.76
N GLN H 72 21.07 -9.76 2.21
CA GLN H 72 20.26 -8.76 2.93
C GLN H 72 19.24 -9.40 3.86
N MET H 73 19.01 -10.67 3.64
CA MET H 73 18.09 -11.50 4.39
C MET H 73 16.66 -11.02 4.34
N SER H 74 16.24 -10.56 3.16
CA SER H 74 14.89 -10.12 2.87
C SER H 74 14.24 -9.13 3.82
N ILE H 75 14.95 -8.04 4.13
CA ILE H 75 14.35 -7.05 5.00
C ILE H 75 13.10 -6.47 4.34
N GLN H 76 13.10 -6.43 3.01
CA GLN H 76 11.98 -5.94 2.25
C GLN H 76 10.76 -6.83 2.40
N LEU H 77 10.95 -8.08 2.80
CA LEU H 77 9.78 -8.91 2.93
C LEU H 77 9.13 -8.64 4.27
N ILE H 78 9.95 -8.49 5.32
CA ILE H 78 9.35 -8.23 6.64
C ILE H 78 8.68 -6.89 6.66
N ASN H 79 9.20 -5.95 5.90
CA ASN H 79 8.59 -4.64 5.91
C ASN H 79 7.15 -4.69 5.41
N LYS H 80 6.78 -5.75 4.69
CA LYS H 80 5.43 -5.89 4.22
C LYS H 80 4.68 -6.81 5.16
N ALA H 81 5.32 -7.94 5.50
CA ALA H 81 4.73 -8.99 6.29
C ALA H 81 4.36 -8.56 7.71
N VAL H 82 5.11 -7.62 8.24
CA VAL H 82 4.92 -7.14 9.59
C VAL H 82 3.50 -6.73 9.90
N ASN H 83 2.73 -6.24 8.94
CA ASN H 83 1.41 -5.83 9.37
C ASN H 83 0.44 -7.00 9.51
N ALA H 84 0.73 -8.14 8.88
CA ALA H 84 -0.14 -9.31 8.98
C ALA H 84 0.25 -10.13 10.19
N LEU H 85 1.52 -10.00 10.56
CA LEU H 85 2.10 -10.76 11.64
C LEU H 85 1.98 -10.16 13.02
N ILE H 86 2.12 -8.85 13.16
CA ILE H 86 2.05 -8.31 14.52
C ILE H 86 1.08 -7.20 14.68
N ASN H 87 0.70 -6.98 15.91
CA ASN H 87 -0.15 -5.89 16.29
C ASN H 87 0.76 -4.76 16.72
N ASP H 88 0.99 -3.83 15.80
CA ASP H 88 1.91 -2.69 16.07
C ASP H 88 1.39 -1.88 17.26
N GLN H 89 0.08 -1.96 17.54
CA GLN H 89 -0.44 -1.15 18.58
C GLN H 89 -0.16 -1.77 19.92
N LEU H 90 0.25 -3.04 19.96
CA LEU H 90 0.64 -3.56 21.25
C LEU H 90 1.94 -2.91 21.52
N ILE H 91 2.71 -2.72 20.46
CA ILE H 91 3.98 -2.08 20.67
C ILE H 91 3.73 -0.66 21.13
N MET H 92 2.81 0.06 20.47
CA MET H 92 2.60 1.43 20.91
C MET H 92 2.06 1.49 22.31
N LYS H 93 1.21 0.56 22.70
CA LYS H 93 0.68 0.55 24.05
C LYS H 93 1.78 0.39 25.06
N ASN H 94 2.69 -0.55 24.81
CA ASN H 94 3.75 -0.79 25.77
C ASN H 94 4.69 0.39 25.79
N HIS H 95 4.86 1.03 24.64
CA HIS H 95 5.68 2.21 24.56
C HIS H 95 5.06 3.33 25.38
N LEU H 96 3.77 3.57 25.25
CA LEU H 96 3.15 4.65 26.01
C LEU H 96 3.24 4.38 27.49
N ARG H 97 3.08 3.13 27.89
CA ARG H 97 3.16 2.79 29.30
C ARG H 97 4.57 3.01 29.81
N ASP H 98 5.57 2.81 28.95
CA ASP H 98 6.98 3.05 29.27
C ASP H 98 7.28 4.54 29.35
N ILE H 99 6.60 5.36 28.54
CA ILE H 99 6.81 6.82 28.61
C ILE H 99 6.35 7.29 29.96
N MET H 100 5.18 6.84 30.34
CA MET H 100 4.59 7.12 31.62
C MET H 100 5.32 6.15 32.54
N CYS H 101 5.31 6.32 33.87
CA CYS H 101 5.98 5.33 34.76
C CYS H 101 4.99 4.20 35.08
N ILE H 102 4.64 3.43 34.05
CA ILE H 102 3.67 2.37 34.14
C ILE H 102 4.30 1.03 33.70
N PRO H 103 4.19 -0.07 34.46
CA PRO H 103 4.71 -1.36 34.07
C PRO H 103 4.19 -1.76 32.71
N TYR H 104 5.04 -2.37 31.91
CA TYR H 104 4.65 -2.70 30.54
C TYR H 104 5.30 -3.97 30.05
N CYS H 105 4.79 -4.54 28.93
CA CYS H 105 5.34 -5.77 28.35
C CYS H 105 6.65 -5.50 27.63
N ASN H 106 7.63 -6.26 28.04
CA ASN H 106 8.97 -6.21 27.46
C ASN H 106 9.22 -7.32 26.42
N TYR H 107 8.18 -8.10 26.03
CA TYR H 107 8.17 -9.20 25.03
C TYR H 107 9.02 -10.43 25.33
N SER H 108 10.14 -10.26 26.00
CA SER H 108 11.05 -11.33 26.30
C SER H 108 10.64 -12.35 27.36
N LYS H 109 9.77 -12.01 28.32
CA LYS H 109 9.46 -12.98 29.39
C LYS H 109 7.96 -13.18 29.63
N TYR H 110 7.57 -14.44 29.92
CA TYR H 110 6.16 -14.81 30.12
C TYR H 110 5.85 -15.68 31.36
N TRP H 111 4.61 -15.55 31.90
CA TRP H 111 4.10 -16.28 33.09
C TRP H 111 3.92 -17.79 32.97
N TYR H 112 3.45 -18.23 31.82
CA TYR H 112 3.20 -19.63 31.56
C TYR H 112 2.48 -20.30 32.73
N LEU H 113 1.30 -19.82 33.10
CA LEU H 113 0.69 -20.48 34.25
C LEU H 113 0.35 -21.92 33.86
N ASN H 114 0.87 -22.90 34.64
CA ASN H 114 0.73 -24.34 34.44
C ASN H 114 -0.35 -24.92 35.37
N HIS H 115 -0.62 -26.25 35.25
CA HIS H 115 -1.58 -27.01 36.06
C HIS H 115 -0.93 -28.33 36.47
N THR H 116 -0.78 -28.52 37.78
CA THR H 116 -0.04 -29.69 38.31
C THR H 116 -0.61 -31.05 37.89
N THR H 117 -1.94 -31.21 37.82
CA THR H 117 -2.41 -32.56 37.58
C THR H 117 -2.92 -32.75 36.16
N THR H 118 -3.26 -31.66 35.46
CA THR H 118 -3.78 -31.85 34.11
C THR H 118 -2.73 -31.67 33.04
N GLY H 119 -1.61 -31.01 33.33
CA GLY H 119 -0.63 -30.82 32.27
C GLY H 119 -1.09 -29.79 31.24
N ARG H 120 -1.89 -28.83 31.72
CA ARG H 120 -2.47 -27.81 30.80
C ARG H 120 -2.16 -26.40 31.31
N THR H 121 -1.79 -25.49 30.41
CA THR H 121 -1.39 -24.16 30.79
C THR H 121 -2.34 -23.16 30.20
N SER H 122 -2.20 -21.95 30.67
CA SER H 122 -2.90 -20.81 30.17
C SER H 122 -2.16 -20.37 28.94
N LEU H 123 -2.73 -19.47 28.19
CA LEU H 123 -1.93 -18.83 27.18
C LEU H 123 -1.00 -18.04 28.08
N PRO H 124 0.31 -18.10 27.95
CA PRO H 124 1.18 -17.39 28.82
C PRO H 124 0.98 -15.91 28.64
N LYS H 125 0.94 -15.15 29.72
CA LYS H 125 0.80 -13.69 29.62
C LYS H 125 2.18 -13.10 29.77
N CYS H 126 2.39 -11.89 29.21
CA CYS H 126 3.66 -11.19 29.28
C CYS H 126 3.99 -10.70 30.69
N TRP H 127 5.21 -10.96 31.10
CA TRP H 127 5.70 -10.54 32.38
C TRP H 127 6.01 -9.06 32.23
N LEU H 128 5.50 -8.23 33.11
CA LEU H 128 5.72 -6.81 32.94
C LEU H 128 6.99 -6.37 33.61
N VAL H 129 7.53 -5.28 33.11
CA VAL H 129 8.73 -4.69 33.68
C VAL H 129 8.49 -3.24 34.01
N SER H 130 9.32 -2.72 34.89
CA SER H 130 9.31 -1.31 35.20
C SER H 130 10.62 -0.97 35.86
N ASN H 131 11.06 0.30 35.81
CA ASN H 131 12.22 0.83 36.54
C ASN H 131 13.52 0.02 36.31
N GLY H 132 13.72 -0.51 35.07
CA GLY H 132 14.93 -1.26 34.69
C GLY H 132 14.95 -2.73 35.13
N SER H 133 13.87 -3.24 35.73
CA SER H 133 13.87 -4.63 36.19
C SER H 133 12.51 -5.31 36.05
N TYR H 134 12.49 -6.63 36.26
CA TYR H 134 11.22 -7.39 36.11
C TYR H 134 10.39 -7.25 37.39
N LEU H 135 9.07 -7.14 37.25
CA LEU H 135 8.24 -7.05 38.44
C LEU H 135 8.18 -8.36 39.21
N ASN H 136 8.04 -8.24 40.55
CA ASN H 136 7.78 -9.33 41.49
C ASN H 136 6.32 -9.78 41.32
N GLU H 137 6.04 -11.09 41.53
CA GLU H 137 4.68 -11.68 41.41
C GLU H 137 3.66 -10.99 42.30
N THR H 138 4.10 -10.48 43.42
CA THR H 138 3.22 -9.79 44.33
C THR H 138 2.47 -8.70 43.62
N HIS H 139 3.15 -7.96 42.76
CA HIS H 139 2.60 -6.79 42.12
C HIS H 139 1.58 -7.11 41.06
N PHE H 140 1.53 -8.35 40.59
CA PHE H 140 0.57 -8.72 39.59
C PHE H 140 -0.11 -10.00 40.04
N SER H 141 -0.15 -10.19 41.37
CA SER H 141 -0.77 -11.36 41.95
C SER H 141 -2.21 -11.42 41.53
N ASP H 142 -2.86 -10.26 41.48
CA ASP H 142 -4.30 -10.22 41.12
C ASP H 142 -4.51 -10.84 39.74
N ASP H 143 -3.56 -10.70 38.81
CA ASP H 143 -3.77 -11.19 37.49
C ASP H 143 -3.48 -12.67 37.46
N ILE H 144 -2.60 -13.12 38.35
CA ILE H 144 -2.29 -14.54 38.33
C ILE H 144 -3.50 -15.26 38.88
N GLU H 145 -4.08 -14.72 39.95
CA GLU H 145 -5.25 -15.34 40.54
C GLU H 145 -6.39 -15.32 39.54
N GLN H 146 -6.54 -14.23 38.78
CA GLN H 146 -7.61 -14.20 37.80
C GLN H 146 -7.37 -15.25 36.74
N GLN H 147 -6.13 -15.42 36.32
CA GLN H 147 -5.88 -16.39 35.28
C GLN H 147 -6.13 -17.81 35.78
N ALA H 148 -5.81 -18.08 37.05
CA ALA H 148 -6.09 -19.41 37.59
C ALA H 148 -7.59 -19.67 37.56
N ASP H 149 -8.39 -18.64 37.90
CA ASP H 149 -9.85 -18.79 37.85
C ASP H 149 -10.33 -18.94 36.44
N ASN H 150 -9.65 -18.30 35.49
CA ASN H 150 -10.09 -18.41 34.13
C ASN H 150 -9.88 -19.85 33.69
N MET H 151 -8.76 -20.47 34.07
CA MET H 151 -8.53 -21.86 33.69
C MET H 151 -9.54 -22.79 34.35
N ILE H 152 -9.90 -22.50 35.60
CA ILE H 152 -10.87 -23.33 36.29
C ILE H 152 -12.19 -23.24 35.59
N THR H 153 -12.58 -22.02 35.24
CA THR H 153 -13.85 -21.80 34.60
C THR H 153 -13.89 -22.53 33.28
N GLU H 154 -12.83 -22.45 32.50
CA GLU H 154 -12.85 -23.12 31.22
C GLU H 154 -13.02 -24.62 31.39
N MET H 155 -12.37 -25.21 32.39
CA MET H 155 -12.56 -26.63 32.61
C MET H 155 -13.99 -26.94 33.05
N LEU H 156 -14.57 -26.07 33.87
CA LEU H 156 -15.94 -26.32 34.31
C LEU H 156 -16.89 -26.24 33.14
N GLN H 157 -16.67 -25.30 32.23
CA GLN H 157 -17.57 -25.18 31.11
C GLN H 157 -17.39 -26.34 30.17
N LYS H 158 -16.17 -26.86 30.07
CA LYS H 158 -15.94 -28.03 29.26
C LYS H 158 -16.80 -29.16 29.81
N GLU H 159 -16.79 -29.33 31.14
CA GLU H 159 -17.56 -30.38 31.78
C GLU H 159 -19.06 -30.15 31.63
C1 NAG I . -20.37 -2.07 -13.98
C2 NAG I . -20.91 -3.13 -15.04
C3 NAG I . -22.44 -2.88 -15.22
C4 NAG I . -23.21 -2.98 -13.87
C5 NAG I . -22.60 -1.93 -12.89
C6 NAG I . -23.16 -1.98 -11.47
C7 NAG I . -19.22 -3.49 -16.83
C8 NAG I . -18.69 -3.11 -18.18
N2 NAG I . -20.29 -2.85 -16.34
O3 NAG I . -22.97 -3.86 -16.12
O4 NAG I . -24.56 -2.57 -14.18
O5 NAG I . -21.15 -2.17 -12.74
O6 NAG I . -22.98 -3.24 -10.86
O7 NAG I . -18.66 -4.38 -16.18
C1 NAG I . -25.70 -3.34 -13.58
C2 NAG I . -26.92 -2.33 -13.51
C3 NAG I . -28.13 -3.09 -12.92
C4 NAG I . -28.45 -4.35 -13.81
C5 NAG I . -27.19 -5.29 -13.82
C6 NAG I . -27.37 -6.52 -14.70
C7 NAG I . -26.12 0.01 -13.15
C8 NAG I . -25.69 1.12 -12.23
N2 NAG I . -26.56 -1.17 -12.65
O3 NAG I . -29.25 -2.20 -12.89
O4 NAG I . -29.62 -5.08 -13.32
O5 NAG I . -26.03 -4.53 -14.35
O6 NAG I . -26.22 -7.37 -14.65
O7 NAG I . -26.08 0.19 -14.39
C1 BMA I . -30.97 -4.66 -13.87
C2 BMA I . -31.81 -5.94 -14.20
C3 BMA I . -33.19 -5.48 -14.78
C4 BMA I . -33.92 -4.53 -13.76
C5 BMA I . -32.99 -3.29 -13.47
C6 BMA I . -33.56 -2.35 -12.42
O2 BMA I . -31.98 -6.76 -13.04
O3 BMA I . -34.00 -6.63 -15.03
O4 BMA I . -35.15 -4.11 -14.35
O5 BMA I . -31.69 -3.78 -12.95
O6 BMA I . -34.80 -1.79 -12.83
C1 NAG J . -2.33 -10.27 -26.03
C2 NAG J . -1.20 -10.62 -27.09
C3 NAG J . -1.18 -9.47 -28.13
C4 NAG J . -2.56 -9.35 -28.84
C5 NAG J . -3.68 -9.14 -27.74
C6 NAG J . -5.10 -9.14 -28.30
C7 NAG J . 0.79 -11.87 -26.28
C8 NAG J . 2.03 -11.96 -25.44
N2 NAG J . 0.10 -10.72 -26.39
O3 NAG J . -0.14 -9.70 -29.08
O4 NAG J . -2.44 -8.13 -29.59
O5 NAG J . -3.64 -10.22 -26.71
O6 NAG J . -6.03 -9.37 -27.25
O7 NAG J . 0.41 -12.91 -26.87
C1 NAG J . -2.81 -8.17 -31.01
C2 NAG J . -3.14 -6.75 -31.43
C3 NAG J . -3.69 -6.71 -32.85
C4 NAG J . -2.72 -7.32 -33.84
C5 NAG J . -2.20 -8.66 -33.28
C6 NAG J . -1.03 -9.14 -34.11
C7 NAG J . -3.69 -5.64 -29.34
C8 NAG J . -4.72 -4.86 -28.59
N2 NAG J . -4.09 -6.16 -30.50
O3 NAG J . -3.92 -5.34 -33.23
O4 NAG J . -3.38 -7.51 -35.12
O5 NAG J . -1.78 -8.58 -31.90
O6 NAG J . -0.59 -10.42 -33.63
O7 NAG J . -2.54 -5.77 -28.93
C1 BMA J . -2.83 -6.74 -36.22
C2 BMA J . -2.18 -7.68 -37.24
C3 BMA J . -1.42 -6.83 -38.22
C4 BMA J . -2.42 -5.92 -38.95
C5 BMA J . -3.09 -5.05 -37.86
C6 BMA J . -4.11 -4.13 -38.49
O2 BMA J . -3.25 -8.36 -37.87
O3 BMA J . -0.37 -7.55 -38.96
O4 BMA J . -1.75 -5.09 -39.88
O5 BMA J . -3.76 -5.86 -36.86
O6 BMA J . -3.50 -3.33 -39.49
C1 MAN J . -0.71 -8.40 -40.16
C2 MAN J . -1.07 -9.86 -39.74
C3 MAN J . 0.13 -10.49 -39.04
C4 MAN J . 1.29 -10.46 -40.03
C5 MAN J . 1.57 -9.02 -40.44
C6 MAN J . 2.77 -8.98 -41.38
O2 MAN J . -1.37 -10.60 -40.91
O3 MAN J . -0.19 -11.83 -38.66
O4 MAN J . 2.44 -10.99 -39.38
O5 MAN J . 0.40 -8.41 -41.08
O6 MAN J . 3.97 -9.06 -40.59
C1 MAN J . 5.04 -10.02 -41.08
C2 MAN J . 6.10 -10.26 -39.94
C3 MAN J . 6.91 -8.93 -39.73
C4 MAN J . 7.58 -8.50 -41.08
C5 MAN J . 6.46 -8.30 -42.18
C6 MAN J . 7.04 -7.99 -43.54
O2 MAN J . 6.97 -11.34 -40.24
O3 MAN J . 7.91 -9.14 -38.74
O4 MAN J . 8.35 -7.32 -40.87
O5 MAN J . 5.69 -9.56 -42.32
O6 MAN J . 7.78 -6.76 -43.59
C1 NAG K . -21.62 2.57 -18.41
C2 NAG K . -22.16 2.33 -19.89
C3 NAG K . -23.28 3.38 -20.17
C4 NAG K . -24.43 3.23 -19.11
C5 NAG K . -23.84 3.44 -17.67
C6 NAG K . -24.85 3.20 -16.54
C7 NAG K . -20.25 1.62 -21.39
C8 NAG K . -20.22 0.14 -21.09
N2 NAG K . -21.06 2.57 -20.88
O3 NAG K . -23.80 3.15 -21.49
O4 NAG K . -25.62 4.03 -19.39
O5 NAG K . -22.73 2.47 -17.45
O6 NAG K . -25.53 1.94 -16.67
O7 NAG K . -19.46 2.06 -22.23
C1 NAG K . -25.52 5.54 -19.49
C2 NAG K . -26.39 5.96 -20.74
C3 NAG K . -26.31 7.52 -20.89
C4 NAG K . -26.84 8.20 -19.57
C5 NAG K . -25.94 7.72 -18.37
C6 NAG K . -26.39 8.27 -17.02
C7 NAG K . -26.63 4.62 -22.84
C8 NAG K . -26.00 4.02 -24.06
N2 NAG K . -25.85 5.32 -21.98
O3 NAG K . -27.09 7.92 -22.03
O4 NAG K . -26.80 9.65 -19.72
O5 NAG K . -25.99 6.22 -18.28
O6 NAG K . -25.50 7.90 -15.99
O7 NAG K . -27.84 4.46 -22.65
C1 BMA K . -28.11 10.35 -20.04
C2 BMA K . -27.82 11.48 -21.09
C3 BMA K . -29.15 12.22 -21.41
C4 BMA K . -30.23 11.21 -21.94
C5 BMA K . -30.46 10.10 -20.84
C6 BMA K . -31.42 9.00 -21.30
O2 BMA K . -27.24 10.92 -22.26
O3 BMA K . -28.91 13.21 -22.42
O4 BMA K . -31.44 11.92 -22.21
O5 BMA K . -29.16 9.44 -20.54
O6 BMA K . -32.69 9.52 -21.66
C1 NAG L . 13.90 -10.24 -24.99
C2 NAG L . 13.26 -11.69 -24.98
C3 NAG L . 14.12 -12.59 -24.07
C4 NAG L . 15.60 -12.63 -24.57
C5 NAG L . 16.17 -11.16 -24.61
C6 NAG L . 17.60 -11.07 -25.15
C7 NAG L . 10.79 -11.57 -25.06
C8 NAG L . 9.52 -11.33 -24.33
N2 NAG L . 11.93 -11.58 -24.38
O3 NAG L . 13.57 -13.91 -24.08
O4 NAG L . 16.31 -13.38 -23.57
O5 NAG L . 15.29 -10.34 -25.48
O6 NAG L . 18.16 -9.77 -25.02
O7 NAG L . 10.76 -11.75 -26.29
C1 NAG L . 17.02 -14.59 -24.06
C2 NAG L . 17.73 -15.25 -22.83
C3 NAG L . 18.54 -16.48 -23.35
C4 NAG L . 17.58 -17.49 -24.05
C5 NAG L . 16.85 -16.76 -25.25
C6 NAG L . 15.81 -17.64 -25.94
C7 NAG L . 18.28 -13.51 -21.13
C8 NAG L . 19.21 -12.49 -20.56
N2 NAG L . 18.63 -14.25 -22.20
O3 NAG L . 19.19 -17.12 -22.23
O4 NAG L . 18.39 -18.57 -24.60
O5 NAG L . 16.14 -15.56 -24.73
O6 NAG L . 15.31 -17.03 -27.12
O7 NAG L . 17.17 -13.66 -20.59
C1 BMA L . 18.13 -19.92 -23.99
C2 BMA L . 18.98 -20.96 -24.79
C3 BMA L . 18.71 -22.37 -24.21
C4 BMA L . 19.08 -22.38 -22.70
C5 BMA L . 18.21 -21.30 -21.97
C6 BMA L . 18.48 -21.21 -20.47
O2 BMA L . 20.37 -20.63 -24.72
O3 BMA L . 19.52 -23.34 -24.93
O4 BMA L . 18.80 -23.67 -22.17
O5 BMA L . 18.46 -19.97 -22.58
O6 BMA L . 19.85 -20.89 -20.17
C1 MAN L . 18.75 -24.32 -25.81
C2 MAN L . 19.72 -25.43 -26.37
C3 MAN L . 20.68 -24.79 -27.42
C4 MAN L . 19.85 -24.12 -28.57
C5 MAN L . 18.92 -23.03 -27.94
C6 MAN L . 18.00 -22.36 -28.97
O2 MAN L . 18.96 -26.51 -26.93
O3 MAN L . 21.51 -25.82 -27.98
O4 MAN L . 20.77 -23.54 -29.50
O5 MAN L . 18.04 -23.66 -26.90
O6 MAN L . 17.12 -21.44 -28.34
C1 MAN L . 20.03 -20.29 -18.81
C2 MAN L . 19.85 -18.71 -18.89
C3 MAN L . 21.07 -18.16 -19.70
C4 MAN L . 22.42 -18.55 -19.02
C5 MAN L . 22.49 -20.12 -18.94
C6 MAN L . 23.74 -20.60 -18.20
O2 MAN L . 19.78 -18.14 -17.59
O3 MAN L . 20.95 -16.73 -19.83
O4 MAN L . 23.51 -18.02 -19.78
O5 MAN L . 21.30 -20.64 -18.20
O6 MAN L . 24.95 -20.18 -18.83
C1 NAG M . 10.79 18.47 -19.27
C2 NAG M . 10.55 17.94 -20.75
C3 NAG M . 11.85 18.18 -21.57
C4 NAG M . 12.23 19.72 -21.58
C5 NAG M . 12.37 20.20 -20.08
C6 NAG M . 12.47 21.71 -19.86
C7 NAG M . 8.96 16.01 -20.66
C8 NAG M . 8.65 14.56 -20.37
N2 NAG M . 10.22 16.48 -20.65
O3 NAG M . 11.57 17.72 -22.90
O4 NAG M . 13.53 19.79 -22.27
O5 NAG M . 11.13 19.90 -19.33
O6 NAG M . 12.20 22.07 -18.51
O7 NAG M . 8.00 16.76 -20.91
C1 NAG M . 13.91 21.11 -22.93
C2 NAG M . 15.45 21.35 -22.66
C3 NAG M . 15.84 22.74 -23.29
C4 NAG M . 15.53 22.73 -24.82
C5 NAG M . 14.00 22.43 -25.03
C6 NAG M . 13.60 22.33 -26.51
C7 NAG M . 16.42 20.45 -20.55
C8 NAG M . 16.49 20.49 -19.05
N2 NAG M . 15.70 21.38 -21.20
O3 NAG M . 17.24 22.99 -23.10
O4 NAG M . 15.87 24.01 -25.36
O5 NAG M . 13.65 21.13 -24.38
O6 NAG M . 13.84 23.55 -27.21
O7 NAG M . 17.04 19.56 -21.15
C1 NAG N . 17.24 0.77 -21.00
C2 NAG N . 17.75 1.98 -21.90
C3 NAG N . 18.91 1.47 -22.80
C4 NAG N . 20.07 0.93 -21.89
C5 NAG N . 19.50 -0.23 -21.02
C6 NAG N . 20.53 -0.75 -20.03
C7 NAG N . 15.84 3.49 -22.37
C8 NAG N . 14.73 3.94 -23.25
N2 NAG N . 16.65 2.48 -22.76
O3 NAG N . 19.38 2.55 -23.61
O4 NAG N . 21.15 0.39 -22.70
O5 NAG N . 18.37 0.27 -20.22
O6 NAG N . 21.59 -1.45 -20.68
O7 NAG N . 16.00 4.06 -21.27
C1 NAG N . 22.40 1.21 -22.75
C2 NAG N . 23.57 0.31 -23.31
C3 NAG N . 24.87 1.19 -23.34
C4 NAG N . 24.63 2.46 -24.22
C5 NAG N . 23.44 3.28 -23.60
C6 NAG N . 23.07 4.52 -24.41
C7 NAG N . 23.93 -2.11 -22.87
C8 NAG N . 24.06 -3.24 -21.91
N2 NAG N . 23.75 -0.86 -22.43
O3 NAG N . 25.97 0.44 -23.88
O4 NAG N . 25.84 3.26 -24.24
O5 NAG N . 22.24 2.42 -23.53
O6 NAG N . 22.75 4.22 -25.78
O7 NAG N . 24.00 -2.36 -24.09
C1 BMA N . 26.78 3.05 -25.40
C2 BMA N . 27.04 4.41 -26.08
C3 BMA N . 27.83 4.13 -27.36
C4 BMA N . 29.15 3.48 -26.91
C5 BMA N . 28.81 2.17 -26.18
C6 BMA N . 30.09 1.50 -25.72
O2 BMA N . 27.78 5.23 -25.20
O3 BMA N . 28.06 5.34 -28.14
O4 BMA N . 29.93 3.19 -28.05
O5 BMA N . 28.00 2.41 -25.02
O6 BMA N . 31.02 1.41 -26.79
C1 MAN N . 26.81 5.89 -28.77
C2 MAN N . 26.95 5.96 -30.31
C3 MAN N . 27.99 7.01 -30.69
C4 MAN N . 27.54 8.32 -30.07
C5 MAN N . 27.42 8.18 -28.55
C6 MAN N . 26.99 9.49 -27.95
O2 MAN N . 25.70 6.31 -30.88
O3 MAN N . 27.95 7.17 -32.15
O4 MAN N . 28.47 9.36 -30.36
O5 MAN N . 26.44 7.16 -28.22
O6 MAN N . 27.69 10.56 -28.55
C1 MAN N . 29.17 6.72 -32.93
C2 MAN N . 29.11 7.30 -34.39
C3 MAN N . 27.94 6.60 -35.16
C4 MAN N . 28.15 5.05 -35.17
C5 MAN N . 28.21 4.55 -33.69
C6 MAN N . 28.50 3.05 -33.55
O2 MAN N . 30.35 7.12 -35.06
O3 MAN N . 27.92 7.09 -36.51
O4 MAN N . 27.04 4.46 -35.85
O5 MAN N . 29.31 5.26 -32.96
O6 MAN N . 29.29 2.77 -32.40
C1 NAG O . -5.51 7.71 -24.14
C2 NAG O . -6.55 7.16 -25.19
C3 NAG O . -6.58 8.16 -26.41
C4 NAG O . -6.99 9.59 -25.92
C5 NAG O . -5.93 10.05 -24.86
C6 NAG O . -6.22 11.40 -24.21
C7 NAG O . -6.89 4.92 -26.21
C8 NAG O . -6.38 3.55 -26.57
N2 NAG O . -6.09 5.81 -25.61
O3 NAG O . -7.52 7.72 -27.39
O4 NAG O . -6.93 10.43 -27.10
O5 NAG O . -5.88 9.08 -23.74
O6 NAG O . -7.56 11.53 -23.72
O7 NAG O . -8.07 5.20 -26.48
C1 NAG O . -7.98 11.50 -27.21
C2 NAG O . -7.43 12.59 -28.23
C3 NAG O . -8.51 13.73 -28.32
C4 NAG O . -9.89 13.14 -28.79
C5 NAG O . -10.33 12.03 -27.74
C6 NAG O . -11.62 11.31 -28.12
C7 NAG O . -4.95 12.59 -27.97
C8 NAG O . -3.70 13.15 -27.34
N2 NAG O . -6.14 13.14 -27.70
O3 NAG O . -8.05 14.71 -29.26
O4 NAG O . -10.85 14.22 -28.80
O5 NAG O . -9.27 10.98 -27.65
O6 NAG O . -11.94 10.30 -27.16
O7 NAG O . -4.84 11.62 -28.73
C1 BMA O . -11.71 14.33 -30.04
C2 BMA O . -12.95 15.25 -29.71
C3 BMA O . -13.84 15.36 -30.97
C4 BMA O . -13.00 15.91 -32.18
C5 BMA O . -11.78 14.95 -32.45
C6 BMA O . -10.85 15.46 -33.54
O2 BMA O . -12.51 16.55 -29.27
O3 BMA O . -14.93 16.26 -30.71
O4 BMA O . -13.85 15.98 -33.33
O5 BMA O . -10.98 14.84 -31.19
O6 BMA O . -9.85 14.50 -33.86
C1 NAG P . -8.11 -17.57 -8.79
C2 NAG P . -8.60 -16.58 -9.93
C3 NAG P . -9.48 -17.42 -10.91
C4 NAG P . -8.67 -18.60 -11.51
C5 NAG P . -8.12 -19.47 -10.33
C6 NAG P . -7.22 -20.62 -10.77
C7 NAG P . -8.89 -14.33 -8.93
C8 NAG P . -9.81 -13.30 -8.35
N2 NAG P . -9.41 -15.48 -9.39
O3 NAG P . -9.93 -16.52 -11.93
O4 NAG P . -9.57 -19.44 -12.28
O5 NAG P . -7.34 -18.66 -9.39
O6 NAG P . -6.13 -20.18 -11.56
O7 NAG P . -7.67 -14.09 -8.99
C1 NAG P . -9.64 -19.19 -13.77
C2 NAG P . -10.08 -20.53 -14.45
C3 NAG P . -10.11 -20.30 -15.99
C4 NAG P . -11.11 -19.13 -16.34
C5 NAG P . -10.63 -17.85 -15.58
C6 NAG P . -11.56 -16.66 -15.76
C7 NAG P . -9.42 -22.70 -13.40
C8 NAG P . -8.36 -23.67 -12.98
N2 NAG P . -9.10 -21.58 -14.07
O3 NAG P . -10.56 -21.52 -16.62
O4 NAG P . -11.00 -18.85 -17.76
O5 NAG P . -10.55 -18.11 -14.12
O6 NAG P . -12.90 -16.94 -15.35
O7 NAG P . -10.59 -22.97 -13.11
C1 BMA P . -12.26 -19.02 -18.59
C2 BMA P . -12.29 -17.91 -19.68
C3 BMA P . -13.60 -18.06 -20.50
C4 BMA P . -13.63 -19.49 -21.13
C5 BMA P . -13.53 -20.55 -20.00
C6 BMA P . -13.44 -21.96 -20.56
O2 BMA P . -11.15 -18.00 -20.53
O3 BMA P . -13.62 -17.07 -21.55
O4 BMA P . -14.85 -19.67 -21.84
O5 BMA P . -12.32 -20.33 -19.20
O6 BMA P . -12.20 -22.16 -21.23
C1 MAN P . -14.89 -16.26 -21.80
C2 MAN P . -15.49 -16.68 -23.21
C3 MAN P . -14.49 -16.20 -24.31
C4 MAN P . -14.27 -14.66 -24.22
C5 MAN P . -13.71 -14.32 -22.78
C6 MAN P . -13.59 -12.81 -22.57
O2 MAN P . -16.78 -16.10 -23.39
O3 MAN P . -15.02 -16.56 -25.59
O4 MAN P . -13.33 -14.28 -25.21
O5 MAN P . -14.66 -14.81 -21.74
O6 MAN P . -12.78 -12.21 -23.59
C1 MAN P . -12.18 -23.40 -22.05
C2 MAN P . -10.70 -23.93 -22.16
C3 MAN P . -9.88 -22.90 -23.00
C4 MAN P . -10.54 -22.72 -24.41
C5 MAN P . -12.02 -22.22 -24.20
C6 MAN P . -12.79 -22.07 -25.52
O2 MAN P . -10.66 -25.24 -22.73
O3 MAN P . -8.54 -23.39 -23.17
O4 MAN P . -9.78 -21.76 -25.16
O5 MAN P . -12.77 -23.20 -23.38
O6 MAN P . -12.15 -21.15 -26.41
C1 NAG Q . -29.16 -25.07 0.77
C2 NAG Q . -29.13 -23.90 -0.31
C3 NAG Q . -30.61 -23.46 -0.59
C4 NAG Q . -31.44 -24.69 -1.08
C5 NAG Q . -31.42 -25.79 0.05
C6 NAG Q . -32.19 -27.06 -0.25
C7 NAG Q . -27.53 -21.98 -0.47
C8 NAG Q . -26.78 -20.81 0.15
N2 NAG Q . -28.36 -22.75 0.26
O3 NAG Q . -30.62 -22.44 -1.59
O4 NAG Q . -32.81 -24.29 -1.37
O5 NAG Q . -30.01 -26.16 0.31
O6 NAG Q . -31.76 -27.71 -1.46
O7 NAG Q . -27.36 -22.21 -1.68
C1 NAG Q . -33.33 -24.73 -2.72
C2 NAG Q . -34.89 -24.68 -2.70
C3 NAG Q . -35.42 -25.14 -4.11
C4 NAG Q . -34.80 -24.23 -5.25
C5 NAG Q . -33.23 -24.33 -5.16
C6 NAG Q . -32.50 -23.45 -6.18
C7 NAG Q . -36.24 -25.31 -0.70
C8 NAG Q . -36.63 -26.36 0.30
N2 NAG Q . -35.38 -25.64 -1.68
O3 NAG Q . -36.85 -25.04 -4.13
O4 NAG Q . -35.24 -24.71 -6.56
O5 NAG Q . -32.78 -23.91 -3.81
O6 NAG Q . -32.61 -23.96 -7.51
O7 NAG Q . -36.69 -24.16 -0.59
C1 BMA Q . -36.44 -24.04 -7.19
C2 BMA Q . -35.99 -22.72 -7.93
C3 BMA Q . -37.25 -22.06 -8.59
C4 BMA Q . -37.94 -23.07 -9.57
C5 BMA Q . -38.33 -24.36 -8.77
C6 BMA Q . -38.92 -25.47 -9.66
O2 BMA Q . -35.00 -23.03 -8.92
O3 BMA Q . -36.86 -20.89 -9.31
O4 BMA Q . -39.09 -22.45 -10.12
O5 BMA Q . -37.12 -24.94 -8.13
O6 BMA Q . -39.10 -26.67 -8.91
C1 NAG R . -9.06 21.51 29.86
C2 NAG R . -10.13 22.58 30.31
C3 NAG R . -9.98 22.81 31.85
C4 NAG R . -10.18 21.47 32.63
C5 NAG R . -9.14 20.43 32.08
C6 NAG R . -9.38 19.00 32.56
C7 NAG R . -10.79 24.39 28.75
C8 NAG R . -10.40 25.50 27.83
N2 NAG R . -9.87 23.80 29.53
O3 NAG R . -10.99 23.75 32.26
O4 NAG R . -9.85 21.80 34.01
O5 NAG R . -9.26 20.29 30.62
O6 NAG R . -8.56 18.08 31.86
O7 NAG R . -11.98 24.04 28.79
C1 NAG R . -10.58 21.09 35.12
C2 NAG R . -9.54 20.89 36.29
C3 NAG R . -10.25 20.18 37.47
C4 NAG R . -11.49 21.04 37.95
C5 NAG R . -12.46 21.21 36.74
C6 NAG R . -13.65 22.11 37.04
C7 NAG R . -7.19 20.47 35.57
C8 NAG R . -6.14 19.50 35.13
N2 NAG R . -8.42 20.03 35.86
O3 NAG R . -9.29 20.00 38.53
O4 NAG R . -12.18 20.35 39.04
O5 NAG R . -11.74 21.84 35.60
O6 NAG R . -13.28 23.50 37.07
O7 NAG R . -6.90 21.67 35.67
C1 BMA R . -11.97 20.93 40.41
C2 BMA R . -12.88 20.17 41.44
C3 BMA R . -12.65 20.76 42.86
C4 BMA R . -11.13 20.66 43.25
C5 BMA R . -10.28 21.43 42.18
C6 BMA R . -8.78 21.32 42.40
O2 BMA R . -12.65 18.76 41.39
O3 BMA R . -13.44 20.03 43.81
O4 BMA R . -10.94 21.23 44.55
O5 BMA R . -10.56 20.86 40.84
O6 BMA R . -8.39 21.87 43.66
C1 NAG S . -7.87 33.63 -7.13
C2 NAG S . -7.11 35.02 -7.16
C3 NAG S . -7.79 35.93 -8.23
C4 NAG S . -7.67 35.25 -9.64
C5 NAG S . -8.37 33.83 -9.56
C6 NAG S . -8.14 32.97 -10.81
C7 NAG S . -6.09 35.52 -4.96
C8 NAG S . -6.12 36.21 -3.64
N2 NAG S . -7.13 35.64 -5.81
O3 NAG S . -7.16 37.22 -8.23
O4 NAG S . -8.37 36.11 -10.59
O5 NAG S . -7.78 33.03 -8.46
O6 NAG S . -6.76 32.65 -11.00
O7 NAG S . -5.10 34.83 -5.26
C1 NAG S . -7.71 36.35 -11.93
C2 NAG S . -8.87 36.59 -12.99
C3 NAG S . -8.19 36.85 -14.38
C4 NAG S . -7.22 38.07 -14.30
C5 NAG S . -6.13 37.76 -13.21
C6 NAG S . -5.17 38.93 -13.01
C7 NAG S . -10.85 35.23 -12.38
C8 NAG S . -11.64 33.95 -12.50
N2 NAG S . -9.73 35.39 -13.09
O3 NAG S . -9.20 37.14 -15.37
O4 NAG S . -6.61 38.27 -15.58
O5 NAG S . -6.79 37.49 -11.90
O6 NAG S . -4.48 39.29 -14.21
O7 NAG S . -11.27 36.12 -11.61
C1 NAG T . -0.44 34.07 16.46
C2 NAG T . 1.05 34.49 16.80
C3 NAG T . 1.06 35.78 17.66
C4 NAG T . 0.34 36.94 16.89
C5 NAG T . -1.13 36.46 16.55
C6 NAG T . -1.91 37.47 15.71
C7 NAG T . 2.82 32.75 17.04
C8 NAG T . 3.40 31.59 17.79
N2 NAG T . 1.71 33.36 17.50
O3 NAG T . 2.45 36.09 17.86
O4 NAG T . 0.25 38.14 17.73
O5 NAG T . -1.08 35.20 15.74
O6 NAG T . -3.31 37.28 15.84
O7 NAG T . 3.37 33.13 16.00
C1 NAG T . 1.48 39.02 17.80
C2 NAG T . 2.09 38.89 19.25
C3 NAG T . 3.35 39.83 19.34
C4 NAG T . 4.38 39.43 18.24
C5 NAG T . 3.70 39.56 16.83
C6 NAG T . 4.61 39.10 15.68
C7 NAG T . 0.84 38.68 21.40
C8 NAG T . -0.23 39.20 22.33
N2 NAG T . 1.07 39.32 20.24
O3 NAG T . 3.96 39.65 20.63
O4 NAG T . 5.51 40.30 18.34
O5 NAG T . 2.49 38.70 16.78
O6 NAG T . 5.78 39.90 15.56
O7 NAG T . 1.49 37.68 21.74
C1 NAG U . -23.31 16.24 17.81
C2 NAG U . -24.66 16.94 17.93
C3 NAG U . -24.64 18.24 18.73
C4 NAG U . -23.89 17.99 20.03
C5 NAG U . -22.48 17.63 19.60
C6 NAG U . -21.52 17.61 20.78
C7 NAG U . -25.86 16.33 15.91
C8 NAG U . -27.32 16.25 16.23
N2 NAG U . -25.17 17.24 16.61
O3 NAG U . -25.99 18.64 18.93
O4 NAG U . -23.79 19.08 20.99
O5 NAG U . -22.52 16.34 19.01
O6 NAG U . -20.18 17.41 20.31
O7 NAG U . -25.33 15.62 15.08
C1 NAG U . -24.38 20.34 20.63
C2 NAG U . -25.66 20.50 21.45
C3 NAG U . -26.33 21.82 21.08
C4 NAG U . -25.35 22.95 21.38
C5 NAG U . -24.02 22.72 20.69
C6 NAG U . -23.04 23.76 21.22
C7 NAG U . -27.80 19.30 21.61
C8 NAG U . -28.81 19.20 20.49
N2 NAG U . -26.53 19.36 21.24
O3 NAG U . -27.52 22.03 21.84
O4 NAG U . -25.87 24.20 20.92
O5 NAG U . -23.51 21.41 20.96
O6 NAG U . -22.81 23.54 22.61
O7 NAG U . -28.14 19.35 22.78
C1 BMA U . -26.33 24.90 22.08
C2 BMA U . -25.78 26.30 22.24
C3 BMA U . -26.16 26.80 23.62
C4 BMA U . -27.66 26.70 23.80
C5 BMA U . -28.09 25.26 23.60
C6 BMA U . -29.60 25.18 23.71
O2 BMA U . -26.32 27.15 21.23
O3 BMA U . -25.76 28.16 23.77
O4 BMA U . -28.02 27.12 25.11
O5 BMA U . -27.74 24.85 22.29
O6 BMA U . -30.08 25.97 22.63
C1 MAN U . -25.07 28.26 25.02
C2 MAN U . -24.88 29.70 25.36
C3 MAN U . -24.19 30.37 24.19
C4 MAN U . -22.85 29.68 23.96
C5 MAN U . -23.00 28.16 23.89
C6 MAN U . -21.63 27.48 23.96
O2 MAN U . -23.99 29.74 26.46
O3 MAN U . -23.98 31.76 24.47
O4 MAN U . -22.28 30.14 22.74
O5 MAN U . -23.77 27.67 24.98
O6 MAN U . -21.00 27.84 25.20
C1 MAN U . -24.59 29.97 27.75
C2 MAN U . -24.06 31.39 28.16
C3 MAN U . -22.50 31.34 28.21
C4 MAN U . -22.03 30.22 29.22
C5 MAN U . -22.62 28.84 28.74
C6 MAN U . -22.29 27.70 29.70
O2 MAN U . -24.61 31.80 29.41
O3 MAN U . -22.00 32.60 28.65
O4 MAN U . -20.61 30.18 29.22
O5 MAN U . -24.11 28.94 28.67
O6 MAN U . -20.88 27.50 29.82
C1 MAN U . -31.33 26.54 23.03
C2 MAN U . -32.22 26.50 21.80
C3 MAN U . -31.61 27.35 20.70
C4 MAN U . -31.46 28.76 21.23
C5 MAN U . -30.62 28.76 22.50
C6 MAN U . -30.57 30.17 23.09
O2 MAN U . -33.53 26.99 22.13
O3 MAN U . -32.44 27.34 19.55
O4 MAN U . -30.82 29.57 20.23
O5 MAN U . -31.16 27.88 23.48
O6 MAN U . -30.38 31.13 22.04
C1 NAG V . -29.33 4.11 35.94
C2 NAG V . -30.23 3.74 37.19
C3 NAG V . -29.96 4.85 38.28
C4 NAG V . -28.44 4.87 38.66
C5 NAG V . -27.56 5.04 37.35
C6 NAG V . -26.05 4.82 37.60
C7 NAG V . -32.36 2.60 36.69
C8 NAG V . -33.68 2.58 35.96
N2 NAG V . -31.64 3.73 36.76
O3 NAG V . -30.76 4.56 39.42
O4 NAG V . -28.27 6.16 39.32
O5 NAG V . -27.91 4.02 36.31
O6 NAG V . -25.61 5.21 38.90
O7 NAG V . -31.97 1.56 37.23
C1 NAG V . -27.94 6.01 40.72
C2 NAG V . -27.15 7.23 41.17
C3 NAG V . -26.78 7.11 42.64
C4 NAG V . -27.99 6.76 43.48
C5 NAG V . -28.75 5.58 42.88
C6 NAG V . -30.00 5.28 43.67
C7 NAG V . -25.69 8.51 39.74
C8 NAG V . -26.14 8.60 38.31
N2 NAG V . -25.96 7.38 40.36
O3 NAG V . -26.22 8.36 43.08
O4 NAG V . -27.57 6.44 44.81
O5 NAG V . -29.10 5.89 41.54
O6 NAG V . -30.84 4.39 42.92
O7 NAG V . -25.09 9.43 40.28
C1 NAG W . 20.26 -16.54 13.06
C2 NAG W . 21.41 -16.96 14.08
C3 NAG W . 21.86 -18.40 13.74
C4 NAG W . 20.66 -19.40 13.86
C5 NAG W . 19.52 -18.90 12.89
C6 NAG W . 18.18 -19.60 13.10
C7 NAG W . 22.99 -15.23 14.89
C8 NAG W . 23.94 -14.11 14.59
N2 NAG W . 22.51 -15.98 13.89
O3 NAG W . 22.87 -18.79 14.67
O4 NAG W . 21.17 -20.66 13.37
O5 NAG W . 19.16 -17.50 13.19
O6 NAG W . 17.14 -18.95 12.37
O7 NAG W . 22.69 -15.45 16.07
C1 NAG W . 20.64 -21.95 13.97
C2 NAG W . 20.59 -23.01 12.80
C3 NAG W . 20.08 -24.36 13.38
C4 NAG W . 21.03 -24.84 14.53
C5 NAG W . 21.05 -23.73 15.65
C6 NAG W . 22.02 -24.03 16.78
C7 NAG W . 20.01 -22.09 10.56
C8 NAG W . 18.95 -21.68 9.56
N2 NAG W . 19.64 -22.58 11.74
O3 NAG W . 20.03 -25.30 12.30
O4 NAG W . 20.53 -26.09 15.10
O5 NAG W . 21.49 -22.43 15.06
O6 NAG W . 23.37 -23.82 16.39
O7 NAG W . 21.20 -21.98 10.23
C1 BMA W . 21.30 -27.34 14.72
C2 BMA W . 20.71 -28.56 15.53
C3 BMA W . 21.50 -29.84 15.12
C4 BMA W . 21.41 -30.06 13.57
C5 BMA W . 22.00 -28.80 12.85
C6 BMA W . 21.88 -28.86 11.33
O2 BMA W . 19.30 -28.68 15.30
O3 BMA W . 20.94 -30.96 15.80
O4 BMA W . 22.16 -31.23 13.23
O5 BMA W . 21.25 -27.59 13.28
O6 BMA W . 22.59 -29.97 10.79
C1 NAG X . 26.86 21.72 16.08
C2 NAG X . 28.20 22.03 15.31
C3 NAG X . 28.97 23.14 16.10
C4 NAG X . 28.08 24.44 16.16
C5 NAG X . 26.72 24.08 16.86
C6 NAG X . 25.69 25.20 16.78
C7 NAG X . 29.00 20.06 14.04
C8 NAG X . 29.86 18.86 13.92
N2 NAG X . 29.02 20.80 15.17
O3 NAG X . 30.23 23.41 15.47
O4 NAG X . 28.82 25.42 16.96
O5 NAG X . 26.07 22.95 16.15
O6 NAG X . 25.30 25.51 15.44
O7 NAG X . 28.24 20.37 13.10
C1 NAG X . 28.85 26.85 16.46
C2 NAG X . 28.98 27.80 17.72
C3 NAG X . 29.00 29.29 17.21
C4 NAG X . 30.18 29.49 16.22
C5 NAG X . 30.02 28.50 15.01
C6 NAG X . 31.17 28.58 14.03
C7 NAG X . 27.77 26.76 19.64
C8 NAG X . 26.51 26.61 20.45
N2 NAG X . 27.80 27.62 18.60
O3 NAG X . 29.17 30.17 18.32
O4 NAG X . 30.19 30.84 15.77
O5 NAG X . 29.95 27.09 15.52
O6 NAG X . 31.33 29.89 13.48
O7 NAG X . 28.76 26.10 19.96
C1 NAG Y . 30.51 -0.55 5.95
C2 NAG Y . 30.93 -0.66 4.43
C3 NAG Y . 32.32 -1.31 4.30
C4 NAG Y . 33.39 -0.47 5.10
C5 NAG Y . 32.90 -0.36 6.59
C6 NAG Y . 33.81 0.52 7.46
C7 NAG Y . 29.20 -0.95 2.65
C8 NAG Y . 28.14 -1.79 1.99
N2 NAG Y . 29.90 -1.44 3.71
O3 NAG Y . 32.63 -1.30 2.88
O4 NAG Y . 34.69 -1.12 5.07
O5 NAG Y . 31.53 0.25 6.66
O6 NAG Y . 33.68 0.20 8.84
O7 NAG Y . 29.40 0.19 2.22
C1 NAG Y . 35.54 -0.92 3.83
C2 NAG Y . 35.61 -2.30 3.06
C3 NAG Y . 36.52 -2.10 1.79
C4 NAG Y . 35.94 -0.96 0.90
C5 NAG Y . 35.89 0.37 1.73
C6 NAG Y . 35.23 1.53 0.97
C7 NAG Y . 35.76 -4.58 4.05
C8 NAG Y . 36.43 -5.54 4.99
N2 NAG Y . 36.21 -3.32 3.96
O3 NAG Y . 36.51 -3.33 1.04
O4 NAG Y . 36.78 -0.80 -0.25
O5 NAG Y . 35.05 0.15 2.95
O6 NAG Y . 35.99 1.90 -0.19
O7 NAG Y . 34.79 -4.98 3.38
C1 NAG Z . 13.69 -7.11 28.71
C2 NAG Z . 14.36 -7.23 30.09
C3 NAG Z . 15.76 -7.81 30.05
C4 NAG Z . 15.69 -9.11 29.25
C5 NAG Z . 15.32 -8.68 27.84
C6 NAG Z . 15.48 -9.83 26.86
C7 NAG Z . 13.66 -5.64 31.78
C8 NAG Z . 13.39 -4.20 32.02
N2 NAG Z . 14.42 -5.93 30.73
O3 NAG Z . 16.17 -8.00 31.40
O4 NAG Z . 16.87 -9.94 29.21
O5 NAG Z . 13.97 -8.23 27.85
O6 NAG Z . 15.23 -9.36 25.53
O7 NAG Z . 13.22 -6.52 32.52
C1 NAG Z . 18.10 -9.36 29.69
C2 NAG Z . 18.50 -10.11 30.95
C3 NAG Z . 19.82 -9.58 31.48
C4 NAG Z . 20.86 -9.77 30.38
C5 NAG Z . 20.42 -9.08 29.10
C6 NAG Z . 21.43 -9.41 28.00
C7 NAG Z . 17.57 -10.29 33.22
C8 NAG Z . 17.23 -9.19 34.18
N2 NAG Z . 17.43 -10.00 31.94
O3 NAG Z . 20.25 -10.28 32.65
O4 NAG Z . 22.13 -9.24 30.80
O5 NAG Z . 19.12 -9.52 28.70
O6 NAG Z . 21.42 -10.82 27.76
O7 NAG Z . 17.96 -11.39 33.60
C1 BMA Z . 22.96 -10.37 31.09
C2 BMA Z . 24.35 -10.25 30.50
C3 BMA Z . 25.04 -11.58 30.72
C4 BMA Z . 25.01 -11.95 32.19
C5 BMA Z . 23.58 -12.01 32.67
C6 BMA Z . 23.56 -12.30 34.14
O2 BMA Z . 25.05 -9.20 31.17
O3 BMA Z . 26.40 -11.48 30.30
O4 BMA Z . 25.63 -13.21 32.39
O5 BMA Z . 22.97 -10.74 32.45
O6 BMA Z . 24.19 -11.18 34.74
C1 MAN Z . 26.66 -12.63 29.46
C2 MAN Z . 28.14 -12.71 29.21
C3 MAN Z . 28.60 -11.39 28.63
C4 MAN Z . 27.83 -11.13 27.33
C5 MAN Z . 26.32 -11.29 27.54
C6 MAN Z . 25.58 -11.28 26.21
O2 MAN Z . 28.31 -13.69 28.20
O3 MAN Z . 29.99 -11.44 28.34
O4 MAN Z . 28.10 -9.80 26.88
O5 MAN Z . 26.02 -12.52 28.19
O6 MAN Z . 26.04 -12.38 25.41
C1 MAN Z . 28.73 -15.00 28.66
C2 MAN Z . 30.19 -15.13 28.06
C3 MAN Z . 30.10 -15.02 26.51
C4 MAN Z . 29.13 -16.10 25.94
C5 MAN Z . 27.71 -15.92 26.59
C6 MAN Z . 26.71 -16.98 26.16
O2 MAN Z . 30.79 -16.36 28.46
O3 MAN Z . 31.41 -15.20 25.95
O4 MAN Z . 29.05 -15.96 24.53
O5 MAN Z . 27.84 -16.00 28.08
O6 MAN Z . 26.49 -16.98 24.76
C1 MAN Z . 24.85 -11.63 35.93
C2 MAN Z . 24.64 -10.53 36.97
C3 MAN Z . 25.31 -9.26 36.47
C4 MAN Z . 26.78 -9.55 36.24
C5 MAN Z . 26.96 -10.70 35.26
C6 MAN Z . 28.42 -11.07 35.13
O2 MAN Z . 25.22 -10.93 38.21
O3 MAN Z . 25.16 -8.22 37.43
O4 MAN Z . 27.42 -8.38 35.73
O5 MAN Z . 26.23 -11.86 35.70
O6 MAN Z . 29.22 -9.88 35.05
C1 NAG AA . 4.47 -27.38 32.66
C2 NAG AA . 4.32 -28.77 33.41
C3 NAG AA . 5.55 -29.64 33.01
C4 NAG AA . 5.60 -29.84 31.45
C5 NAG AA . 5.55 -28.43 30.72
C6 NAG AA . 5.33 -28.54 29.20
C7 NAG AA . 3.17 -28.69 35.61
C8 NAG AA . 3.08 -28.12 36.99
N2 NAG AA . 4.28 -28.50 34.87
O3 NAG AA . 5.47 -30.91 33.67
O4 NAG AA . 6.97 -30.29 31.19
O5 NAG AA . 4.41 -27.59 31.21
O6 NAG AA . 5.89 -29.70 28.61
O7 NAG AA . 2.21 -29.33 35.16
C1 NAG AA . 7.01 -31.64 30.71
C2 NAG AA . 8.26 -31.81 29.85
C3 NAG AA . 8.35 -33.23 29.32
C4 NAG AA . 8.15 -34.25 30.42
C5 NAG AA . 6.93 -33.92 31.26
C6 NAG AA . 6.77 -34.89 32.42
C7 NAG AA . 9.28 -30.05 28.55
C8 NAG AA . 9.16 -28.69 29.18
N2 NAG AA . 8.26 -30.87 28.76
O3 NAG AA . 9.63 -33.42 28.69
O4 NAG AA . 8.01 -35.56 29.85
O5 NAG AA . 7.04 -32.59 31.77
O6 NAG AA . 5.80 -34.37 33.34
O7 NAG AA . 10.25 -30.38 27.90
C1 NAG BA . 2.96 -27.61 -10.51
C2 NAG BA . 4.04 -28.18 -9.49
C3 NAG BA . 5.14 -28.94 -10.29
C4 NAG BA . 4.49 -30.09 -11.13
C5 NAG BA . 3.43 -29.47 -12.10
C6 NAG BA . 2.67 -30.53 -12.90
C7 NAG BA . 4.39 -26.77 -7.44
C8 NAG BA . 5.00 -25.56 -6.81
N2 NAG BA . 4.66 -27.05 -8.74
O3 NAG BA . 6.11 -29.52 -9.39
O4 NAG BA . 5.52 -30.76 -11.85
O5 NAG BA . 2.41 -28.73 -11.31
O6 NAG BA . 1.69 -29.94 -13.75
O7 NAG BA . 3.64 -27.49 -6.77
C1 NAG CA . -8.65 -33.89 -8.22
C2 NAG CA . -7.19 -33.69 -8.84
C3 NAG CA . -7.23 -34.13 -10.33
C4 NAG CA . -7.67 -35.63 -10.44
C5 NAG CA . -9.09 -35.79 -9.78
C6 NAG CA . -9.58 -37.24 -9.74
C7 NAG CA . -5.96 -31.79 -7.79
C8 NAG CA . -5.79 -30.31 -7.62
N2 NAG CA . -6.82 -32.26 -8.72
O3 NAG CA . -5.91 -34.00 -10.91
O4 NAG CA . -7.71 -36.00 -11.81
O5 NAG CA . -9.05 -35.31 -8.36
O6 NAG CA . -10.85 -37.33 -9.11
O7 NAG CA . -5.30 -32.57 -7.09
C1 NAG DA . -19.90 35.16 12.74
C2 NAG DA . -20.56 36.00 11.55
C3 NAG DA . -19.57 37.14 11.15
C4 NAG DA . -19.27 38.05 12.37
C5 NAG DA . -18.66 37.18 13.51
C6 NAG DA . -18.39 37.99 14.78
C7 NAG DA . -21.94 34.45 10.16
C8 NAG DA . -22.08 33.55 8.97
N2 NAG DA . -20.79 35.12 10.37
O3 NAG DA . -20.17 37.94 10.12
O4 NAG DA . -18.36 39.08 11.99
O5 NAG DA . -19.61 36.07 13.87
O6 NAG DA . -17.44 39.03 14.55
O7 NAG DA . -22.91 34.58 10.92
C1 NAG EA . -5.57 28.58 31.37
C2 NAG EA . -6.37 27.86 32.55
C3 NAG EA . -5.58 28.08 33.88
C4 NAG EA . -4.13 27.51 33.75
C5 NAG EA . -3.41 28.23 32.56
C6 NAG EA . -2.01 27.69 32.30
C7 NAG EA . -8.87 28.12 32.12
C8 NAG EA . -9.11 26.94 31.20
N2 NAG EA . -7.72 28.51 32.70
O3 NAG EA . -6.25 27.40 34.96
O4 NAG EA . -3.43 27.75 34.98
O5 NAG EA . -4.20 28.03 31.31
O6 NAG EA . -1.15 27.87 33.43
O7 NAG EA . -9.85 28.82 32.40
C1 NAG FA . -19.06 35.31 -4.06
C2 NAG FA . -20.60 35.12 -3.68
C3 NAG FA . -21.29 34.28 -4.82
C4 NAG FA . -21.13 35.00 -6.19
C5 NAG FA . -19.61 35.19 -6.50
C6 NAG FA . -19.35 35.95 -7.80
C7 NAG FA . -20.92 34.86 -1.23
C8 NAG FA . -20.87 33.96 -0.03
N2 NAG FA . -20.68 34.34 -2.43
O3 NAG FA . -22.69 34.13 -4.53
O4 NAG FA . -21.76 34.20 -7.19
O5 NAG FA . -18.97 35.97 -5.38
O6 NAG FA . -17.97 35.95 -8.12
O7 NAG FA . -21.17 36.06 -1.07
C1 NAG GA . 9.66 34.12 -0.89
C2 NAG GA . 9.25 35.66 -0.78
C3 NAG GA . 9.62 36.38 -2.11
C4 NAG GA . 11.16 36.24 -2.37
C5 NAG GA . 11.53 34.72 -2.43
C6 NAG GA . 13.03 34.48 -2.59
C7 NAG GA . 7.20 36.03 0.57
C8 NAG GA . 5.70 36.03 0.67
N2 NAG GA . 7.78 35.74 -0.58
O3 NAG GA . 9.29 37.77 -2.03
O4 NAG GA . 11.47 36.89 -3.60
O5 NAG GA . 11.11 34.06 -1.16
O6 NAG GA . 13.32 33.09 -2.50
O7 NAG GA . 7.86 36.32 1.59
C1 NAG HA . -32.68 17.92 5.66
C2 NAG HA . -33.59 16.95 4.77
C3 NAG HA . -34.41 17.83 3.77
C4 NAG HA . -35.29 18.84 4.57
C5 NAG HA . -34.36 19.75 5.46
C6 NAG HA . -35.14 20.71 6.36
C7 NAG HA . -32.60 14.69 4.33
C8 NAG HA . -31.60 13.81 3.63
N2 NAG HA . -32.69 16.01 4.04
O3 NAG HA . -35.27 16.99 2.99
O4 NAG HA . -36.03 19.64 3.65
O5 NAG HA . -33.55 18.90 6.36
O6 NAG HA . -34.27 21.44 7.22
O7 NAG HA . -33.34 14.15 5.18
C1 NAG IA . -39.86 13.28 17.77
C2 NAG IA . -40.55 13.62 16.36
C3 NAG IA . -41.19 15.05 16.46
C4 NAG IA . -42.25 15.06 17.61
C5 NAG IA . -41.54 14.68 18.96
C6 NAG IA . -42.51 14.57 20.14
C7 NAG IA . -39.54 12.77 14.24
C8 NAG IA . -38.39 12.74 13.29
N2 NAG IA . -39.50 13.61 15.30
O3 NAG IA . -41.84 15.38 15.22
O4 NAG IA . -42.80 16.38 17.70
O5 NAG IA . -40.88 13.34 18.83
O6 NAG IA . -41.86 14.15 21.32
O7 NAG IA . -40.52 12.03 14.03
C1 NAG JA . 31.57 1.05 25.70
C2 NAG JA . 32.25 2.27 26.48
C3 NAG JA . 33.29 2.95 25.53
C4 NAG JA . 34.36 1.91 25.09
C5 NAG JA . 33.64 0.72 24.35
C6 NAG JA . 34.63 -0.36 23.93
C7 NAG JA . 30.56 3.25 28.03
C8 NAG JA . 29.49 4.26 28.31
N2 NAG JA . 31.21 3.27 26.85
O3 NAG JA . 33.95 4.00 26.24
O4 NAG JA . 35.30 2.54 24.21
O5 NAG JA . 32.63 0.11 25.27
O6 NAG JA . 35.60 0.12 23.00
O7 NAG JA . 30.82 2.40 28.90
C1 NAG KA . 27.37 -16.59 9.36
C2 NAG KA . 26.87 -17.96 10.03
C3 NAG KA . 27.25 -19.13 9.07
C4 NAG KA . 26.62 -18.92 7.65
C5 NAG KA . 27.15 -17.56 7.08
C6 NAG KA . 26.53 -17.22 5.71
C7 NAG KA . 27.11 -17.78 12.55
C8 NAG KA . 25.83 -17.06 12.91
N2 NAG KA . 27.56 -18.16 11.34
O3 NAG KA . 26.75 -20.36 9.62
O4 NAG KA . 27.02 -20.01 6.81
O5 NAG KA . 26.79 -16.46 8.00
O6 NAG KA . 26.85 -18.21 4.74
O7 NAG KA . 27.88 -18.05 13.48
C1 NAG LA . 29.26 17.68 26.82
C2 NAG LA . 29.17 17.10 28.30
C3 NAG LA . 28.20 18.01 29.13
C4 NAG LA . 28.71 19.49 29.13
C5 NAG LA . 28.80 19.99 27.65
C6 NAG LA . 29.36 21.40 27.53
C7 NAG LA . 29.28 14.62 28.33
C8 NAG LA . 28.56 13.31 28.16
N2 NAG LA . 28.58 15.75 28.24
O3 NAG LA . 28.13 17.54 30.48
O4 NAG LA . 27.78 20.28 29.88
O5 NAG LA . 29.72 19.08 26.87
O6 NAG LA . 29.29 21.88 26.19
O7 NAG LA . 30.50 14.61 28.56
C1 NAG MA . 27.78 17.66 -2.06
C2 NAG MA . 29.32 17.72 -1.67
C3 NAG MA . 29.84 19.19 -1.91
C4 NAG MA . 29.62 19.60 -3.40
C5 NAG MA . 28.10 19.47 -3.74
C6 NAG MA . 27.79 19.76 -5.21
C7 NAG MA . 29.95 16.22 0.19
C8 NAG MA . 30.00 15.95 1.68
N2 NAG MA . 29.47 17.38 -0.24
O3 NAG MA . 31.23 19.27 -1.60
O4 NAG MA . 30.08 20.94 -3.57
O5 NAG MA . 27.64 18.08 -3.47
O6 NAG MA . 26.42 19.51 -5.51
O7 NAG MA . 30.35 15.33 -0.59
C1 NAG NA . 13.84 4.01 39.39
C2 NAG NA . 12.77 4.64 40.40
C3 NAG NA . 13.53 5.66 41.32
C4 NAG NA . 14.67 4.92 42.10
C5 NAG NA . 15.66 4.28 41.06
C6 NAG NA . 16.76 3.46 41.72
C7 NAG NA . 10.44 4.85 39.50
C8 NAG NA . 9.45 5.53 38.59
N2 NAG NA . 11.71 5.32 39.60
O3 NAG NA . 12.60 6.21 42.28
O4 NAG NA . 15.34 5.86 42.93
O5 NAG NA . 14.92 3.36 40.16
O6 NAG NA . 17.59 2.83 40.74
O7 NAG NA . 10.06 3.86 40.13
C1 NAG OA . 11.20 -9.38 45.15
C2 NAG OA . 11.35 -8.03 46.00
C3 NAG OA . 12.80 -7.99 46.61
C4 NAG OA . 13.00 -9.24 47.52
C5 NAG OA . 12.80 -10.54 46.66
C6 NAG OA . 12.88 -11.82 47.50
C7 NAG OA . 10.18 -5.96 45.26
C8 NAG OA . 9.98 -4.90 44.21
N2 NAG OA . 11.15 -6.87 45.08
O3 NAG OA . 12.96 -6.80 47.40
O4 NAG OA . 14.34 -9.19 48.04
O5 NAG OA . 11.44 -10.53 46.04
O6 NAG OA . 12.62 -12.98 46.71
O7 NAG OA . 9.44 -5.98 46.25
#